data_5SWG
#
_entry.id   5SWG
#
_cell.length_a   114.508
_cell.length_b   116.678
_cell.length_c   149.457
_cell.angle_alpha   90.000
_cell.angle_beta   90.000
_cell.angle_gamma   90.000
#
_symmetry.space_group_name_H-M   'P 21 21 21'
#
loop_
_entity.id
_entity.type
_entity.pdbx_description
1 polymer 'Phosphatidylinositol 4,5-bisphosphate 3-kinase catalytic subunit alpha isoform'
2 polymer 'Phosphatidylinositol 3-kinase regulatory subunit alpha'
3 non-polymer 1H-benzimidazol-2-amine
4 non-polymer CATECHOL
#
loop_
_entity_poly.entity_id
_entity_poly.type
_entity_poly.pdbx_seq_one_letter_code
_entity_poly.pdbx_strand_id
1 'polypeptide(L)'
;MSYYHHHHHHDYDIPTTENLYFQGAMGSMPPRPSSGELWGIHLMPPRILVECLLPNGMIVTLECLREATLITIKHELFKE
ARKYPLHQLLQDESSYIFVSVTQEAEREEFFDETRRLCDLRLFQPFLKVIEPVGNREEKILNREIGFAIGMPVCEFDMVK
DPEVQDFRRNILNVCKEAVDLRDLNSPHSRAMYVYPPNVESSPELPKHIYNKLDKGQIIVVIWVIVSPNNDKQKYTLKIN
HDCVPEQVIAEAIRKKTRSMLLSSEQLKLCVLEYQGKYILKVCGCDEYFLEKYPLSQYKYIRSCIMLGRMPNLMLMAKES
LYSQLPMDCFTMPSYSRRISTATPYMNGETSTKSLWVINSALRIKILCATYVNVNIRDIDKIYVRTGIYHGGEPLCDNVN
TQRVPCSNPRWNEWLNYDIYIPDLPRAARLCLSICSVKGRKGAKEEHCPLAWGNINLFDYTDTLVSGKMALNLWPVPHGL
EDLLNPIGVTGSNPNKETPCLELEFDWFSSVVKFPDMSVIEEHANWSVSREAGFSYSHAGLSNRLARDNELRENDKEQLK
AISTRDPLSEITEQEKDFLWSHRHYCVTIPEILPKLLLSVKWNSRDEVAQMYCLVKDWPPIKPEQAMELLDCNYPDPMVR
GFAVRCLEKYLTDDKLSQYLIQLVQVLKYEQYLDNLLVRFLLKKALTNQRIGHFFFWHLKSEMHNKTVSQRFGLLLESYC
RACGMYLKHLNRQVEAMEKLINLTDILKQEKKDETQKVQMKFLVEQMRRPDFMDALQGFLSPLNPAHQLGNLRLEECRIM
SSAKRPLWLNWENPDIM(SEP)ELLFQNNEIIFKNGDDLRQDMLTLQIIRIMENIWQNQGLDLRMLPYGCLSIGDCVGLI
EVVRNSHTIMQIQCKGGLKGALQFNSHTLHQWLKDKNKGEIYDAAIDLFTRSCAGYCVATFILGIGDRHNSNIMVKDDGQ
LFHIDFGHFLDHKKKKFGYKRERVPFVLTQDFLIVISKGAQECTKTREFERFQEMCYKAYLAIRQHANLFINLFSMMLGS
GMPELQSFDDIAYIRKTLALDKTEQEALEYFMKQMNDAHHGGWTTKMDWIFHTIKQHALN
;
A
2 'polypeptide(L)'
;MNNNMSLQDAEWYWGDISREEVNEKLRDTADGTFLVRDASTKMHGDYTLTLRKGGNNKLIKIFHRDGKYGFSDPLTFSSV
VELINHYRNESLAQYNPKLDVKLLYPVSKYQQDQVVKEDNIEAVGKKLHEYNTQFQEKSREYDRLYEEYTRTSQEIQMKR
TAIEAFNETIKIFEEQCQTQERYSKEYIEKFKREGNEKEIQRIMHNYDKLKSRISEIIDSRRRLEEDLKKQAAEYREIDK
RMNSIKPDLIQLRKTRDQYLMWLTQKGVRQKKLNEWLGN
;
B
#
loop_
_chem_comp.id
_chem_comp.type
_chem_comp.name
_chem_comp.formula
AX7 non-polymer 1H-benzimidazol-2-amine 'C7 H7 N3'
CAQ non-polymer CATECHOL 'C6 H6 O2'
#
# COMPACT_ATOMS: atom_id res chain seq x y z
N SER A 2 41.48 21.03 -26.19
CA SER A 2 41.45 21.97 -25.02
C SER A 2 40.31 21.70 -24.07
N TYR A 3 39.16 21.25 -24.58
CA TYR A 3 37.96 20.95 -23.76
C TYR A 3 38.09 19.72 -22.85
N TYR A 4 38.44 18.57 -23.45
CA TYR A 4 38.49 17.28 -22.76
C TYR A 4 39.88 16.63 -22.69
N HIS A 5 40.94 17.43 -22.74
CA HIS A 5 42.34 16.94 -22.87
C HIS A 5 42.50 15.84 -23.95
N HIS A 6 41.74 15.96 -25.03
CA HIS A 6 41.69 14.97 -26.11
C HIS A 6 41.57 13.52 -25.65
N HIS A 7 40.87 13.29 -24.52
CA HIS A 7 40.65 11.95 -23.97
C HIS A 7 39.45 11.31 -24.66
N HIS A 8 39.71 10.29 -25.48
CA HIS A 8 38.65 9.58 -26.20
C HIS A 8 37.93 8.58 -25.30
N HIS A 9 36.60 8.55 -25.40
CA HIS A 9 35.76 7.53 -24.79
C HIS A 9 35.41 6.53 -25.90
N HIS A 10 36.24 5.49 -26.00
CA HIS A 10 36.11 4.50 -27.07
C HIS A 10 34.83 3.70 -26.86
N ASP A 11 34.49 3.48 -25.59
CA ASP A 11 33.29 2.74 -25.17
C ASP A 11 32.02 3.27 -25.84
N TYR A 12 31.79 4.56 -25.67
CA TYR A 12 30.56 5.26 -26.09
C TYR A 12 30.18 5.11 -27.58
N ASP A 13 29.07 4.41 -27.84
CA ASP A 13 28.37 4.42 -29.15
C ASP A 13 27.04 5.17 -29.01
N ILE A 14 26.71 5.98 -30.01
CA ILE A 14 25.45 6.77 -30.01
C ILE A 14 24.20 5.90 -30.24
N PRO A 15 24.31 4.83 -31.05
CA PRO A 15 23.22 3.82 -31.10
C PRO A 15 22.99 3.05 -29.77
N MET A 29 8.79 7.88 -19.41
CA MET A 29 7.80 6.81 -19.19
C MET A 29 8.43 5.42 -18.96
N PRO A 30 7.92 4.64 -17.96
CA PRO A 30 8.23 3.20 -17.84
C PRO A 30 7.01 2.26 -18.06
N PRO A 31 6.88 1.66 -19.29
CA PRO A 31 5.81 0.68 -19.57
C PRO A 31 6.18 -0.77 -19.20
N ARG A 32 5.47 -1.35 -18.23
CA ARG A 32 5.56 -2.79 -17.90
C ARG A 32 4.68 -3.62 -18.86
N PRO A 33 4.95 -4.94 -19.00
CA PRO A 33 4.60 -5.65 -20.24
C PRO A 33 3.24 -6.40 -20.36
N SER A 34 2.25 -6.09 -19.53
CA SER A 34 0.97 -6.85 -19.51
C SER A 34 0.10 -6.69 -20.80
N SER A 35 -0.35 -7.82 -21.36
CA SER A 35 -1.18 -7.86 -22.59
C SER A 35 -2.69 -7.97 -22.26
N GLY A 36 -3.51 -7.91 -23.31
CA GLY A 36 -4.95 -8.17 -23.20
C GLY A 36 -5.64 -8.16 -24.55
N GLU A 37 -6.90 -8.64 -24.57
CA GLU A 37 -7.74 -8.90 -25.78
C GLU A 37 -7.44 -10.23 -26.42
N LEU A 38 -6.19 -10.44 -26.80
CA LEU A 38 -5.74 -11.68 -27.42
C LEU A 38 -4.24 -11.85 -27.19
N TRP A 39 -3.77 -13.09 -27.05
CA TRP A 39 -2.35 -13.35 -26.70
C TRP A 39 -1.38 -12.65 -27.65
N GLY A 40 -0.49 -11.83 -27.07
CA GLY A 40 0.58 -11.15 -27.83
C GLY A 40 0.19 -9.94 -28.65
N ILE A 41 -1.04 -9.47 -28.47
CA ILE A 41 -1.66 -8.49 -29.33
C ILE A 41 -2.57 -7.66 -28.43
N HIS A 42 -2.31 -6.37 -28.26
CA HIS A 42 -3.19 -5.50 -27.41
C HIS A 42 -4.63 -5.32 -27.91
N LEU A 43 -4.78 -5.22 -29.22
CA LEU A 43 -6.03 -4.79 -29.82
C LEU A 43 -6.27 -5.71 -31.00
N MET A 44 -7.32 -6.52 -30.93
CA MET A 44 -7.55 -7.46 -32.01
C MET A 44 -7.95 -6.69 -33.28
N PRO A 45 -7.55 -7.22 -34.45
CA PRO A 45 -7.97 -6.69 -35.74
C PRO A 45 -9.49 -6.52 -35.87
N PRO A 46 -9.96 -5.43 -36.48
CA PRO A 46 -11.41 -5.22 -36.52
C PRO A 46 -12.23 -6.38 -37.14
N ARG A 47 -11.62 -7.07 -38.09
CA ARG A 47 -12.17 -8.22 -38.75
C ARG A 47 -11.19 -9.36 -38.50
N ILE A 48 -11.70 -10.50 -38.04
CA ILE A 48 -10.86 -11.57 -37.51
C ILE A 48 -11.48 -12.89 -37.86
N LEU A 49 -10.62 -13.89 -38.07
CA LEU A 49 -11.10 -15.26 -38.28
C LEU A 49 -11.05 -16.08 -37.00
N VAL A 50 -12.21 -16.59 -36.57
CA VAL A 50 -12.32 -17.50 -35.39
C VAL A 50 -12.78 -18.92 -35.74
N GLU A 51 -11.95 -19.92 -35.43
CA GLU A 51 -12.33 -21.33 -35.63
C GLU A 51 -13.37 -21.73 -34.61
N CYS A 52 -14.49 -22.25 -35.11
CA CYS A 52 -15.56 -22.74 -34.26
C CYS A 52 -15.56 -24.26 -34.26
N LEU A 53 -15.36 -24.86 -33.09
CA LEU A 53 -15.29 -26.30 -32.93
C LEU A 53 -16.68 -26.80 -32.56
N LEU A 54 -17.29 -27.51 -33.49
CA LEU A 54 -18.66 -28.02 -33.35
C LEU A 54 -18.73 -29.41 -32.68
N PRO A 55 -19.91 -29.78 -32.12
CA PRO A 55 -20.07 -31.06 -31.42
C PRO A 55 -19.92 -32.28 -32.32
N ASN A 56 -20.13 -32.07 -33.63
CA ASN A 56 -19.90 -33.08 -34.67
C ASN A 56 -18.47 -33.17 -35.21
N GLY A 57 -17.49 -32.54 -34.56
CA GLY A 57 -16.07 -32.60 -34.97
C GLY A 57 -15.61 -31.73 -36.14
N MET A 58 -16.53 -30.96 -36.73
CA MET A 58 -16.23 -30.05 -37.82
C MET A 58 -15.61 -28.75 -37.28
N ILE A 59 -14.63 -28.18 -38.00
CA ILE A 59 -14.13 -26.82 -37.75
C ILE A 59 -14.56 -25.83 -38.83
N VAL A 60 -15.67 -25.13 -38.62
CA VAL A 60 -16.02 -24.03 -39.52
C VAL A 60 -15.37 -22.76 -38.99
N THR A 61 -14.70 -22.02 -39.89
CA THR A 61 -14.04 -20.77 -39.55
C THR A 61 -14.95 -19.65 -39.98
N LEU A 62 -15.43 -18.84 -39.03
CA LEU A 62 -16.17 -17.60 -39.33
C LEU A 62 -15.23 -16.39 -39.47
N GLU A 63 -15.65 -15.40 -40.26
CA GLU A 63 -15.01 -14.08 -40.19
C GLU A 63 -15.94 -13.15 -39.41
N CYS A 64 -15.48 -12.75 -38.22
CA CYS A 64 -16.31 -12.00 -37.30
C CYS A 64 -15.76 -10.62 -37.13
N LEU A 65 -16.65 -9.69 -36.82
CA LEU A 65 -16.20 -8.42 -36.31
C LEU A 65 -15.72 -8.55 -34.84
N ARG A 66 -14.52 -8.03 -34.58
CA ARG A 66 -13.96 -7.80 -33.24
C ARG A 66 -14.96 -7.51 -32.14
N GLU A 67 -15.93 -6.67 -32.46
CA GLU A 67 -16.91 -6.14 -31.49
C GLU A 67 -18.23 -6.96 -31.41
N ALA A 68 -18.30 -8.11 -32.10
CA ALA A 68 -19.54 -8.88 -32.25
C ALA A 68 -19.87 -9.67 -30.99
N THR A 69 -21.15 -9.67 -30.61
CA THR A 69 -21.58 -10.47 -29.45
C THR A 69 -21.57 -11.96 -29.80
N LEU A 70 -21.49 -12.80 -28.77
CA LEU A 70 -21.60 -14.25 -28.94
C LEU A 70 -23.01 -14.69 -29.42
N ILE A 71 -24.03 -13.91 -29.05
CA ILE A 71 -25.38 -14.11 -29.60
C ILE A 71 -25.32 -14.10 -31.11
N THR A 72 -24.64 -13.07 -31.65
CA THR A 72 -24.47 -12.91 -33.09
C THR A 72 -23.59 -14.01 -33.66
N ILE A 73 -22.44 -14.24 -33.05
CA ILE A 73 -21.52 -15.28 -33.53
C ILE A 73 -22.14 -16.67 -33.50
N LYS A 74 -22.95 -16.98 -32.49
CA LYS A 74 -23.63 -18.28 -32.44
C LYS A 74 -24.63 -18.35 -33.56
N HIS A 75 -25.50 -17.34 -33.62
CA HIS A 75 -26.55 -17.24 -34.64
C HIS A 75 -26.00 -17.38 -36.08
N GLU A 76 -24.82 -16.82 -36.35
CA GLU A 76 -24.20 -16.94 -37.68
C GLU A 76 -23.56 -18.31 -37.86
N LEU A 77 -22.96 -18.85 -36.80
CA LEU A 77 -22.33 -20.18 -36.83
C LEU A 77 -23.32 -21.27 -37.24
N PHE A 78 -24.53 -21.21 -36.68
CA PHE A 78 -25.55 -22.22 -36.97
C PHE A 78 -26.26 -22.04 -38.31
N LYS A 79 -26.11 -20.86 -38.93
CA LYS A 79 -26.45 -20.70 -40.33
C LYS A 79 -25.34 -21.32 -41.19
N GLU A 80 -24.09 -20.95 -40.94
CA GLU A 80 -22.96 -21.44 -41.75
C GLU A 80 -22.62 -22.92 -41.52
N ALA A 81 -23.09 -23.51 -40.43
CA ALA A 81 -22.85 -24.92 -40.17
C ALA A 81 -23.54 -25.78 -41.22
N ARG A 82 -24.81 -25.44 -41.50
CA ARG A 82 -25.64 -26.08 -42.56
C ARG A 82 -24.93 -26.40 -43.90
N LYS A 83 -23.96 -25.57 -44.28
CA LYS A 83 -23.22 -25.72 -45.54
C LYS A 83 -22.16 -26.81 -45.47
N TYR A 84 -21.81 -27.24 -44.25
CA TYR A 84 -20.77 -28.24 -44.03
C TYR A 84 -21.39 -29.61 -43.75
N PRO A 85 -20.58 -30.69 -43.87
CA PRO A 85 -21.12 -32.02 -43.62
C PRO A 85 -21.59 -32.27 -42.18
N LEU A 86 -22.42 -33.30 -42.03
CA LEU A 86 -22.91 -33.77 -40.73
C LEU A 86 -23.79 -32.76 -39.97
N HIS A 87 -24.46 -31.87 -40.67
CA HIS A 87 -25.37 -30.89 -40.04
C HIS A 87 -26.47 -31.54 -39.16
N GLN A 88 -27.03 -32.66 -39.63
CA GLN A 88 -28.16 -33.31 -38.94
C GLN A 88 -27.83 -33.91 -37.55
N LEU A 89 -26.54 -34.03 -37.24
CA LEU A 89 -26.08 -34.38 -35.88
C LEU A 89 -26.13 -33.21 -34.88
N LEU A 90 -26.30 -31.96 -35.35
CA LEU A 90 -26.39 -30.79 -34.46
C LEU A 90 -27.81 -30.62 -33.92
N GLN A 91 -27.89 -30.19 -32.65
CA GLN A 91 -29.16 -29.81 -32.02
C GLN A 91 -29.53 -28.37 -32.41
N ASP A 92 -30.66 -27.87 -31.92
CA ASP A 92 -30.99 -26.45 -32.05
C ASP A 92 -29.92 -25.60 -31.34
N GLU A 93 -29.61 -24.43 -31.88
CA GLU A 93 -28.53 -23.57 -31.38
C GLU A 93 -28.67 -23.24 -29.89
N SER A 94 -29.92 -23.12 -29.44
CA SER A 94 -30.20 -22.83 -28.03
C SER A 94 -29.66 -23.87 -27.04
N SER A 95 -29.53 -25.13 -27.47
CA SER A 95 -29.01 -26.22 -26.62
C SER A 95 -27.47 -26.27 -26.56
N TYR A 96 -26.82 -25.11 -26.57
CA TYR A 96 -25.37 -25.04 -26.67
C TYR A 96 -24.80 -23.76 -26.06
N ILE A 97 -23.53 -23.86 -25.63
CA ILE A 97 -22.80 -22.73 -25.06
C ILE A 97 -21.38 -22.69 -25.63
N PHE A 98 -20.78 -21.51 -25.67
CA PHE A 98 -19.41 -21.39 -26.16
C PHE A 98 -18.46 -21.61 -25.01
N VAL A 99 -17.37 -22.34 -25.27
CA VAL A 99 -16.23 -22.42 -24.35
C VAL A 99 -14.95 -22.14 -25.13
N SER A 100 -13.94 -21.62 -24.44
CA SER A 100 -12.61 -21.48 -25.01
C SER A 100 -11.58 -21.38 -23.90
N VAL A 101 -10.32 -21.42 -24.29
CA VAL A 101 -9.18 -21.21 -23.42
C VAL A 101 -8.88 -19.73 -23.35
N THR A 102 -8.89 -19.18 -22.13
CA THR A 102 -8.60 -17.75 -21.89
C THR A 102 -7.10 -17.52 -21.69
N GLN A 103 -6.73 -16.25 -21.57
CA GLN A 103 -5.34 -15.86 -21.33
C GLN A 103 -4.78 -16.27 -19.97
N GLU A 104 -5.64 -16.62 -19.03
CA GLU A 104 -5.21 -17.26 -17.78
C GLU A 104 -5.11 -18.80 -17.86
N ALA A 105 -5.17 -19.35 -19.07
CA ALA A 105 -5.01 -20.79 -19.30
C ALA A 105 -6.11 -21.69 -18.71
N GLU A 106 -7.30 -21.15 -18.47
CA GLU A 106 -8.42 -21.92 -17.96
C GLU A 106 -9.53 -21.99 -18.97
N ARG A 107 -10.31 -23.07 -18.93
CA ARG A 107 -11.40 -23.28 -19.89
C ARG A 107 -12.70 -22.65 -19.38
N GLU A 108 -13.03 -21.48 -19.92
CA GLU A 108 -14.16 -20.67 -19.46
C GLU A 108 -15.37 -20.88 -20.36
N GLU A 109 -16.48 -21.29 -19.78
CA GLU A 109 -17.77 -21.40 -20.48
C GLU A 109 -18.41 -20.02 -20.51
N PHE A 110 -18.79 -19.55 -21.69
CA PHE A 110 -19.31 -18.20 -21.86
C PHE A 110 -20.84 -18.17 -21.74
N PHE A 111 -21.30 -17.89 -20.53
CA PHE A 111 -22.72 -17.85 -20.22
C PHE A 111 -23.34 -16.58 -20.73
N ASP A 112 -22.77 -15.43 -20.35
CA ASP A 112 -23.31 -14.12 -20.75
C ASP A 112 -23.02 -13.86 -22.23
N GLU A 113 -23.93 -14.31 -23.11
CA GLU A 113 -23.67 -14.34 -24.56
C GLU A 113 -23.80 -12.98 -25.21
N THR A 114 -24.27 -11.98 -24.44
CA THR A 114 -24.17 -10.58 -24.80
C THR A 114 -22.74 -10.01 -24.75
N ARG A 115 -21.80 -10.73 -24.13
CA ARG A 115 -20.38 -10.36 -24.15
C ARG A 115 -19.78 -10.43 -25.55
N ARG A 116 -18.89 -9.49 -25.84
CA ARG A 116 -18.31 -9.33 -27.17
C ARG A 116 -16.99 -10.06 -27.29
N LEU A 117 -16.70 -10.55 -28.50
CA LEU A 117 -15.48 -11.28 -28.81
C LEU A 117 -14.20 -10.63 -28.26
N CYS A 118 -14.09 -9.31 -28.35
CA CYS A 118 -12.89 -8.59 -27.86
C CYS A 118 -12.78 -8.48 -26.33
N ASP A 119 -13.88 -8.72 -25.63
CA ASP A 119 -13.90 -8.71 -24.17
C ASP A 119 -13.77 -10.10 -23.50
N LEU A 120 -13.59 -11.20 -24.26
CA LEU A 120 -13.46 -12.56 -23.65
C LEU A 120 -12.07 -12.94 -23.13
N ARG A 121 -11.07 -12.11 -23.40
CA ARG A 121 -9.70 -12.43 -22.98
C ARG A 121 -9.30 -13.80 -23.49
N LEU A 122 -9.58 -14.09 -24.75
CA LEU A 122 -9.21 -15.37 -25.34
C LEU A 122 -7.70 -15.46 -25.43
N PHE A 123 -7.19 -16.68 -25.56
CA PHE A 123 -5.76 -16.88 -25.80
C PHE A 123 -5.50 -16.87 -27.29
N GLN A 124 -6.19 -17.76 -28.01
CA GLN A 124 -6.22 -17.78 -29.47
C GLN A 124 -7.65 -17.56 -29.91
N PRO A 125 -7.86 -17.06 -31.14
CA PRO A 125 -9.22 -16.75 -31.57
C PRO A 125 -9.93 -18.03 -32.03
N PHE A 126 -10.58 -18.70 -31.08
CA PHE A 126 -11.39 -19.89 -31.36
C PHE A 126 -12.39 -20.16 -30.25
N LEU A 127 -13.51 -20.75 -30.64
CA LEU A 127 -14.62 -21.04 -29.74
C LEU A 127 -14.99 -22.50 -29.93
N LYS A 128 -15.45 -23.16 -28.86
CA LYS A 128 -15.97 -24.54 -28.94
C LYS A 128 -17.42 -24.66 -28.45
N VAL A 129 -18.22 -25.38 -29.24
CA VAL A 129 -19.66 -25.53 -28.98
C VAL A 129 -19.95 -26.79 -28.16
N ILE A 130 -20.57 -26.61 -27.00
CA ILE A 130 -20.84 -27.70 -26.05
C ILE A 130 -22.24 -27.52 -25.46
N GLU A 131 -22.83 -28.60 -24.95
CA GLU A 131 -24.05 -28.50 -24.15
C GLU A 131 -23.62 -28.30 -22.68
N PRO A 132 -24.26 -27.34 -21.95
CA PRO A 132 -23.68 -26.86 -20.68
C PRO A 132 -23.71 -27.86 -19.53
N VAL A 133 -22.53 -28.12 -18.96
CA VAL A 133 -22.40 -29.01 -17.82
C VAL A 133 -22.27 -28.16 -16.56
N GLY A 134 -22.36 -28.82 -15.41
CA GLY A 134 -22.40 -28.14 -14.13
C GLY A 134 -23.74 -27.46 -14.07
N ASN A 135 -24.79 -28.27 -14.08
CA ASN A 135 -26.20 -27.84 -14.20
C ASN A 135 -26.57 -26.59 -13.38
N ARG A 136 -25.85 -26.37 -12.28
CA ARG A 136 -25.91 -25.10 -11.55
C ARG A 136 -25.08 -24.06 -12.28
N GLU A 137 -25.68 -23.46 -13.30
CA GLU A 137 -25.11 -22.31 -14.01
C GLU A 137 -24.91 -21.15 -13.06
N GLU A 138 -25.84 -21.01 -12.11
CA GLU A 138 -25.76 -19.99 -11.06
C GLU A 138 -24.36 -20.01 -10.45
N LYS A 139 -23.91 -21.19 -10.05
CA LYS A 139 -22.69 -21.36 -9.28
C LYS A 139 -21.43 -21.12 -10.09
N ILE A 140 -21.47 -21.39 -11.40
CA ILE A 140 -20.29 -21.13 -12.24
C ILE A 140 -20.29 -19.68 -12.76
N LEU A 141 -21.03 -18.79 -12.09
CA LEU A 141 -20.72 -17.34 -11.99
C LEU A 141 -19.95 -17.07 -10.66
N ASN A 142 -18.91 -17.91 -10.49
CA ASN A 142 -17.63 -17.60 -9.88
C ASN A 142 -16.84 -16.71 -10.80
N ARG A 143 -16.99 -16.85 -12.12
CA ARG A 143 -16.23 -16.03 -13.08
C ARG A 143 -16.29 -14.53 -12.73
N GLU A 144 -17.48 -14.09 -12.33
CA GLU A 144 -17.67 -12.75 -11.77
C GLU A 144 -16.63 -12.44 -10.69
N ILE A 145 -16.52 -13.32 -9.72
CA ILE A 145 -15.56 -13.17 -8.62
C ILE A 145 -14.14 -13.05 -9.17
N GLY A 146 -13.73 -14.03 -9.97
CA GLY A 146 -12.38 -14.07 -10.53
C GLY A 146 -12.07 -13.10 -11.67
N PHE A 147 -13.09 -12.45 -12.19
CA PHE A 147 -12.87 -11.24 -13.00
C PHE A 147 -12.48 -10.07 -12.09
N ALA A 148 -13.27 -9.87 -11.03
CA ALA A 148 -13.02 -8.81 -10.06
C ALA A 148 -11.62 -8.94 -9.45
N ILE A 149 -11.27 -10.17 -9.09
CA ILE A 149 -9.99 -10.48 -8.43
C ILE A 149 -8.80 -10.36 -9.39
N GLY A 150 -8.99 -10.80 -10.61
CA GLY A 150 -7.89 -10.90 -11.55
C GLY A 150 -7.17 -12.23 -11.55
N MET A 151 -7.88 -13.28 -11.16
CA MET A 151 -7.41 -14.65 -11.27
C MET A 151 -8.58 -15.60 -11.09
N PRO A 152 -8.53 -16.78 -11.71
CA PRO A 152 -9.69 -17.63 -11.63
C PRO A 152 -9.83 -18.22 -10.23
N VAL A 153 -11.07 -18.39 -9.79
CA VAL A 153 -11.36 -19.00 -8.49
C VAL A 153 -10.87 -20.44 -8.45
N CYS A 154 -10.97 -21.15 -9.59
CA CYS A 154 -10.49 -22.54 -9.70
C CYS A 154 -8.97 -22.71 -9.42
N GLU A 155 -8.19 -21.65 -9.58
CA GLU A 155 -6.77 -21.67 -9.20
C GLU A 155 -6.53 -21.81 -7.70
N PHE A 156 -7.50 -21.44 -6.86
CA PHE A 156 -7.44 -21.70 -5.41
C PHE A 156 -7.77 -23.15 -5.07
N ASP A 157 -8.85 -23.69 -5.67
CA ASP A 157 -9.32 -25.05 -5.41
C ASP A 157 -8.22 -26.09 -5.54
N MET A 158 -7.26 -25.85 -6.44
CA MET A 158 -6.12 -26.75 -6.66
C MET A 158 -4.87 -26.37 -5.87
N VAL A 159 -5.02 -25.63 -4.77
CA VAL A 159 -3.89 -25.35 -3.87
C VAL A 159 -3.90 -26.43 -2.78
N LYS A 160 -2.78 -27.15 -2.65
CA LYS A 160 -2.59 -28.23 -1.65
C LYS A 160 -2.69 -27.74 -0.21
N ASP A 161 -1.87 -26.72 0.08
CA ASP A 161 -1.77 -26.04 1.38
C ASP A 161 -3.05 -26.07 2.24
N PRO A 162 -3.01 -26.80 3.37
CA PRO A 162 -4.20 -26.85 4.22
C PRO A 162 -4.55 -25.52 4.87
N GLU A 163 -3.56 -24.65 5.09
CA GLU A 163 -3.85 -23.34 5.66
C GLU A 163 -4.76 -22.52 4.74
N VAL A 164 -4.46 -22.57 3.46
CA VAL A 164 -5.24 -21.91 2.45
C VAL A 164 -6.67 -22.44 2.45
N GLN A 165 -6.79 -23.74 2.34
CA GLN A 165 -8.12 -24.36 2.25
C GLN A 165 -8.92 -24.15 3.53
N ASP A 166 -8.19 -24.05 4.65
CA ASP A 166 -8.77 -23.68 5.93
C ASP A 166 -9.20 -22.23 5.97
N PHE A 167 -8.38 -21.33 5.42
CA PHE A 167 -8.79 -19.91 5.32
C PHE A 167 -10.14 -19.81 4.64
N ARG A 168 -10.26 -20.44 3.47
CA ARG A 168 -11.47 -20.27 2.66
C ARG A 168 -12.71 -20.80 3.38
N ARG A 169 -12.62 -21.99 3.97
CA ARG A 169 -13.71 -22.58 4.77
C ARG A 169 -14.10 -21.75 6.01
N ASN A 170 -13.12 -21.42 6.83
CA ASN A 170 -13.40 -20.74 8.10
C ASN A 170 -13.75 -19.25 8.03
N ILE A 171 -13.38 -18.56 6.96
CA ILE A 171 -13.65 -17.12 6.86
C ILE A 171 -15.15 -16.86 6.68
N LEU A 172 -15.84 -17.81 6.08
CA LEU A 172 -17.27 -17.66 5.78
C LEU A 172 -18.12 -17.39 7.02
N ASN A 173 -17.64 -17.76 8.19
CA ASN A 173 -18.22 -17.29 9.48
C ASN A 173 -18.50 -15.78 9.41
N VAL A 174 -17.45 -15.03 9.10
CA VAL A 174 -17.47 -13.56 9.07
C VAL A 174 -18.48 -13.05 8.06
N CYS A 175 -18.46 -13.66 6.87
CA CYS A 175 -19.38 -13.31 5.79
C CYS A 175 -20.84 -13.52 6.20
N LYS A 176 -21.12 -14.73 6.69
CA LYS A 176 -22.47 -15.12 7.11
C LYS A 176 -23.00 -14.16 8.17
N GLU A 177 -22.16 -13.82 9.14
CA GLU A 177 -22.52 -12.87 10.19
C GLU A 177 -22.83 -11.45 9.68
N ALA A 178 -22.04 -10.97 8.73
CA ALA A 178 -22.19 -9.62 8.19
C ALA A 178 -23.45 -9.53 7.35
N VAL A 179 -23.67 -10.54 6.50
CA VAL A 179 -24.92 -10.60 5.73
C VAL A 179 -26.16 -10.53 6.65
N ASP A 180 -26.07 -11.16 7.81
CA ASP A 180 -27.14 -11.12 8.78
C ASP A 180 -27.38 -9.72 9.37
N LEU A 181 -26.32 -8.95 9.63
CA LEU A 181 -26.49 -7.54 10.07
C LEU A 181 -27.14 -6.63 9.03
N ARG A 182 -26.91 -6.89 7.74
CA ARG A 182 -27.54 -6.15 6.64
C ARG A 182 -29.05 -6.35 6.56
N ASP A 183 -29.51 -7.59 6.70
CA ASP A 183 -30.93 -7.91 6.47
C ASP A 183 -31.71 -8.00 7.80
N LEU A 184 -31.22 -7.23 8.79
CA LEU A 184 -31.78 -7.19 10.13
C LEU A 184 -33.08 -6.36 10.18
N ASN A 185 -32.98 -5.05 9.90
CA ASN A 185 -34.14 -4.16 9.79
C ASN A 185 -34.37 -3.74 8.35
N SER A 186 -34.30 -4.70 7.43
CA SER A 186 -34.44 -4.45 6.00
C SER A 186 -35.88 -3.99 5.68
N PRO A 187 -36.08 -3.06 4.72
CA PRO A 187 -35.06 -2.62 3.77
C PRO A 187 -34.15 -1.50 4.27
N HIS A 188 -34.39 -0.96 5.47
CA HIS A 188 -33.61 0.17 5.96
C HIS A 188 -32.14 -0.15 6.12
N SER A 189 -31.83 -1.33 6.67
CA SER A 189 -30.44 -1.70 6.89
C SER A 189 -29.68 -1.99 5.60
N ARG A 190 -30.39 -2.46 4.57
CA ARG A 190 -29.76 -2.63 3.26
C ARG A 190 -29.40 -1.26 2.74
N ALA A 191 -30.35 -0.33 2.75
CA ALA A 191 -30.09 1.08 2.39
C ALA A 191 -28.90 1.63 3.18
N MET A 192 -28.91 1.35 4.47
CA MET A 192 -27.84 1.76 5.37
C MET A 192 -26.43 1.16 5.02
N TYR A 193 -26.40 -0.06 4.49
CA TYR A 193 -25.16 -0.71 4.04
C TYR A 193 -24.68 0.01 2.76
N VAL A 194 -25.54 0.00 1.74
CA VAL A 194 -25.22 0.50 0.39
C VAL A 194 -24.89 2.01 0.33
N TYR A 195 -25.58 2.78 1.17
CA TYR A 195 -25.48 4.25 1.18
C TYR A 195 -25.20 4.75 2.57
N PRO A 196 -24.13 4.24 3.20
CA PRO A 196 -23.90 4.65 4.59
C PRO A 196 -23.71 6.15 4.74
N PRO A 197 -24.03 6.68 5.91
CA PRO A 197 -24.02 8.12 6.06
C PRO A 197 -22.60 8.68 6.05
N ASN A 198 -22.36 9.68 5.21
CA ASN A 198 -21.03 10.30 5.09
C ASN A 198 -20.83 11.43 6.10
N VAL A 199 -20.12 11.12 7.18
CA VAL A 199 -20.22 11.86 8.44
C VAL A 199 -18.86 12.07 9.10
N GLU A 200 -18.65 13.28 9.63
CA GLU A 200 -17.47 13.60 10.40
C GLU A 200 -17.49 12.81 11.69
N SER A 201 -16.36 12.77 12.37
CA SER A 201 -16.23 11.97 13.60
C SER A 201 -16.93 12.67 14.77
N SER A 202 -16.69 13.98 14.90
CA SER A 202 -17.16 14.80 16.03
C SER A 202 -18.38 15.66 15.64
N PRO A 203 -19.43 15.69 16.47
CA PRO A 203 -20.54 16.64 16.25
C PRO A 203 -20.17 18.06 16.66
N GLU A 204 -19.41 18.21 17.76
CA GLU A 204 -18.83 19.52 18.12
C GLU A 204 -18.21 20.20 16.90
N LEU A 205 -18.65 21.42 16.63
CA LEU A 205 -18.27 22.19 15.47
C LEU A 205 -17.14 23.16 15.87
N PRO A 206 -16.00 23.14 15.16
CA PRO A 206 -14.94 24.13 15.34
C PRO A 206 -15.43 25.57 15.35
N LYS A 207 -14.80 26.40 16.16
CA LYS A 207 -15.19 27.81 16.32
C LYS A 207 -15.30 28.53 14.99
N HIS A 208 -14.29 28.38 14.14
CA HIS A 208 -14.27 29.09 12.85
C HIS A 208 -15.37 28.67 11.88
N ILE A 209 -15.92 27.47 12.03
CA ILE A 209 -17.08 27.03 11.23
C ILE A 209 -18.36 27.63 11.82
N TYR A 210 -18.50 27.54 13.14
CA TYR A 210 -19.66 28.08 13.88
C TYR A 210 -19.83 29.60 13.80
N ASN A 211 -18.75 30.33 13.52
CA ASN A 211 -18.81 31.78 13.34
C ASN A 211 -19.21 32.22 11.92
N LYS A 212 -19.18 31.29 10.97
CA LYS A 212 -19.54 31.58 9.55
C LYS A 212 -21.03 31.51 9.32
N LEU A 213 -21.73 30.78 10.18
CA LEU A 213 -23.18 30.69 10.12
C LEU A 213 -23.86 31.66 11.12
N ASP A 214 -25.17 31.81 10.93
CA ASP A 214 -25.97 32.89 11.52
C ASP A 214 -26.53 32.53 12.91
N LYS A 215 -25.76 32.87 13.95
CA LYS A 215 -26.09 32.53 15.35
C LYS A 215 -26.44 31.04 15.51
N GLY A 216 -25.69 30.19 14.79
CA GLY A 216 -25.95 28.76 14.73
C GLY A 216 -27.02 28.30 13.75
N GLN A 217 -27.17 28.97 12.61
CA GLN A 217 -28.21 28.60 11.64
C GLN A 217 -27.73 28.65 10.19
N ILE A 218 -28.29 27.79 9.36
CA ILE A 218 -27.93 27.65 7.95
C ILE A 218 -29.18 27.82 7.11
N ILE A 219 -29.04 28.55 6.01
CA ILE A 219 -30.05 28.48 4.97
C ILE A 219 -29.74 27.19 4.19
N VAL A 220 -30.77 26.44 3.85
CA VAL A 220 -30.68 25.13 3.17
C VAL A 220 -31.68 25.21 2.03
N VAL A 221 -31.56 24.36 1.01
CA VAL A 221 -32.51 24.34 -0.09
C VAL A 221 -33.01 22.92 -0.33
N ILE A 222 -34.27 22.66 0.01
CA ILE A 222 -34.87 21.34 -0.23
C ILE A 222 -35.62 21.38 -1.55
N TRP A 223 -35.35 20.40 -2.42
CA TRP A 223 -35.94 20.30 -3.75
C TRP A 223 -36.90 19.13 -3.79
N VAL A 224 -37.89 19.19 -4.69
CA VAL A 224 -38.98 18.21 -4.78
C VAL A 224 -39.46 18.08 -6.23
N ILE A 225 -40.07 16.95 -6.56
CA ILE A 225 -40.62 16.64 -7.88
C ILE A 225 -42.10 16.13 -7.74
N VAL A 226 -42.98 16.45 -8.71
CA VAL A 226 -44.38 15.90 -8.75
C VAL A 226 -44.77 15.26 -10.11
N SER A 227 -44.81 16.05 -11.20
CA SER A 227 -44.98 15.50 -12.59
C SER A 227 -44.62 16.53 -13.70
N PRO A 228 -44.10 16.08 -14.86
CA PRO A 228 -43.75 14.69 -15.17
C PRO A 228 -42.24 14.45 -14.92
N ASN A 229 -41.76 14.91 -13.77
CA ASN A 229 -40.33 14.92 -13.39
C ASN A 229 -39.46 15.98 -14.07
N ASN A 230 -40.05 16.87 -14.86
CA ASN A 230 -39.31 17.96 -15.48
C ASN A 230 -39.23 19.14 -14.53
N ASP A 231 -40.38 19.58 -14.01
CA ASP A 231 -40.38 20.69 -13.06
C ASP A 231 -39.95 20.18 -11.69
N LYS A 232 -39.22 21.04 -10.98
CA LYS A 232 -38.75 20.80 -9.63
C LYS A 232 -38.91 22.10 -8.83
N GLN A 233 -39.00 21.99 -7.52
CA GLN A 233 -39.41 23.13 -6.69
C GLN A 233 -38.56 23.36 -5.43
N LYS A 234 -37.95 24.55 -5.32
CA LYS A 234 -37.16 24.95 -4.15
C LYS A 234 -38.05 25.12 -2.95
N TYR A 235 -37.48 24.97 -1.75
CA TYR A 235 -38.16 25.30 -0.48
C TYR A 235 -37.14 25.80 0.55
N THR A 236 -36.44 26.85 0.18
CA THR A 236 -35.37 27.50 0.98
C THR A 236 -35.61 27.65 2.49
N LEU A 237 -35.20 26.66 3.28
CA LEU A 237 -35.35 26.70 4.75
C LEU A 237 -34.28 27.53 5.39
N LYS A 238 -34.39 27.72 6.70
CA LYS A 238 -33.34 28.30 7.50
C LYS A 238 -33.44 27.69 8.89
N ILE A 239 -32.64 26.67 9.11
CA ILE A 239 -32.74 25.85 10.32
C ILE A 239 -31.49 25.94 11.17
N ASN A 240 -31.60 25.47 12.40
CA ASN A 240 -30.43 25.32 13.28
C ASN A 240 -29.49 24.28 12.68
N HIS A 241 -28.20 24.52 12.79
CA HIS A 241 -27.24 23.60 12.19
C HIS A 241 -27.36 22.19 12.74
N ASP A 242 -27.60 22.08 14.05
CA ASP A 242 -27.59 20.77 14.70
C ASP A 242 -28.91 19.99 14.63
N CYS A 243 -29.79 20.36 13.70
CA CYS A 243 -31.12 19.73 13.63
C CYS A 243 -31.08 18.61 12.59
N VAL A 244 -31.73 17.49 12.90
CA VAL A 244 -31.55 16.20 12.19
C VAL A 244 -32.33 16.11 10.86
N PRO A 245 -31.99 15.12 9.98
CA PRO A 245 -32.68 14.98 8.69
C PRO A 245 -34.19 14.95 8.76
N GLU A 246 -34.73 14.27 9.78
CA GLU A 246 -36.17 14.20 10.03
C GLU A 246 -36.82 15.59 10.23
N GLN A 247 -36.25 16.39 11.14
CA GLN A 247 -36.69 17.78 11.35
C GLN A 247 -36.66 18.62 10.07
N VAL A 248 -35.63 18.43 9.26
CA VAL A 248 -35.49 19.17 8.01
C VAL A 248 -36.53 18.71 7.00
N ILE A 249 -36.92 17.44 7.06
CA ILE A 249 -37.98 16.89 6.18
C ILE A 249 -39.38 17.43 6.55
N ALA A 250 -39.62 17.64 7.84
CA ALA A 250 -40.84 18.30 8.30
C ALA A 250 -40.99 19.72 7.73
N GLU A 251 -40.07 20.61 8.10
CA GLU A 251 -40.05 22.02 7.62
C GLU A 251 -40.17 22.18 6.10
N ALA A 252 -39.60 21.26 5.35
CA ALA A 252 -39.77 21.26 3.91
C ALA A 252 -41.23 20.99 3.59
N ILE A 253 -41.80 19.97 4.22
CA ILE A 253 -43.17 19.56 3.96
C ILE A 253 -44.19 20.55 4.54
N ARG A 254 -43.87 21.20 5.68
CA ARG A 254 -44.67 22.32 6.17
C ARG A 254 -44.74 23.38 5.10
N LYS A 255 -43.64 24.09 4.85
CA LYS A 255 -43.61 25.08 3.76
C LYS A 255 -44.31 24.60 2.49
N LYS A 256 -44.04 23.35 2.08
CA LYS A 256 -44.63 22.79 0.87
C LYS A 256 -46.17 22.77 0.94
N THR A 257 -46.71 22.41 2.09
CA THR A 257 -48.17 22.14 2.25
C THR A 257 -48.97 23.15 3.10
N ARG A 258 -48.36 24.27 3.50
CA ARG A 258 -49.13 25.42 4.04
C ARG A 258 -50.01 25.93 2.92
N SER A 259 -51.21 26.40 3.27
CA SER A 259 -52.27 26.70 2.30
C SER A 259 -53.32 27.61 2.93
N MET A 260 -54.01 28.39 2.10
CA MET A 260 -55.18 29.17 2.58
C MET A 260 -56.38 28.23 2.84
N LEU A 261 -56.41 27.11 2.13
CA LEU A 261 -57.44 26.10 2.31
C LEU A 261 -57.14 25.04 3.38
N LEU A 262 -56.11 25.24 4.20
CA LEU A 262 -55.82 24.35 5.34
C LEU A 262 -55.64 25.09 6.65
N SER A 263 -56.32 24.63 7.68
CA SER A 263 -56.14 25.18 9.03
C SER A 263 -54.74 24.88 9.54
N SER A 264 -54.43 25.28 10.77
CA SER A 264 -53.18 24.88 11.40
C SER A 264 -53.21 23.40 11.78
N GLU A 265 -54.25 23.01 12.51
CA GLU A 265 -54.51 21.61 12.86
C GLU A 265 -54.44 20.71 11.64
N GLN A 266 -55.19 21.05 10.59
CA GLN A 266 -55.19 20.25 9.35
C GLN A 266 -53.81 20.15 8.69
N LEU A 267 -52.95 21.14 8.90
CA LEU A 267 -51.56 21.10 8.42
C LEU A 267 -50.77 20.04 9.16
N LYS A 268 -50.66 20.19 10.48
CA LYS A 268 -49.93 19.25 11.36
C LYS A 268 -50.28 17.77 11.10
N LEU A 269 -51.56 17.49 10.87
CA LEU A 269 -52.03 16.13 10.54
C LEU A 269 -51.55 15.66 9.15
N CYS A 270 -51.48 16.56 8.18
CA CYS A 270 -50.91 16.24 6.86
C CYS A 270 -49.38 16.13 6.88
N VAL A 271 -48.73 16.80 7.84
CA VAL A 271 -47.28 16.71 8.03
C VAL A 271 -46.87 15.36 8.58
N LEU A 272 -47.63 14.83 9.53
CA LEU A 272 -47.34 13.51 10.10
C LEU A 272 -47.47 12.34 9.10
N GLU A 273 -48.52 12.34 8.28
CA GLU A 273 -48.70 11.32 7.23
C GLU A 273 -47.61 11.32 6.14
N TYR A 274 -47.04 12.49 5.87
CA TYR A 274 -46.02 12.64 4.83
C TYR A 274 -44.58 12.45 5.33
N GLN A 275 -44.33 12.79 6.59
CA GLN A 275 -42.97 13.00 7.10
C GLN A 275 -41.99 11.86 6.81
N GLY A 276 -42.35 10.66 7.24
CA GLY A 276 -41.49 9.48 7.16
C GLY A 276 -41.68 8.64 5.92
N LYS A 277 -42.31 9.19 4.89
CA LYS A 277 -42.36 8.57 3.56
C LYS A 277 -41.17 8.95 2.74
N TYR A 278 -40.41 9.93 3.24
CA TYR A 278 -39.31 10.52 2.50
C TYR A 278 -37.99 10.44 3.28
N ILE A 279 -36.89 10.39 2.51
CA ILE A 279 -35.54 10.62 3.04
C ILE A 279 -34.81 11.67 2.22
N LEU A 280 -33.76 12.22 2.83
CA LEU A 280 -32.91 13.26 2.23
C LEU A 280 -31.71 12.77 1.36
N LYS A 281 -31.69 13.15 0.10
CA LYS A 281 -30.55 12.90 -0.78
C LYS A 281 -29.70 14.17 -0.89
N VAL A 282 -28.39 14.02 -1.13
CA VAL A 282 -27.57 15.15 -1.63
C VAL A 282 -27.85 15.27 -3.13
N CYS A 283 -28.20 16.47 -3.58
CA CYS A 283 -28.43 16.71 -5.02
C CYS A 283 -27.09 16.54 -5.75
N GLY A 284 -27.12 15.79 -6.85
CA GLY A 284 -25.94 15.66 -7.74
C GLY A 284 -25.05 14.44 -7.61
N CYS A 285 -25.15 13.75 -6.47
CA CYS A 285 -24.42 12.51 -6.24
C CYS A 285 -25.17 11.51 -5.33
N ASP A 286 -24.83 10.22 -5.41
CA ASP A 286 -25.47 9.21 -4.58
C ASP A 286 -24.97 9.26 -3.16
N GLU A 287 -25.50 10.22 -2.41
CA GLU A 287 -25.24 10.32 -0.99
C GLU A 287 -26.56 10.65 -0.31
N TYR A 288 -26.75 10.12 0.88
CA TYR A 288 -28.01 10.25 1.59
C TYR A 288 -27.81 10.48 3.08
N PHE A 289 -28.87 10.97 3.71
CA PHE A 289 -28.87 11.27 5.15
C PHE A 289 -29.87 10.35 5.85
N LEU A 290 -29.45 9.11 6.07
CA LEU A 290 -30.32 8.08 6.59
C LEU A 290 -30.13 7.80 8.08
N GLU A 291 -29.51 8.68 8.86
CA GLU A 291 -29.62 8.51 10.32
C GLU A 291 -29.41 9.77 11.15
N LYS A 292 -29.89 9.70 12.39
CA LYS A 292 -29.84 10.82 13.34
C LYS A 292 -28.41 11.26 13.62
N TYR A 293 -27.97 12.22 12.84
CA TYR A 293 -26.84 13.02 13.21
C TYR A 293 -27.28 14.45 12.93
N PRO A 294 -26.74 15.42 13.67
CA PRO A 294 -26.80 16.82 13.26
C PRO A 294 -26.48 17.01 11.77
N LEU A 295 -27.18 17.92 11.10
CA LEU A 295 -26.83 18.21 9.71
C LEU A 295 -25.37 18.61 9.55
N SER A 296 -24.84 19.38 10.49
CA SER A 296 -23.43 19.80 10.52
C SER A 296 -22.42 18.65 10.50
N GLN A 297 -22.80 17.53 11.11
CA GLN A 297 -21.92 16.37 11.20
C GLN A 297 -21.83 15.56 9.91
N TYR A 298 -22.75 15.75 8.97
CA TYR A 298 -22.59 15.15 7.64
C TYR A 298 -21.56 15.96 6.86
N LYS A 299 -20.76 15.29 6.04
CA LYS A 299 -19.60 15.93 5.40
C LYS A 299 -19.99 16.96 4.38
N TYR A 300 -21.04 16.70 3.60
CA TYR A 300 -21.55 17.67 2.60
C TYR A 300 -21.90 19.01 3.20
N ILE A 301 -22.56 18.98 4.35
CA ILE A 301 -23.00 20.23 4.96
C ILE A 301 -21.78 21.02 5.31
N ARG A 302 -20.92 20.42 6.11
CA ARG A 302 -19.72 21.14 6.61
C ARG A 302 -18.81 21.66 5.49
N SER A 303 -18.79 20.99 4.35
CA SER A 303 -18.13 21.54 3.16
C SER A 303 -18.81 22.82 2.75
N CYS A 304 -20.14 22.72 2.53
CA CYS A 304 -20.98 23.83 2.07
C CYS A 304 -20.81 25.07 2.96
N ILE A 305 -20.69 24.84 4.27
CA ILE A 305 -20.45 25.93 5.21
C ILE A 305 -19.11 26.59 4.91
N MET A 306 -18.04 25.79 4.87
CA MET A 306 -16.67 26.27 4.58
C MET A 306 -16.53 26.98 3.25
N LEU A 307 -16.98 26.34 2.18
CA LEU A 307 -16.91 26.92 0.84
C LEU A 307 -17.83 28.12 0.59
N GLY A 308 -18.78 28.37 1.49
CA GLY A 308 -19.72 29.49 1.37
C GLY A 308 -20.81 29.14 0.37
N ARG A 309 -21.46 28.02 0.63
CA ARG A 309 -22.48 27.48 -0.26
C ARG A 309 -23.72 27.09 0.53
N MET A 310 -24.83 27.01 -0.20
CA MET A 310 -26.14 26.75 0.36
C MET A 310 -26.43 25.30 -0.02
N PRO A 311 -26.60 24.43 0.98
CA PRO A 311 -26.92 23.04 0.77
C PRO A 311 -28.10 22.78 -0.12
N ASN A 312 -27.91 21.92 -1.12
CA ASN A 312 -28.99 21.45 -1.97
C ASN A 312 -29.24 19.95 -1.78
N LEU A 313 -30.18 19.69 -0.88
CA LEU A 313 -30.68 18.36 -0.64
C LEU A 313 -31.89 18.10 -1.54
N MET A 314 -32.35 16.85 -1.58
CA MET A 314 -33.52 16.46 -2.36
C MET A 314 -34.42 15.64 -1.45
N LEU A 315 -35.72 15.86 -1.55
CA LEU A 315 -36.66 14.99 -0.85
C LEU A 315 -36.83 13.85 -1.79
N MET A 316 -36.60 12.66 -1.27
CA MET A 316 -36.70 11.44 -2.04
C MET A 316 -37.65 10.49 -1.33
N ALA A 317 -38.60 9.96 -2.10
CA ALA A 317 -39.50 8.92 -1.66
C ALA A 317 -38.71 7.66 -1.25
N LYS A 318 -38.90 7.20 -0.01
CA LYS A 318 -38.30 5.93 0.44
C LYS A 318 -38.52 4.75 -0.49
N GLU A 319 -39.71 4.61 -1.04
CA GLU A 319 -39.95 3.48 -1.95
C GLU A 319 -39.22 3.61 -3.27
N SER A 320 -39.04 4.81 -3.81
CA SER A 320 -38.21 4.96 -5.01
C SER A 320 -36.73 4.64 -4.72
N LEU A 321 -36.29 4.84 -3.47
CA LEU A 321 -34.94 4.45 -3.04
C LEU A 321 -34.82 2.95 -2.89
N TYR A 322 -35.65 2.39 -2.02
CA TYR A 322 -35.76 0.94 -1.84
C TYR A 322 -36.13 0.19 -3.14
N SER A 323 -36.64 0.88 -4.14
CA SER A 323 -36.83 0.30 -5.48
C SER A 323 -35.48 -0.03 -6.12
N GLN A 324 -34.54 0.89 -6.01
CA GLN A 324 -33.19 0.73 -6.59
C GLN A 324 -32.26 -0.26 -5.88
N LEU A 325 -32.56 -0.60 -4.64
CA LEU A 325 -31.78 -1.61 -3.92
C LEU A 325 -32.05 -2.99 -4.45
N PRO A 326 -31.08 -3.90 -4.34
CA PRO A 326 -31.35 -5.21 -4.86
C PRO A 326 -31.20 -6.25 -3.75
N MET A 327 -31.66 -7.47 -4.00
CA MET A 327 -31.49 -8.53 -3.02
C MET A 327 -30.12 -9.15 -3.13
N ASP A 328 -29.46 -9.29 -1.98
CA ASP A 328 -28.09 -9.83 -1.89
C ASP A 328 -27.97 -11.31 -2.23
N CYS A 329 -28.94 -12.11 -1.78
CA CYS A 329 -28.96 -13.55 -1.99
C CYS A 329 -27.61 -14.22 -1.72
N PHE A 330 -27.05 -13.99 -0.53
CA PHE A 330 -25.78 -14.65 -0.18
C PHE A 330 -25.99 -16.15 -0.15
N THR A 331 -24.97 -16.86 -0.66
CA THR A 331 -25.01 -18.31 -0.79
C THR A 331 -23.67 -18.87 -0.41
N MET A 332 -23.66 -19.75 0.59
CA MET A 332 -22.46 -20.46 1.00
C MET A 332 -21.89 -21.23 -0.18
N PRO A 333 -20.58 -21.10 -0.44
CA PRO A 333 -20.00 -21.78 -1.61
C PRO A 333 -19.99 -23.30 -1.50
N SER A 334 -19.62 -23.94 -2.61
CA SER A 334 -19.55 -25.41 -2.71
C SER A 334 -18.67 -26.03 -1.63
N TYR A 335 -17.50 -25.43 -1.41
CA TYR A 335 -16.54 -25.88 -0.38
C TYR A 335 -17.09 -25.69 1.08
N SER A 336 -18.13 -26.46 1.41
CA SER A 336 -18.95 -26.32 2.64
C SER A 336 -18.92 -24.94 3.32
N THR A 350 -4.67 -36.30 18.62
CA THR A 350 -4.74 -34.96 19.21
C THR A 350 -3.74 -34.74 20.37
N SER A 351 -3.50 -35.75 21.21
CA SER A 351 -2.53 -35.64 22.32
C SER A 351 -1.10 -35.64 21.79
N THR A 352 -0.33 -34.61 22.17
CA THR A 352 0.98 -34.30 21.58
C THR A 352 1.84 -33.56 22.60
N LYS A 353 3.16 -33.60 22.42
CA LYS A 353 4.10 -33.03 23.43
C LYS A 353 4.13 -31.48 23.49
N SER A 354 3.73 -30.91 24.63
CA SER A 354 3.93 -29.47 24.93
C SER A 354 5.34 -29.02 24.59
N LEU A 355 5.46 -27.87 23.95
CA LEU A 355 6.75 -27.27 23.66
C LEU A 355 7.62 -27.22 24.92
N TRP A 356 6.98 -27.03 26.08
CA TRP A 356 7.68 -26.86 27.34
C TRP A 356 8.20 -28.18 27.98
N VAL A 357 7.92 -29.31 27.37
CA VAL A 357 8.51 -30.60 27.74
C VAL A 357 9.85 -30.82 27.05
N ILE A 358 10.06 -30.20 25.90
CA ILE A 358 11.21 -30.52 25.05
C ILE A 358 12.49 -30.02 25.72
N ASN A 359 13.36 -30.98 26.06
CA ASN A 359 14.55 -30.71 26.80
C ASN A 359 15.77 -30.67 25.87
N SER A 360 15.81 -29.66 25.01
CA SER A 360 17.04 -29.34 24.22
C SER A 360 17.14 -27.90 23.73
N ALA A 361 18.30 -27.53 23.23
CA ALA A 361 18.49 -26.28 22.52
C ALA A 361 18.02 -26.48 21.07
N LEU A 362 17.83 -25.38 20.38
CA LEU A 362 17.36 -25.42 19.00
C LEU A 362 18.52 -25.66 18.09
N ARG A 363 18.30 -26.55 17.14
CA ARG A 363 19.24 -26.75 16.06
C ARG A 363 18.49 -26.85 14.75
N ILE A 364 19.15 -26.35 13.70
CA ILE A 364 18.59 -26.37 12.36
C ILE A 364 19.72 -26.81 11.44
N LYS A 365 19.41 -27.77 10.57
CA LYS A 365 20.36 -28.27 9.57
C LYS A 365 20.21 -27.56 8.21
N ILE A 366 21.24 -26.81 7.82
CA ILE A 366 21.30 -26.20 6.49
C ILE A 366 21.87 -27.25 5.51
N LEU A 367 21.12 -27.64 4.47
CA LEU A 367 21.56 -28.68 3.50
C LEU A 367 22.25 -28.10 2.25
N CYS A 368 21.51 -27.84 1.17
CA CYS A 368 22.13 -27.36 -0.06
C CYS A 368 21.30 -26.28 -0.72
N ALA A 369 21.98 -25.37 -1.42
CA ALA A 369 21.32 -24.34 -2.23
C ALA A 369 21.64 -24.65 -3.67
N THR A 370 20.63 -24.60 -4.53
CA THR A 370 20.79 -25.09 -5.90
C THR A 370 20.95 -24.06 -7.02
N TYR A 371 20.55 -22.80 -6.83
CA TYR A 371 20.43 -21.88 -7.97
C TYR A 371 21.14 -20.55 -7.76
N VAL A 372 22.33 -20.60 -7.17
CA VAL A 372 23.04 -19.37 -6.80
C VAL A 372 23.82 -18.81 -7.99
N ASN A 373 23.40 -17.65 -8.50
CA ASN A 373 23.98 -17.05 -9.72
C ASN A 373 25.06 -16.02 -9.36
N VAL A 374 26.32 -16.43 -9.51
CA VAL A 374 27.46 -15.71 -8.96
C VAL A 374 28.66 -15.84 -9.89
N ASN A 375 29.35 -14.72 -10.16
CA ASN A 375 30.63 -14.73 -10.87
C ASN A 375 31.75 -15.28 -9.98
N ILE A 376 32.36 -16.40 -10.38
CA ILE A 376 33.42 -17.04 -9.57
C ILE A 376 34.69 -16.18 -9.55
N ARG A 377 34.87 -15.36 -10.58
CA ARG A 377 35.99 -14.42 -10.66
C ARG A 377 35.79 -13.32 -9.62
N ASP A 378 34.57 -12.81 -9.53
CA ASP A 378 34.21 -11.76 -8.56
C ASP A 378 34.16 -12.20 -7.10
N ILE A 379 33.67 -13.42 -6.86
CA ILE A 379 33.35 -13.88 -5.50
C ILE A 379 34.32 -14.91 -4.96
N ASP A 380 34.87 -14.61 -3.78
CA ASP A 380 35.77 -15.52 -3.11
C ASP A 380 34.97 -16.76 -2.71
N LYS A 381 33.92 -16.54 -1.94
CA LYS A 381 33.13 -17.65 -1.38
C LYS A 381 31.91 -17.18 -0.60
N ILE A 382 31.02 -18.12 -0.31
CA ILE A 382 29.74 -17.80 0.31
C ILE A 382 29.30 -18.77 1.41
N TYR A 383 28.51 -18.23 2.34
CA TYR A 383 27.99 -18.98 3.49
C TYR A 383 26.54 -18.63 3.68
N VAL A 384 25.91 -19.28 4.64
CA VAL A 384 24.50 -19.02 4.98
C VAL A 384 24.35 -18.41 6.36
N ARG A 385 23.94 -17.16 6.41
CA ARG A 385 23.67 -16.50 7.66
C ARG A 385 22.28 -16.92 8.14
N THR A 386 22.12 -17.02 9.46
CA THR A 386 20.82 -17.30 10.08
C THR A 386 20.68 -16.52 11.37
N GLY A 387 19.45 -16.50 11.87
CA GLY A 387 19.12 -15.91 13.16
C GLY A 387 17.71 -16.29 13.52
N ILE A 388 17.44 -16.39 14.80
CA ILE A 388 16.07 -16.53 15.26
C ILE A 388 15.62 -15.11 15.54
N TYR A 389 14.36 -14.80 15.22
CA TYR A 389 13.84 -13.45 15.39
C TYR A 389 12.42 -13.40 15.97
N HIS A 390 12.11 -12.22 16.50
CA HIS A 390 10.77 -11.80 16.90
C HIS A 390 10.46 -10.34 16.35
N GLY A 391 11.09 -9.96 15.21
CA GLY A 391 11.26 -8.54 14.80
C GLY A 391 12.58 -7.94 15.39
N GLY A 392 13.00 -8.47 16.54
CA GLY A 392 14.29 -8.18 17.21
C GLY A 392 14.79 -9.61 17.49
N GLU A 393 16.08 -9.83 17.74
CA GLU A 393 16.59 -11.24 17.78
C GLU A 393 16.61 -11.94 19.17
N PRO A 394 16.01 -13.15 19.32
CA PRO A 394 16.14 -13.89 20.59
C PRO A 394 17.47 -14.58 20.97
N LEU A 395 18.53 -14.41 20.17
CA LEU A 395 19.86 -14.99 20.49
C LEU A 395 20.95 -14.41 19.60
N CYS A 396 22.19 -14.81 19.85
CA CYS A 396 23.30 -14.42 18.99
C CYS A 396 23.11 -14.97 17.58
N ASP A 397 23.34 -14.12 16.61
CA ASP A 397 23.15 -14.47 15.21
C ASP A 397 24.23 -15.48 14.87
N ASN A 398 23.93 -16.43 13.99
CA ASN A 398 25.00 -17.33 13.54
C ASN A 398 24.94 -17.89 12.11
N VAL A 399 26.12 -18.28 11.66
CA VAL A 399 26.41 -18.55 10.25
C VAL A 399 26.86 -20.00 10.12
N ASN A 400 27.16 -20.42 8.91
CA ASN A 400 27.85 -21.68 8.70
C ASN A 400 29.17 -21.44 7.98
N THR A 401 29.96 -22.50 7.82
CA THR A 401 31.28 -22.40 7.20
C THR A 401 31.11 -21.97 5.74
N GLN A 402 32.17 -21.39 5.17
CA GLN A 402 32.16 -20.99 3.77
C GLN A 402 32.57 -22.19 2.95
N ARG A 403 31.63 -22.92 2.36
CA ARG A 403 32.01 -24.19 1.75
C ARG A 403 31.74 -24.29 0.28
N VAL A 404 32.78 -24.80 -0.41
CA VAL A 404 32.80 -25.03 -1.83
C VAL A 404 32.41 -23.74 -2.58
N PRO A 405 32.65 -22.57 -1.91
CA PRO A 405 32.19 -21.31 -2.38
C PRO A 405 31.05 -21.28 -3.40
N CYS A 406 31.23 -20.57 -4.51
CA CYS A 406 30.15 -20.37 -5.46
C CYS A 406 29.68 -21.62 -6.18
N SER A 407 30.57 -22.58 -6.43
CA SER A 407 30.20 -23.76 -7.21
C SER A 407 29.52 -24.84 -6.38
N ASN A 408 28.27 -25.15 -6.73
CA ASN A 408 27.47 -26.19 -6.09
C ASN A 408 27.56 -26.16 -4.57
N PRO A 409 27.18 -25.00 -3.96
CA PRO A 409 27.38 -24.90 -2.52
C PRO A 409 26.49 -25.82 -1.74
N ARG A 410 27.14 -26.63 -0.91
CA ARG A 410 26.46 -27.56 -0.06
C ARG A 410 27.20 -27.50 1.24
N TRP A 411 26.45 -27.49 2.32
CA TRP A 411 26.98 -27.56 3.67
C TRP A 411 26.03 -28.55 4.23
N ASN A 412 26.44 -29.43 5.11
CA ASN A 412 25.42 -30.24 5.78
C ASN A 412 25.57 -30.14 7.28
N GLU A 413 25.59 -28.89 7.72
CA GLU A 413 25.80 -28.52 9.11
C GLU A 413 24.51 -28.40 9.88
N TRP A 414 24.54 -28.80 11.14
CA TRP A 414 23.58 -28.33 12.12
C TRP A 414 24.08 -27.03 12.72
N LEU A 415 23.31 -25.97 12.53
CA LEU A 415 23.58 -24.73 13.21
C LEU A 415 22.99 -24.86 14.60
N ASN A 416 23.73 -24.40 15.60
CA ASN A 416 23.39 -24.56 17.01
C ASN A 416 23.08 -23.20 17.66
N TYR A 417 21.83 -23.02 18.09
CA TYR A 417 21.31 -21.74 18.59
C TYR A 417 21.16 -21.80 20.08
N ASP A 418 21.86 -20.92 20.80
CA ASP A 418 21.72 -20.83 22.27
C ASP A 418 20.37 -20.19 22.70
N ILE A 419 19.34 -21.03 22.67
CA ILE A 419 18.02 -20.72 23.17
C ILE A 419 17.39 -22.07 23.40
N TYR A 420 16.77 -22.29 24.56
CA TYR A 420 16.12 -23.58 24.80
C TYR A 420 14.79 -23.58 24.09
N ILE A 421 14.38 -24.73 23.59
CA ILE A 421 13.16 -24.86 22.83
C ILE A 421 11.95 -24.29 23.56
N PRO A 422 11.84 -24.50 24.88
CA PRO A 422 10.65 -23.98 25.58
C PRO A 422 10.49 -22.46 25.64
N ASP A 423 11.61 -21.74 25.51
CA ASP A 423 11.61 -20.28 25.45
C ASP A 423 11.29 -19.69 24.08
N LEU A 424 11.24 -20.51 23.02
CA LEU A 424 10.78 -20.05 21.71
C LEU A 424 9.36 -19.49 21.83
N PRO A 425 9.18 -18.19 21.52
CA PRO A 425 7.85 -17.57 21.68
C PRO A 425 6.96 -17.91 20.51
N ARG A 426 5.65 -17.76 20.70
CA ARG A 426 4.68 -18.14 19.65
C ARG A 426 4.98 -17.61 18.25
N ALA A 427 5.46 -16.36 18.17
CA ALA A 427 5.74 -15.71 16.87
C ALA A 427 7.21 -15.78 16.44
N ALA A 428 7.92 -16.79 16.89
CA ALA A 428 9.32 -16.93 16.54
C ALA A 428 9.46 -17.24 15.06
N ARG A 429 10.50 -16.68 14.45
CA ARG A 429 10.77 -16.87 13.04
C ARG A 429 12.26 -17.11 12.86
N LEU A 430 12.58 -17.98 11.91
CA LEU A 430 13.93 -18.18 11.42
C LEU A 430 14.12 -17.29 10.18
N CYS A 431 15.14 -16.43 10.21
CA CYS A 431 15.50 -15.57 9.09
C CYS A 431 16.89 -15.93 8.63
N LEU A 432 17.02 -16.16 7.34
CA LEU A 432 18.28 -16.60 6.79
C LEU A 432 18.58 -15.89 5.47
N SER A 433 19.84 -15.97 5.07
CA SER A 433 20.34 -15.40 3.82
C SER A 433 21.60 -16.12 3.36
N ILE A 434 21.78 -16.22 2.05
CA ILE A 434 23.04 -16.66 1.47
C ILE A 434 23.89 -15.39 1.23
N CYS A 435 25.12 -15.39 1.70
CA CYS A 435 25.99 -14.20 1.66
C CYS A 435 27.29 -14.46 0.91
N SER A 436 28.02 -13.39 0.57
CA SER A 436 29.30 -13.43 -0.17
C SER A 436 30.39 -12.80 0.64
N VAL A 437 31.61 -13.32 0.47
CA VAL A 437 32.83 -12.69 1.02
C VAL A 437 33.90 -12.64 -0.08
N GLU A 445 36.63 -8.18 4.93
CA GLU A 445 35.23 -7.79 5.11
C GLU A 445 34.57 -7.41 3.79
N GLU A 446 34.19 -8.45 3.05
CA GLU A 446 33.49 -8.33 1.77
C GLU A 446 32.02 -8.80 1.90
N HIS A 447 31.44 -8.63 3.11
CA HIS A 447 30.13 -9.20 3.44
C HIS A 447 29.04 -8.61 2.57
N CYS A 448 28.21 -9.47 1.97
CA CYS A 448 27.23 -9.01 0.98
C CYS A 448 26.14 -10.06 0.65
N PRO A 449 24.84 -9.73 0.85
CA PRO A 449 23.78 -10.73 0.72
C PRO A 449 23.39 -10.99 -0.73
N LEU A 450 23.13 -12.26 -1.07
CA LEU A 450 22.70 -12.68 -2.41
C LEU A 450 21.20 -12.89 -2.51
N ALA A 451 20.68 -13.65 -1.56
CA ALA A 451 19.24 -13.92 -1.44
C ALA A 451 18.88 -14.02 0.03
N TRP A 452 17.57 -14.10 0.32
CA TRP A 452 17.08 -14.16 1.70
C TRP A 452 15.69 -14.77 1.80
N GLY A 453 15.38 -15.33 2.96
CA GLY A 453 14.09 -15.95 3.23
C GLY A 453 13.80 -16.04 4.71
N ASN A 454 12.51 -16.07 5.06
CA ASN A 454 12.08 -16.16 6.47
C ASN A 454 11.05 -17.27 6.58
N ILE A 455 10.87 -17.81 7.78
CA ILE A 455 10.04 -19.00 7.94
C ILE A 455 9.57 -19.13 9.39
N ASN A 456 8.27 -19.26 9.60
CA ASN A 456 7.69 -19.24 10.93
C ASN A 456 8.04 -20.53 11.62
N LEU A 457 8.62 -20.45 12.82
CA LEU A 457 9.00 -21.66 13.54
C LEU A 457 7.78 -22.44 13.97
N PHE A 458 6.63 -21.79 14.13
CA PHE A 458 5.35 -22.50 14.36
C PHE A 458 4.40 -22.31 13.17
N ASP A 459 3.62 -23.34 12.85
CA ASP A 459 2.67 -23.23 11.76
C ASP A 459 1.35 -22.65 12.32
N TYR A 460 0.36 -22.46 11.44
CA TYR A 460 -0.92 -21.88 11.80
C TYR A 460 -1.71 -22.66 12.82
N THR A 461 -1.43 -23.95 12.97
CA THR A 461 -2.10 -24.80 13.97
C THR A 461 -1.40 -24.83 15.34
N ASP A 462 -0.46 -23.90 15.57
CA ASP A 462 0.38 -23.82 16.79
C ASP A 462 1.52 -24.88 16.86
N THR A 463 1.81 -25.53 15.75
CA THR A 463 2.72 -26.68 15.69
C THR A 463 4.18 -26.31 15.35
N LEU A 464 5.10 -26.62 16.26
CA LEU A 464 6.54 -26.36 16.03
C LEU A 464 6.99 -27.16 14.80
N VAL A 465 7.70 -26.50 13.91
CA VAL A 465 8.04 -27.04 12.61
C VAL A 465 9.17 -28.08 12.72
N SER A 466 8.92 -29.25 12.15
CA SER A 466 9.83 -30.40 12.17
C SER A 466 9.93 -31.03 10.80
N GLY A 467 11.12 -31.47 10.44
CA GLY A 467 11.32 -32.23 9.19
C GLY A 467 12.12 -31.48 8.16
N LYS A 468 11.81 -31.70 6.90
CA LYS A 468 12.50 -31.02 5.80
C LYS A 468 11.63 -29.92 5.20
N MET A 469 12.27 -28.85 4.74
CA MET A 469 11.60 -27.71 4.11
C MET A 469 12.40 -27.25 2.90
N ALA A 470 11.71 -27.00 1.79
CA ALA A 470 12.26 -26.25 0.65
C ALA A 470 11.90 -24.77 0.79
N LEU A 471 12.88 -23.87 0.63
CA LEU A 471 12.64 -22.43 0.77
C LEU A 471 13.27 -21.63 -0.36
N ASN A 472 12.44 -21.27 -1.34
CA ASN A 472 12.86 -20.45 -2.48
C ASN A 472 13.03 -19.00 -2.02
N LEU A 473 14.17 -18.40 -2.32
CA LEU A 473 14.51 -17.11 -1.72
C LEU A 473 14.18 -15.87 -2.59
N TRP A 474 14.13 -14.74 -1.90
CA TRP A 474 13.76 -13.45 -2.48
C TRP A 474 15.03 -12.71 -2.85
N PRO A 475 14.98 -11.82 -3.86
CA PRO A 475 16.16 -11.03 -4.17
C PRO A 475 16.27 -9.87 -3.20
N VAL A 476 17.50 -9.44 -2.91
CA VAL A 476 17.72 -8.33 -1.97
C VAL A 476 17.12 -7.05 -2.56
N PRO A 477 16.33 -6.30 -1.76
CA PRO A 477 15.71 -5.11 -2.35
C PRO A 477 16.68 -3.93 -2.49
N HIS A 478 16.20 -2.89 -3.16
CA HIS A 478 16.96 -1.66 -3.40
C HIS A 478 17.71 -1.19 -2.16
N GLY A 479 16.95 -0.84 -1.13
CA GLY A 479 17.50 -0.15 0.05
C GLY A 479 18.39 -0.99 0.92
N LEU A 480 17.90 -2.16 1.33
CA LEU A 480 18.58 -3.03 2.28
C LEU A 480 19.96 -3.49 1.81
N GLU A 481 20.99 -2.98 2.49
CA GLU A 481 22.37 -3.46 2.38
C GLU A 481 22.69 -4.52 3.44
N ASP A 482 21.96 -4.51 4.56
CA ASP A 482 22.14 -5.48 5.69
C ASP A 482 22.18 -6.94 5.26
N LEU A 483 22.76 -7.77 6.12
CA LEU A 483 23.01 -9.18 5.78
C LEU A 483 21.78 -10.07 5.85
N LEU A 484 20.88 -9.77 6.79
CA LEU A 484 19.62 -10.50 6.95
C LEU A 484 18.43 -9.55 6.74
N ASN A 485 17.21 -10.09 6.68
CA ASN A 485 16.00 -9.27 6.44
C ASN A 485 14.75 -9.69 7.24
N PRO A 486 14.74 -9.40 8.55
CA PRO A 486 13.64 -9.83 9.41
C PRO A 486 12.30 -9.11 9.23
N ILE A 487 12.30 -7.85 8.78
CA ILE A 487 11.05 -7.18 8.37
C ILE A 487 10.35 -7.93 7.22
N GLY A 488 11.16 -8.42 6.27
CA GLY A 488 10.67 -9.12 5.07
C GLY A 488 9.64 -10.22 5.26
N VAL A 489 8.91 -10.55 4.21
CA VAL A 489 7.77 -11.43 4.31
C VAL A 489 8.17 -12.87 4.68
N THR A 490 7.28 -13.49 5.44
CA THR A 490 7.45 -14.81 5.97
C THR A 490 6.88 -15.77 4.93
N GLY A 491 7.63 -16.81 4.61
CA GLY A 491 7.26 -17.79 3.62
C GLY A 491 8.25 -17.79 2.47
N SER A 492 8.08 -18.78 1.59
CA SER A 492 8.93 -18.96 0.40
C SER A 492 8.43 -18.18 -0.81
N ASN A 493 9.37 -17.63 -1.59
CA ASN A 493 9.11 -17.02 -2.90
C ASN A 493 8.36 -17.96 -3.85
N PRO A 494 7.18 -17.54 -4.36
CA PRO A 494 6.43 -18.45 -5.24
C PRO A 494 7.08 -18.68 -6.61
N ASN A 495 8.01 -17.82 -6.99
CA ASN A 495 8.84 -18.02 -8.18
C ASN A 495 9.78 -19.24 -8.02
N LYS A 496 9.55 -20.29 -8.83
CA LYS A 496 10.43 -21.48 -8.84
C LYS A 496 11.91 -21.14 -9.12
N GLU A 497 12.19 -20.64 -10.32
CA GLU A 497 13.57 -20.37 -10.78
C GLU A 497 14.23 -19.23 -9.99
N THR A 498 14.51 -19.55 -8.72
CA THR A 498 15.24 -18.71 -7.77
C THR A 498 15.99 -19.61 -6.81
N PRO A 499 17.02 -19.08 -6.13
CA PRO A 499 17.75 -19.80 -5.10
C PRO A 499 16.84 -20.53 -4.12
N CYS A 500 16.77 -21.85 -4.31
CA CYS A 500 16.07 -22.75 -3.39
C CYS A 500 17.10 -23.31 -2.42
N LEU A 501 17.02 -22.89 -1.16
CA LEU A 501 17.88 -23.38 -0.08
C LEU A 501 17.05 -24.30 0.77
N GLU A 502 17.28 -25.60 0.67
CA GLU A 502 16.53 -26.60 1.46
C GLU A 502 17.28 -26.94 2.73
N LEU A 503 16.54 -27.37 3.75
CA LEU A 503 17.04 -27.43 5.11
C LEU A 503 16.20 -28.37 5.97
N GLU A 504 16.66 -28.62 7.20
CA GLU A 504 16.07 -29.64 8.06
C GLU A 504 15.95 -29.23 9.54
N PHE A 505 14.73 -29.37 10.06
CA PHE A 505 14.38 -29.05 11.43
C PHE A 505 14.29 -30.33 12.22
N ASP A 506 14.79 -30.29 13.45
CA ASP A 506 14.84 -31.46 14.36
C ASP A 506 13.46 -32.15 14.54
N TRP A 507 13.52 -33.38 15.02
CA TRP A 507 12.35 -34.25 15.19
C TRP A 507 12.36 -34.79 16.62
N PHE A 508 11.31 -34.50 17.39
CA PHE A 508 11.22 -34.99 18.77
C PHE A 508 10.17 -36.10 18.90
N SER A 509 10.24 -37.06 17.97
CA SER A 509 9.37 -38.26 17.93
C SER A 509 7.90 -38.01 18.31
N SER A 510 7.40 -36.86 17.86
CA SER A 510 6.09 -36.31 18.24
C SER A 510 5.94 -34.96 17.56
N VAL A 511 4.72 -34.61 17.16
CA VAL A 511 4.42 -33.23 16.77
C VAL A 511 4.36 -32.37 18.05
N VAL A 512 5.29 -31.43 18.17
CA VAL A 512 5.33 -30.49 19.28
C VAL A 512 4.28 -29.39 19.05
N LYS A 513 3.49 -29.08 20.08
CA LYS A 513 2.54 -27.95 20.01
C LYS A 513 2.80 -26.84 21.05
N PHE A 514 2.35 -25.62 20.75
CA PHE A 514 2.52 -24.51 21.67
C PHE A 514 1.50 -24.63 22.81
N PRO A 515 1.89 -24.28 24.04
CA PRO A 515 0.99 -24.46 25.18
C PRO A 515 -0.33 -23.74 25.09
N ASP A 516 -1.34 -24.26 25.79
CA ASP A 516 -2.62 -23.59 25.95
C ASP A 516 -2.45 -22.33 26.78
N MET A 517 -3.46 -21.47 26.74
CA MET A 517 -3.42 -20.25 27.56
C MET A 517 -3.56 -20.62 29.02
N SER A 518 -4.53 -21.49 29.32
CA SER A 518 -4.71 -22.07 30.66
C SER A 518 -3.38 -22.50 31.30
N VAL A 519 -2.59 -23.24 30.53
CA VAL A 519 -1.23 -23.64 30.92
C VAL A 519 -0.26 -22.48 31.12
N ILE A 520 -0.30 -21.51 30.21
CA ILE A 520 0.56 -20.31 30.30
C ILE A 520 0.17 -19.43 31.50
N GLU A 521 -1.13 -19.33 31.78
CA GLU A 521 -1.66 -18.56 32.92
C GLU A 521 -1.16 -19.10 34.26
N GLU A 522 -1.15 -20.43 34.42
CA GLU A 522 -0.60 -21.04 35.64
C GLU A 522 0.91 -20.78 35.79
N HIS A 523 1.67 -20.97 34.72
CA HIS A 523 3.10 -20.70 34.77
C HIS A 523 3.37 -19.25 35.16
N ALA A 524 2.46 -18.36 34.80
CA ALA A 524 2.59 -16.97 35.17
C ALA A 524 2.27 -16.74 36.64
N ASN A 525 1.14 -17.27 37.10
CA ASN A 525 0.76 -17.18 38.52
C ASN A 525 1.84 -17.76 39.42
N TRP A 526 2.42 -18.87 38.99
CA TRP A 526 3.59 -19.48 39.65
C TRP A 526 4.78 -18.52 39.72
N SER A 527 5.24 -18.04 38.57
CA SER A 527 6.40 -17.12 38.49
C SER A 527 6.24 -15.86 39.35
N VAL A 528 5.00 -15.39 39.49
CA VAL A 528 4.70 -14.17 40.26
C VAL A 528 4.98 -14.40 41.74
N SER A 529 4.43 -15.47 42.30
CA SER A 529 4.63 -15.84 43.71
C SER A 529 6.07 -16.22 43.97
N ARG A 530 6.67 -16.92 43.01
CA ARG A 530 8.09 -17.26 43.07
C ARG A 530 8.99 -16.01 43.22
N GLU A 531 8.57 -14.90 42.61
CA GLU A 531 9.27 -13.60 42.75
C GLU A 531 9.10 -13.00 44.16
N ALA A 532 7.88 -13.05 44.69
CA ALA A 532 7.59 -12.58 46.06
C ALA A 532 8.50 -13.18 47.15
N GLY A 533 8.92 -14.42 46.98
CA GLY A 533 9.79 -15.11 47.94
C GLY A 533 11.28 -14.93 47.74
N PHE A 534 11.69 -14.45 46.57
CA PHE A 534 13.10 -14.15 46.31
C PHE A 534 13.60 -13.21 47.39
N SER A 535 14.86 -13.36 47.79
CA SER A 535 15.49 -12.50 48.80
C SER A 535 15.56 -11.04 48.38
N TYR A 536 15.62 -10.13 49.35
CA TYR A 536 15.89 -8.73 49.03
C TYR A 536 17.31 -8.56 48.46
N SER A 537 18.26 -9.33 48.99
CA SER A 537 19.65 -9.33 48.49
C SER A 537 19.71 -9.58 46.98
N HIS A 538 18.99 -10.60 46.52
CA HIS A 538 18.99 -10.99 45.10
C HIS A 538 18.25 -9.96 44.21
N ALA A 539 17.14 -9.41 44.71
CA ALA A 539 16.40 -8.33 44.02
C ALA A 539 17.21 -7.04 43.80
N GLY A 540 18.43 -6.98 44.35
CA GLY A 540 19.45 -6.02 43.96
C GLY A 540 20.20 -6.28 42.66
N LEU A 541 19.67 -7.12 41.76
CA LEU A 541 20.06 -7.08 40.33
C LEU A 541 18.87 -6.99 39.35
N SER A 542 18.64 -5.77 38.83
CA SER A 542 17.68 -5.46 37.74
C SER A 542 16.18 -5.59 38.03
N ASN A 543 15.81 -5.87 39.29
CA ASN A 543 14.41 -6.04 39.74
C ASN A 543 14.24 -5.66 41.20
N ASP A 548 9.81 -1.50 47.58
CA ASP A 548 9.45 -2.16 46.32
C ASP A 548 7.95 -2.22 46.09
N ASN A 549 7.19 -2.58 47.13
CA ASN A 549 5.74 -2.60 47.04
C ASN A 549 5.20 -1.21 46.73
N GLU A 550 5.79 -0.22 47.38
CA GLU A 550 5.50 1.17 47.12
C GLU A 550 6.67 1.71 46.34
N LEU A 551 6.40 2.30 45.18
CA LEU A 551 7.48 2.81 44.35
C LEU A 551 7.61 4.32 44.54
N ARG A 552 8.85 4.81 44.35
CA ARG A 552 9.18 6.25 44.47
C ARG A 552 8.36 7.19 43.57
N GLU A 553 8.18 8.42 44.03
CA GLU A 553 7.46 9.45 43.30
C GLU A 553 8.26 9.98 42.10
N ASN A 554 9.59 9.96 42.20
CA ASN A 554 10.48 10.30 41.06
C ASN A 554 10.37 9.25 39.93
N ASP A 555 10.19 7.99 40.31
CA ASP A 555 10.02 6.86 39.39
C ASP A 555 8.61 6.83 38.81
N LYS A 556 7.60 7.01 39.67
CA LYS A 556 6.19 7.09 39.26
C LYS A 556 5.93 8.19 38.20
N GLU A 557 6.79 9.20 38.17
CA GLU A 557 6.78 10.25 37.13
C GLU A 557 7.79 10.06 35.99
N GLN A 558 8.85 9.28 36.19
CA GLN A 558 9.76 8.90 35.09
C GLN A 558 9.08 8.02 34.05
N LEU A 559 8.14 7.18 34.50
CA LEU A 559 7.39 6.30 33.61
C LEU A 559 6.50 7.07 32.64
N LYS A 560 5.74 8.03 33.19
CA LYS A 560 4.85 8.87 32.37
C LYS A 560 5.59 9.72 31.35
N ALA A 561 6.86 10.01 31.61
CA ALA A 561 7.75 10.69 30.64
C ALA A 561 8.18 9.76 29.52
N ILE A 562 8.54 8.53 29.88
CA ILE A 562 8.88 7.49 28.90
C ILE A 562 7.70 7.24 27.96
N SER A 563 6.51 7.09 28.55
CA SER A 563 5.24 6.90 27.82
C SER A 563 4.98 7.91 26.69
N THR A 564 5.36 9.17 26.90
CA THR A 564 5.11 10.23 25.93
C THR A 564 6.08 10.27 24.77
N ARG A 565 7.12 9.45 24.82
CA ARG A 565 8.11 9.46 23.75
C ARG A 565 7.59 8.77 22.52
N ASP A 566 8.10 9.16 21.36
CA ASP A 566 7.65 8.56 20.10
C ASP A 566 8.28 7.19 19.92
N PRO A 567 7.65 6.33 19.09
CA PRO A 567 8.14 4.97 18.98
C PRO A 567 9.56 4.84 18.44
N LEU A 568 10.08 5.88 17.79
CA LEU A 568 11.44 5.83 17.26
C LEU A 568 12.51 6.36 18.18
N SER A 569 12.15 6.87 19.37
CA SER A 569 13.15 7.21 20.40
C SER A 569 13.50 5.95 21.19
N GLU A 570 14.27 5.09 20.53
CA GLU A 570 14.77 3.83 21.10
C GLU A 570 15.04 3.87 22.62
N ILE A 571 14.60 2.83 23.30
CA ILE A 571 14.65 2.71 24.75
C ILE A 571 15.96 2.04 25.10
N THR A 572 16.54 2.43 26.23
CA THR A 572 17.83 1.87 26.70
C THR A 572 17.61 0.64 27.58
N GLU A 573 18.68 -0.15 27.75
CA GLU A 573 18.64 -1.37 28.56
C GLU A 573 18.28 -1.11 30.02
N GLN A 574 18.70 0.03 30.56
CA GLN A 574 18.27 0.47 31.90
C GLN A 574 16.76 0.74 31.94
N GLU A 575 16.28 1.49 30.95
CA GLU A 575 14.84 1.75 30.85
C GLU A 575 14.01 0.47 30.69
N LYS A 576 14.50 -0.48 29.89
CA LYS A 576 13.79 -1.74 29.69
C LYS A 576 13.62 -2.49 31.00
N ASP A 577 14.73 -2.74 31.68
CA ASP A 577 14.73 -3.35 33.00
C ASP A 577 13.82 -2.57 33.95
N PHE A 578 13.95 -1.24 33.92
CA PHE A 578 13.09 -0.37 34.72
C PHE A 578 11.61 -0.58 34.43
N LEU A 579 11.23 -0.48 33.15
CA LEU A 579 9.83 -0.65 32.74
C LEU A 579 9.29 -2.03 33.11
N TRP A 580 10.07 -3.07 32.78
CA TRP A 580 9.70 -4.43 33.11
C TRP A 580 9.40 -4.56 34.60
N SER A 581 10.34 -4.15 35.43
CA SER A 581 10.21 -4.27 36.89
C SER A 581 8.95 -3.61 37.47
N HIS A 582 8.49 -2.53 36.86
CA HIS A 582 7.23 -1.86 37.28
C HIS A 582 6.03 -2.11 36.37
N ARG A 583 6.06 -3.22 35.63
CA ARG A 583 4.96 -3.65 34.73
C ARG A 583 3.55 -3.63 35.31
N HIS A 584 3.45 -3.90 36.61
CA HIS A 584 2.16 -3.90 37.28
C HIS A 584 1.66 -2.50 37.54
N TYR A 585 2.57 -1.55 37.77
CA TYR A 585 2.18 -0.14 37.81
C TYR A 585 1.84 0.37 36.42
N CYS A 586 2.59 -0.08 35.41
CA CYS A 586 2.33 0.29 34.01
C CYS A 586 0.88 0.11 33.54
N VAL A 587 0.08 -0.73 34.21
CA VAL A 587 -1.39 -0.83 33.94
C VAL A 587 -2.16 0.48 34.24
N THR A 588 -1.64 1.27 35.17
CA THR A 588 -2.16 2.62 35.48
C THR A 588 -1.93 3.63 34.35
N ILE A 589 -0.90 3.41 33.54
CA ILE A 589 -0.62 4.23 32.37
C ILE A 589 -0.82 3.37 31.12
N PRO A 590 -2.07 3.04 30.75
CA PRO A 590 -2.30 2.14 29.61
C PRO A 590 -1.39 2.38 28.38
N GLU A 591 -1.20 3.64 28.02
CA GLU A 591 -0.51 4.06 26.79
C GLU A 591 0.99 3.71 26.76
N ILE A 592 1.57 3.33 27.90
CA ILE A 592 2.96 2.83 27.98
C ILE A 592 3.18 1.47 27.30
N LEU A 593 2.11 0.69 27.09
CA LEU A 593 2.19 -0.70 26.59
C LEU A 593 3.19 -0.96 25.46
N PRO A 594 3.15 -0.14 24.37
CA PRO A 594 4.15 -0.33 23.29
C PRO A 594 5.58 -0.39 23.76
N LYS A 595 5.89 0.44 24.76
CA LYS A 595 7.24 0.54 25.34
C LYS A 595 7.53 -0.65 26.23
N LEU A 596 6.53 -1.03 27.03
CA LEU A 596 6.62 -2.19 27.91
C LEU A 596 6.92 -3.45 27.14
N LEU A 597 6.18 -3.66 26.05
CA LEU A 597 6.32 -4.85 25.23
C LEU A 597 7.70 -5.05 24.62
N LEU A 598 8.36 -3.95 24.28
CA LEU A 598 9.72 -4.01 23.76
C LEU A 598 10.74 -4.23 24.87
N SER A 599 10.31 -4.05 26.13
CA SER A 599 11.14 -4.29 27.30
C SER A 599 11.12 -5.75 27.73
N VAL A 600 10.07 -6.48 27.37
CA VAL A 600 9.96 -7.91 27.72
C VAL A 600 11.08 -8.66 27.03
N LYS A 601 11.55 -9.73 27.68
CA LYS A 601 12.49 -10.65 27.05
C LYS A 601 11.63 -11.74 26.48
N TRP A 602 11.54 -11.75 25.16
CA TRP A 602 10.69 -12.70 24.43
C TRP A 602 11.33 -14.08 24.35
N ASN A 603 12.66 -14.14 24.56
CA ASN A 603 13.38 -15.39 24.85
C ASN A 603 13.36 -15.89 26.29
N SER A 604 12.44 -15.41 27.12
CA SER A 604 12.21 -15.96 28.47
C SER A 604 10.72 -16.19 28.66
N ARG A 605 10.28 -17.43 28.42
CA ARG A 605 8.87 -17.79 28.56
C ARG A 605 8.27 -17.44 29.91
N ASP A 606 9.10 -17.37 30.96
CA ASP A 606 8.72 -16.84 32.27
C ASP A 606 8.09 -15.47 32.11
N GLU A 607 8.89 -14.55 31.56
CA GLU A 607 8.47 -13.17 31.36
C GLU A 607 7.26 -13.08 30.42
N VAL A 608 7.37 -13.72 29.24
CA VAL A 608 6.32 -13.67 28.23
C VAL A 608 4.98 -14.16 28.80
N ALA A 609 5.01 -15.29 29.50
CA ALA A 609 3.78 -15.83 30.07
C ALA A 609 3.06 -14.82 30.99
N GLN A 610 3.82 -13.99 31.70
CA GLN A 610 3.24 -12.98 32.58
C GLN A 610 2.71 -11.82 31.77
N MET A 611 3.49 -11.42 30.76
CA MET A 611 3.09 -10.37 29.82
C MET A 611 1.78 -10.74 29.15
N TYR A 612 1.65 -12.01 28.76
CA TYR A 612 0.38 -12.56 28.28
C TYR A 612 -0.82 -12.32 29.22
N CYS A 613 -0.58 -12.35 30.52
CA CYS A 613 -1.63 -12.12 31.53
C CYS A 613 -1.90 -10.65 31.81
N LEU A 614 -0.92 -9.80 31.54
CA LEU A 614 -1.14 -8.36 31.60
C LEU A 614 -2.02 -7.90 30.42
N VAL A 615 -1.58 -8.26 29.22
CA VAL A 615 -2.29 -7.96 27.97
C VAL A 615 -3.72 -8.52 27.99
N LYS A 616 -3.93 -9.66 28.65
CA LYS A 616 -5.26 -10.25 28.76
C LYS A 616 -6.32 -9.21 29.15
N ASP A 617 -6.03 -8.40 30.17
CA ASP A 617 -6.97 -7.37 30.63
C ASP A 617 -6.27 -6.06 30.97
N TRP A 618 -5.50 -5.58 29.99
CA TRP A 618 -4.92 -4.25 30.01
C TRP A 618 -6.03 -3.36 29.51
N PRO A 619 -6.18 -2.15 30.07
CA PRO A 619 -7.17 -1.20 29.56
C PRO A 619 -7.03 -0.96 28.05
N PRO A 620 -8.15 -0.91 27.31
CA PRO A 620 -8.11 -0.46 25.93
C PRO A 620 -7.45 0.90 25.81
N ILE A 621 -6.78 1.13 24.70
CA ILE A 621 -6.18 2.41 24.38
C ILE A 621 -6.70 2.93 23.04
N LYS A 622 -6.41 4.20 22.77
CA LYS A 622 -6.96 4.89 21.63
C LYS A 622 -6.43 4.21 20.35
N PRO A 623 -7.27 4.05 19.32
CA PRO A 623 -6.87 3.42 18.04
C PRO A 623 -5.60 3.96 17.43
N GLU A 624 -5.39 5.26 17.53
CA GLU A 624 -4.17 5.90 17.03
C GLU A 624 -2.89 5.34 17.69
N GLN A 625 -3.05 4.79 18.90
CA GLN A 625 -1.97 4.16 19.68
C GLN A 625 -1.92 2.64 19.53
N ALA A 626 -3.10 2.02 19.49
CA ALA A 626 -3.23 0.59 19.24
C ALA A 626 -2.69 0.16 17.87
N MET A 627 -2.76 1.04 16.88
CA MET A 627 -2.26 0.75 15.54
C MET A 627 -0.75 0.53 15.45
N GLU A 628 0.00 1.08 16.40
CA GLU A 628 1.43 0.86 16.46
C GLU A 628 1.66 -0.62 16.62
N LEU A 629 0.80 -1.27 17.41
CA LEU A 629 0.93 -2.69 17.76
C LEU A 629 0.58 -3.66 16.62
N LEU A 630 0.15 -3.15 15.48
CA LEU A 630 0.01 -3.98 14.32
C LEU A 630 1.14 -3.74 13.31
N ASP A 631 2.09 -2.85 13.61
CA ASP A 631 3.30 -2.73 12.78
C ASP A 631 4.18 -3.96 12.98
N CYS A 632 5.28 -4.02 12.23
CA CYS A 632 6.15 -5.20 12.23
C CYS A 632 6.86 -5.48 13.55
N ASN A 633 7.02 -4.47 14.38
CA ASN A 633 7.63 -4.67 15.70
C ASN A 633 6.86 -5.52 16.70
N TYR A 634 5.56 -5.69 16.49
CA TYR A 634 4.76 -6.52 17.42
C TYR A 634 4.05 -7.68 16.73
N PRO A 635 4.79 -8.80 16.55
CA PRO A 635 4.20 -9.97 15.90
C PRO A 635 3.40 -10.89 16.81
N ASP A 636 3.47 -10.75 18.12
CA ASP A 636 2.75 -11.68 18.99
C ASP A 636 1.23 -11.71 18.76
N PRO A 637 0.60 -12.90 18.75
CA PRO A 637 -0.86 -12.97 18.54
C PRO A 637 -1.72 -12.33 19.60
N MET A 638 -1.32 -12.42 20.86
CA MET A 638 -2.10 -11.86 21.95
C MET A 638 -2.07 -10.34 21.93
N VAL A 639 -0.92 -9.78 21.58
CA VAL A 639 -0.73 -8.34 21.46
C VAL A 639 -1.59 -7.80 20.32
N ARG A 640 -1.54 -8.45 19.17
CA ARG A 640 -2.29 -8.00 18.01
C ARG A 640 -3.76 -8.19 18.20
N GLY A 641 -4.14 -9.20 18.97
CA GLY A 641 -5.55 -9.40 19.31
C GLY A 641 -6.09 -8.26 20.16
N PHE A 642 -5.29 -7.84 21.14
CA PHE A 642 -5.57 -6.68 21.99
C PHE A 642 -5.74 -5.43 21.13
N ALA A 643 -4.80 -5.21 20.21
CA ALA A 643 -4.88 -4.10 19.26
C ALA A 643 -6.20 -4.09 18.52
N VAL A 644 -6.60 -5.25 18.00
CA VAL A 644 -7.86 -5.37 17.30
C VAL A 644 -9.02 -5.10 18.26
N ARG A 645 -8.92 -5.55 19.51
CA ARG A 645 -9.97 -5.26 20.52
C ARG A 645 -10.16 -3.76 20.79
N CYS A 646 -9.06 -2.99 20.73
CA CYS A 646 -9.09 -1.53 20.80
C CYS A 646 -9.90 -0.92 19.62
N LEU A 647 -9.52 -1.27 18.40
CA LEU A 647 -10.27 -0.91 17.20
C LEU A 647 -11.76 -1.26 17.28
N GLU A 648 -12.06 -2.47 17.73
CA GLU A 648 -13.45 -2.93 17.81
C GLU A 648 -14.30 -2.05 18.71
N LYS A 649 -13.68 -1.53 19.78
CA LYS A 649 -14.35 -0.59 20.66
C LYS A 649 -14.41 0.81 20.03
N TYR A 650 -13.25 1.40 19.80
CA TYR A 650 -13.15 2.84 19.56
C TYR A 650 -13.27 3.30 18.09
N LEU A 651 -12.57 2.63 17.19
CA LEU A 651 -12.43 3.08 15.79
C LEU A 651 -13.76 3.21 15.02
N THR A 652 -14.17 4.45 14.76
CA THR A 652 -15.39 4.70 14.01
C THR A 652 -15.20 4.39 12.54
N ASP A 653 -16.27 4.03 11.84
CA ASP A 653 -16.23 3.82 10.38
C ASP A 653 -15.66 4.98 9.62
N ASP A 654 -15.80 6.19 10.16
CA ASP A 654 -15.13 7.36 9.61
C ASP A 654 -13.62 7.12 9.70
N LYS A 655 -13.15 6.93 10.92
CA LYS A 655 -11.73 6.89 11.25
C LYS A 655 -11.04 5.70 10.60
N LEU A 656 -11.77 4.58 10.49
CA LEU A 656 -11.30 3.35 9.82
C LEU A 656 -11.02 3.61 8.37
N SER A 657 -11.95 4.27 7.67
CA SER A 657 -11.76 4.50 6.23
C SER A 657 -10.70 5.59 5.94
N GLN A 658 -10.28 6.31 6.95
CA GLN A 658 -9.16 7.24 6.82
C GLN A 658 -7.85 6.46 6.84
N TYR A 659 -7.76 5.57 7.83
CA TYR A 659 -6.61 4.68 8.04
C TYR A 659 -6.69 3.31 7.35
N LEU A 660 -7.60 3.13 6.39
CA LEU A 660 -7.79 1.82 5.77
C LEU A 660 -6.54 1.37 5.03
N ILE A 661 -5.84 2.31 4.38
CA ILE A 661 -4.59 1.97 3.68
C ILE A 661 -3.58 1.29 4.56
N GLN A 662 -3.34 1.84 5.75
CA GLN A 662 -2.36 1.28 6.67
C GLN A 662 -2.85 -0.04 7.23
N LEU A 663 -4.15 -0.16 7.46
CA LEU A 663 -4.70 -1.42 8.00
C LEU A 663 -4.64 -2.59 7.01
N VAL A 664 -4.77 -2.31 5.72
CA VAL A 664 -4.62 -3.33 4.69
C VAL A 664 -3.17 -3.76 4.57
N GLN A 665 -2.26 -2.80 4.57
CA GLN A 665 -0.81 -3.07 4.49
C GLN A 665 -0.32 -3.91 5.64
N VAL A 666 -0.87 -3.66 6.81
CA VAL A 666 -0.40 -4.26 8.02
C VAL A 666 -0.70 -5.77 8.02
N LEU A 667 -1.71 -6.20 7.25
CA LEU A 667 -1.96 -7.61 6.96
C LEU A 667 -0.70 -8.39 6.52
N LYS A 668 0.24 -7.74 5.85
CA LYS A 668 1.52 -8.37 5.52
C LYS A 668 2.30 -8.93 6.72
N TYR A 669 2.26 -8.25 7.85
CA TYR A 669 3.00 -8.69 9.04
C TYR A 669 2.26 -9.72 9.90
N GLU A 670 1.05 -10.09 9.51
CA GLU A 670 0.36 -11.13 10.24
C GLU A 670 1.03 -12.43 9.79
N GLN A 671 1.25 -13.36 10.72
CA GLN A 671 1.93 -14.64 10.43
C GLN A 671 1.10 -15.59 9.54
N TYR A 672 -0.20 -15.65 9.79
CA TYR A 672 -1.06 -16.64 9.13
C TYR A 672 -2.24 -15.99 8.42
N LEU A 673 -2.91 -16.73 7.54
CA LEU A 673 -4.00 -16.17 6.74
C LEU A 673 -5.24 -15.80 7.55
N ASP A 674 -5.61 -16.71 8.41
CA ASP A 674 -6.71 -16.54 9.32
C ASP A 674 -6.14 -15.94 10.61
N ASN A 675 -6.70 -14.79 10.99
CA ASN A 675 -6.26 -14.02 12.16
C ASN A 675 -7.30 -12.95 12.46
N LEU A 676 -7.20 -12.29 13.60
CA LEU A 676 -8.26 -11.40 14.08
C LEU A 676 -8.41 -10.12 13.25
N LEU A 677 -7.28 -9.48 12.97
CA LEU A 677 -7.28 -8.29 12.11
C LEU A 677 -8.04 -8.48 10.79
N VAL A 678 -7.75 -9.54 10.05
CA VAL A 678 -8.45 -9.87 8.80
C VAL A 678 -9.96 -9.98 8.98
N ARG A 679 -10.35 -10.67 10.04
CA ARG A 679 -11.74 -10.90 10.36
C ARG A 679 -12.46 -9.58 10.74
N PHE A 680 -11.72 -8.68 11.41
CA PHE A 680 -12.22 -7.34 11.74
C PHE A 680 -12.51 -6.54 10.49
N LEU A 681 -11.47 -6.36 9.68
CA LEU A 681 -11.54 -5.60 8.45
C LEU A 681 -12.58 -6.18 7.48
N LEU A 682 -12.57 -7.50 7.28
CA LEU A 682 -13.52 -8.11 6.33
C LEU A 682 -14.97 -7.84 6.72
N LYS A 683 -15.26 -7.95 8.01
CA LYS A 683 -16.62 -7.71 8.49
C LYS A 683 -17.02 -6.27 8.26
N LYS A 684 -16.13 -5.33 8.55
CA LYS A 684 -16.41 -3.91 8.29
C LYS A 684 -16.68 -3.65 6.83
N ALA A 685 -15.86 -4.21 5.96
CA ALA A 685 -16.04 -4.10 4.51
C ALA A 685 -17.43 -4.58 4.04
N LEU A 686 -17.90 -5.67 4.63
CA LEU A 686 -19.21 -6.25 4.30
C LEU A 686 -20.41 -5.58 5.00
N THR A 687 -20.11 -4.74 5.98
CA THR A 687 -21.04 -3.98 6.79
C THR A 687 -21.36 -2.59 6.25
N ASN A 688 -20.48 -2.06 5.41
CA ASN A 688 -20.45 -0.63 5.06
C ASN A 688 -19.83 -0.52 3.69
N GLN A 689 -20.66 -0.24 2.69
CA GLN A 689 -20.23 -0.40 1.29
C GLN A 689 -19.16 0.60 0.84
N ARG A 690 -19.00 1.71 1.58
CA ARG A 690 -18.01 2.72 1.26
C ARG A 690 -16.60 2.24 1.62
N ILE A 691 -16.46 1.60 2.78
CA ILE A 691 -15.21 0.93 3.15
C ILE A 691 -14.95 -0.23 2.20
N GLY A 692 -15.96 -1.06 2.02
CA GLY A 692 -15.87 -2.19 1.12
C GLY A 692 -15.29 -1.81 -0.22
N HIS A 693 -15.69 -0.65 -0.75
CA HIS A 693 -15.17 -0.19 -2.02
C HIS A 693 -13.64 -0.02 -1.98
N PHE A 694 -13.16 0.80 -1.05
CA PHE A 694 -11.73 1.12 -0.97
C PHE A 694 -10.89 -0.06 -0.48
N PHE A 695 -11.54 -0.94 0.27
CA PHE A 695 -10.95 -2.22 0.64
C PHE A 695 -10.67 -3.04 -0.62
N PHE A 696 -11.66 -3.18 -1.49
CA PHE A 696 -11.46 -3.94 -2.72
C PHE A 696 -10.26 -3.40 -3.48
N TRP A 697 -10.34 -2.13 -3.86
CA TRP A 697 -9.29 -1.49 -4.67
C TRP A 697 -7.90 -1.53 -4.03
N HIS A 698 -7.78 -1.32 -2.73
CA HIS A 698 -6.44 -1.42 -2.10
C HIS A 698 -5.79 -2.79 -2.14
N LEU A 699 -6.60 -3.85 -2.06
CA LEU A 699 -6.15 -5.21 -2.18
C LEU A 699 -5.89 -5.49 -3.64
N LYS A 700 -6.88 -5.22 -4.46
CA LYS A 700 -6.81 -5.45 -5.90
C LYS A 700 -5.59 -4.79 -6.50
N SER A 701 -5.31 -3.57 -6.03
CA SER A 701 -4.12 -2.79 -6.40
C SER A 701 -2.84 -3.61 -6.34
N GLU A 702 -2.62 -4.27 -5.21
CA GLU A 702 -1.38 -4.98 -4.94
C GLU A 702 -1.36 -6.43 -5.47
N MET A 703 -2.34 -6.84 -6.27
CA MET A 703 -2.42 -8.23 -6.67
C MET A 703 -1.24 -8.76 -7.49
N HIS A 704 -0.53 -7.88 -8.19
CA HIS A 704 0.68 -8.25 -8.93
C HIS A 704 1.82 -8.62 -8.00
N ASN A 705 1.93 -7.95 -6.87
CA ASN A 705 3.03 -8.16 -5.92
C ASN A 705 2.96 -9.56 -5.28
N LYS A 706 3.81 -10.47 -5.77
CA LYS A 706 3.78 -11.88 -5.38
C LYS A 706 4.07 -12.17 -3.90
N THR A 707 4.55 -11.17 -3.15
CA THR A 707 4.59 -11.32 -1.70
C THR A 707 3.21 -11.34 -1.05
N VAL A 708 2.19 -10.77 -1.70
CA VAL A 708 0.83 -10.77 -1.13
C VAL A 708 -0.32 -11.29 -1.98
N SER A 709 -0.06 -11.61 -3.25
CA SER A 709 -1.11 -12.09 -4.17
C SER A 709 -2.03 -13.14 -3.57
N GLN A 710 -1.45 -14.19 -3.00
CA GLN A 710 -2.25 -15.32 -2.56
C GLN A 710 -3.13 -14.90 -1.40
N ARG A 711 -2.52 -14.18 -0.47
CA ARG A 711 -3.23 -13.74 0.73
C ARG A 711 -4.38 -12.79 0.38
N PHE A 712 -4.04 -11.74 -0.36
CA PHE A 712 -5.02 -10.75 -0.86
C PHE A 712 -6.04 -11.36 -1.83
N GLY A 713 -5.61 -12.25 -2.71
CA GLY A 713 -6.55 -12.93 -3.58
C GLY A 713 -7.58 -13.71 -2.78
N LEU A 714 -7.11 -14.41 -1.76
CA LEU A 714 -7.98 -15.21 -0.93
C LEU A 714 -9.04 -14.33 -0.24
N LEU A 715 -8.59 -13.16 0.23
CA LEU A 715 -9.44 -12.22 0.96
C LEU A 715 -10.43 -11.58 0.01
N LEU A 716 -9.92 -11.17 -1.16
CA LEU A 716 -10.77 -10.66 -2.25
C LEU A 716 -11.89 -11.62 -2.64
N GLU A 717 -11.58 -12.91 -2.68
CA GLU A 717 -12.60 -13.91 -2.95
C GLU A 717 -13.72 -13.88 -1.92
N SER A 718 -13.37 -13.87 -0.64
CA SER A 718 -14.34 -13.79 0.46
C SER A 718 -15.28 -12.61 0.29
N TYR A 719 -14.67 -11.42 0.15
CA TYR A 719 -15.39 -10.18 0.01
C TYR A 719 -16.36 -10.30 -1.14
N CYS A 720 -15.82 -10.68 -2.31
CA CYS A 720 -16.60 -10.70 -3.55
C CYS A 720 -17.78 -11.66 -3.47
N ARG A 721 -17.56 -12.76 -2.78
CA ARG A 721 -18.59 -13.75 -2.55
C ARG A 721 -19.74 -13.22 -1.68
N ALA A 722 -19.42 -12.36 -0.71
CA ALA A 722 -20.38 -11.89 0.30
C ALA A 722 -20.85 -10.44 0.19
N CYS A 723 -20.22 -9.63 -0.67
CA CYS A 723 -20.54 -8.16 -0.75
C CYS A 723 -21.91 -7.77 -1.39
N GLY A 724 -22.49 -8.67 -2.19
CA GLY A 724 -23.86 -8.50 -2.66
C GLY A 724 -23.91 -8.02 -4.08
N MET A 725 -24.77 -7.06 -4.36
CA MET A 725 -24.85 -6.51 -5.72
C MET A 725 -23.63 -5.74 -6.14
N TYR A 726 -22.91 -5.18 -5.16
CA TYR A 726 -21.73 -4.37 -5.46
C TYR A 726 -20.68 -5.06 -6.33
N LEU A 727 -20.59 -6.38 -6.27
CA LEU A 727 -19.73 -7.11 -7.20
C LEU A 727 -19.99 -6.70 -8.67
N LYS A 728 -21.26 -6.65 -9.07
CA LYS A 728 -21.62 -6.27 -10.46
C LYS A 728 -21.17 -4.86 -10.83
N HIS A 729 -21.23 -3.96 -9.85
CA HIS A 729 -20.72 -2.63 -9.96
C HIS A 729 -19.22 -2.57 -10.04
N LEU A 730 -18.54 -3.31 -9.17
CA LEU A 730 -17.08 -3.39 -9.17
C LEU A 730 -16.59 -3.99 -10.46
N ASN A 731 -17.25 -5.05 -10.94
CA ASN A 731 -16.84 -5.65 -12.20
C ASN A 731 -16.86 -4.67 -13.35
N ARG A 732 -17.76 -3.70 -13.30
CA ARG A 732 -17.80 -2.64 -14.32
C ARG A 732 -16.66 -1.62 -14.18
N GLN A 733 -16.33 -1.25 -12.95
CA GLN A 733 -15.18 -0.42 -12.70
C GLN A 733 -13.95 -1.19 -13.19
N VAL A 734 -13.84 -2.44 -12.76
CA VAL A 734 -12.72 -3.30 -13.15
C VAL A 734 -12.55 -3.44 -14.67
N GLU A 735 -13.67 -3.60 -15.38
CA GLU A 735 -13.63 -3.69 -16.86
C GLU A 735 -13.23 -2.38 -17.53
N ALA A 736 -13.71 -1.27 -16.99
CA ALA A 736 -13.38 0.04 -17.51
C ALA A 736 -11.88 0.29 -17.41
N MET A 737 -11.30 -0.02 -16.25
CA MET A 737 -9.87 0.17 -16.06
C MET A 737 -9.02 -0.76 -16.98
N GLU A 738 -9.43 -2.01 -17.18
CA GLU A 738 -8.70 -2.88 -18.13
C GLU A 738 -8.69 -2.30 -19.52
N LYS A 739 -9.74 -1.59 -19.91
CA LYS A 739 -9.79 -0.96 -21.24
C LYS A 739 -8.85 0.22 -21.35
N LEU A 740 -8.89 1.09 -20.33
CA LEU A 740 -7.93 2.19 -20.24
C LEU A 740 -6.47 1.70 -20.24
N ILE A 741 -6.20 0.57 -19.58
CA ILE A 741 -4.85 -0.01 -19.52
C ILE A 741 -4.39 -0.46 -20.91
N ASN A 742 -5.20 -1.24 -21.61
CA ASN A 742 -4.86 -1.65 -22.99
C ASN A 742 -4.69 -0.49 -23.94
N LEU A 743 -5.53 0.53 -23.80
CA LEU A 743 -5.51 1.69 -24.69
C LEU A 743 -4.20 2.48 -24.52
N THR A 744 -3.91 2.85 -23.27
CA THR A 744 -2.68 3.57 -22.97
C THR A 744 -1.46 2.71 -23.23
N ASP A 745 -1.57 1.40 -22.99
CA ASP A 745 -0.46 0.50 -23.33
C ASP A 745 -0.10 0.62 -24.80
N ILE A 746 -1.09 0.77 -25.69
CA ILE A 746 -0.80 0.88 -27.15
C ILE A 746 -0.15 2.21 -27.48
N LEU A 747 -0.71 3.29 -26.93
CA LEU A 747 -0.16 4.62 -27.13
C LEU A 747 1.29 4.66 -26.70
N LYS A 748 1.59 4.10 -25.54
CA LYS A 748 2.93 4.20 -25.00
C LYS A 748 3.99 3.40 -25.76
N GLN A 749 3.56 2.37 -26.49
CA GLN A 749 4.47 1.39 -27.07
C GLN A 749 4.56 1.43 -28.58
N GLU A 750 3.42 1.60 -29.25
CA GLU A 750 3.37 1.55 -30.71
C GLU A 750 3.02 2.87 -31.38
N LYS A 751 2.24 3.71 -30.70
CA LYS A 751 1.89 5.06 -31.22
C LYS A 751 2.76 6.18 -30.62
N LYS A 752 3.98 5.83 -30.23
CA LYS A 752 5.03 6.83 -29.97
C LYS A 752 5.71 7.13 -31.32
N ASP A 753 6.46 8.22 -31.36
CA ASP A 753 6.99 8.78 -32.63
C ASP A 753 5.87 9.17 -33.62
N GLU A 754 4.68 9.46 -33.09
CA GLU A 754 3.51 9.90 -33.84
C GLU A 754 3.04 11.16 -33.17
N THR A 755 2.67 12.17 -33.96
CA THR A 755 2.29 13.47 -33.41
C THR A 755 1.06 13.33 -32.51
N GLN A 756 0.99 14.20 -31.50
CA GLN A 756 -0.19 14.32 -30.65
C GLN A 756 -1.44 14.19 -31.52
N LYS A 757 -1.46 14.93 -32.62
CA LYS A 757 -2.57 14.91 -33.57
C LYS A 757 -2.93 13.45 -33.97
N VAL A 758 -1.93 12.65 -34.30
CA VAL A 758 -2.17 11.25 -34.72
C VAL A 758 -2.62 10.35 -33.55
N GLN A 759 -1.94 10.47 -32.41
CA GLN A 759 -2.33 9.73 -31.18
C GLN A 759 -3.77 10.05 -30.79
N MET A 760 -4.12 11.33 -30.74
CA MET A 760 -5.48 11.80 -30.40
C MET A 760 -6.55 11.29 -31.33
N LYS A 761 -6.21 11.06 -32.60
CA LYS A 761 -7.18 10.51 -33.54
C LYS A 761 -7.41 9.06 -33.18
N PHE A 762 -6.33 8.30 -33.09
CA PHE A 762 -6.39 6.91 -32.62
C PHE A 762 -7.22 6.77 -31.33
N LEU A 763 -6.99 7.64 -30.34
CA LEU A 763 -7.74 7.60 -29.07
C LEU A 763 -9.24 7.67 -29.33
N VAL A 764 -9.65 8.77 -29.97
CA VAL A 764 -11.06 9.04 -30.23
C VAL A 764 -11.70 7.92 -31.06
N GLU A 765 -11.02 7.50 -32.12
CA GLU A 765 -11.43 6.35 -32.93
C GLU A 765 -11.82 5.14 -32.08
N GLN A 766 -10.96 4.78 -31.11
CA GLN A 766 -11.15 3.60 -30.23
C GLN A 766 -12.26 3.78 -29.23
N MET A 767 -12.38 4.98 -28.68
CA MET A 767 -13.43 5.26 -27.73
C MET A 767 -14.82 5.19 -28.42
N ARG A 768 -14.88 5.31 -29.74
CA ARG A 768 -16.16 5.23 -30.47
C ARG A 768 -16.61 3.82 -30.78
N ARG A 769 -15.70 2.86 -30.67
CA ARG A 769 -16.08 1.48 -30.92
C ARG A 769 -17.09 1.03 -29.84
N PRO A 770 -18.08 0.19 -30.21
CA PRO A 770 -19.16 -0.23 -29.29
C PRO A 770 -18.74 -0.81 -27.92
N ASP A 771 -17.66 -1.58 -27.90
CA ASP A 771 -17.16 -2.18 -26.68
C ASP A 771 -16.62 -1.15 -25.70
N PHE A 772 -15.95 -0.11 -26.21
CA PHE A 772 -15.45 0.98 -25.35
C PHE A 772 -16.61 1.79 -24.88
N MET A 773 -17.55 2.07 -25.79
CA MET A 773 -18.75 2.80 -25.41
C MET A 773 -19.45 2.07 -24.29
N ASP A 774 -19.74 0.80 -24.52
CA ASP A 774 -20.27 -0.10 -23.50
C ASP A 774 -19.49 -0.02 -22.19
N ALA A 775 -18.20 -0.31 -22.27
CA ALA A 775 -17.37 -0.49 -21.08
C ALA A 775 -17.11 0.78 -20.29
N LEU A 776 -17.01 1.92 -20.99
CA LEU A 776 -16.57 3.18 -20.36
C LEU A 776 -17.67 4.19 -20.08
N GLN A 777 -18.94 3.79 -20.15
CA GLN A 777 -20.02 4.73 -19.90
C GLN A 777 -20.82 4.52 -18.62
N GLY A 778 -21.39 3.37 -18.39
CA GLY A 778 -22.33 3.34 -17.25
C GLY A 778 -21.70 2.78 -16.02
N PHE A 779 -20.96 3.59 -15.26
CA PHE A 779 -20.26 3.06 -14.05
C PHE A 779 -19.91 4.08 -12.98
N LEU A 780 -19.48 3.62 -11.81
CA LEU A 780 -19.15 4.54 -10.70
C LEU A 780 -17.67 4.84 -10.67
N SER A 781 -17.29 6.06 -10.29
CA SER A 781 -15.89 6.42 -10.28
C SER A 781 -15.23 5.66 -9.13
N PRO A 782 -14.08 5.03 -9.38
CA PRO A 782 -13.36 4.46 -8.26
C PRO A 782 -12.82 5.48 -7.24
N LEU A 783 -12.59 6.72 -7.65
CA LEU A 783 -12.17 7.78 -6.71
C LEU A 783 -13.23 8.10 -5.66
N ASN A 784 -14.49 7.89 -6.02
CA ASN A 784 -15.61 8.07 -5.12
C ASN A 784 -16.87 7.49 -5.72
N PRO A 785 -17.30 6.30 -5.26
CA PRO A 785 -18.43 5.64 -5.91
C PRO A 785 -19.77 6.36 -5.81
N ALA A 786 -19.88 7.36 -4.94
CA ALA A 786 -21.06 8.27 -4.95
C ALA A 786 -21.23 9.00 -6.25
N HIS A 787 -20.15 9.13 -7.02
CA HIS A 787 -20.22 9.78 -8.31
C HIS A 787 -20.47 8.75 -9.36
N GLN A 788 -21.63 8.84 -9.99
CA GLN A 788 -21.89 8.05 -11.18
C GLN A 788 -21.16 8.69 -12.35
N LEU A 789 -20.63 7.88 -13.24
CA LEU A 789 -20.09 8.35 -14.49
C LEU A 789 -21.03 7.88 -15.59
N GLY A 790 -21.52 8.84 -16.38
CA GLY A 790 -22.57 8.59 -17.36
C GLY A 790 -22.00 8.44 -18.74
N ASN A 791 -22.51 9.19 -19.71
CA ASN A 791 -21.92 9.14 -21.04
C ASN A 791 -20.57 9.84 -21.08
N LEU A 792 -19.73 9.39 -21.99
CA LEU A 792 -18.46 10.02 -22.26
C LEU A 792 -18.71 11.21 -23.15
N ARG A 793 -18.05 12.32 -22.83
CA ARG A 793 -18.01 13.45 -23.73
C ARG A 793 -16.62 13.44 -24.35
N LEU A 794 -16.54 12.79 -25.51
CA LEU A 794 -15.27 12.58 -26.24
C LEU A 794 -14.62 13.87 -26.75
N GLU A 795 -15.41 14.91 -26.91
CA GLU A 795 -14.93 16.22 -27.36
C GLU A 795 -14.08 16.88 -26.29
N GLU A 796 -14.32 16.52 -25.03
CA GLU A 796 -13.57 17.03 -23.89
C GLU A 796 -12.54 16.00 -23.35
N CYS A 797 -12.42 14.87 -24.02
CA CYS A 797 -11.44 13.84 -23.69
C CYS A 797 -10.19 14.03 -24.51
N ARG A 798 -9.04 13.99 -23.86
CA ARG A 798 -7.78 14.09 -24.60
C ARG A 798 -6.61 13.43 -23.87
N ILE A 799 -5.52 13.21 -24.61
CA ILE A 799 -4.22 12.84 -24.02
C ILE A 799 -3.49 14.12 -23.55
N MET A 800 -3.08 14.16 -22.30
CA MET A 800 -2.24 15.24 -21.85
C MET A 800 -0.82 15.24 -22.44
N SER A 801 -0.15 16.37 -22.27
CA SER A 801 1.18 16.60 -22.87
C SER A 801 2.31 15.72 -22.34
N SER A 802 2.16 15.18 -21.12
CA SER A 802 3.15 14.32 -20.50
C SER A 802 3.57 13.13 -21.36
N ALA A 803 4.82 12.71 -21.20
CA ALA A 803 5.34 11.55 -21.94
C ALA A 803 4.77 10.21 -21.45
N LYS A 804 4.15 10.20 -20.26
CA LYS A 804 3.50 9.01 -19.72
C LYS A 804 2.17 8.76 -20.45
N ARG A 805 1.70 9.76 -21.19
CA ARG A 805 0.46 9.66 -21.99
C ARG A 805 -0.77 9.43 -21.09
N PRO A 806 -0.94 10.29 -20.06
CA PRO A 806 -2.17 10.24 -19.28
C PRO A 806 -3.36 10.57 -20.14
N LEU A 807 -4.50 9.99 -19.79
CA LEU A 807 -5.77 10.34 -20.39
C LEU A 807 -6.49 11.32 -19.47
N TRP A 808 -6.98 12.40 -20.08
CA TRP A 808 -7.93 13.31 -19.47
C TRP A 808 -9.30 12.87 -19.98
N LEU A 809 -10.17 12.40 -19.07
CA LEU A 809 -11.46 11.86 -19.44
C LEU A 809 -12.58 12.66 -18.80
N ASN A 810 -13.70 12.73 -19.51
CA ASN A 810 -14.84 13.56 -19.13
C ASN A 810 -16.15 12.77 -19.25
N TRP A 811 -16.93 12.74 -18.19
CA TRP A 811 -18.20 11.98 -18.17
C TRP A 811 -19.34 12.91 -17.78
N GLU A 812 -20.50 12.70 -18.41
CA GLU A 812 -21.73 13.43 -18.04
C GLU A 812 -22.23 12.90 -16.72
N ASN A 813 -22.44 13.76 -15.74
CA ASN A 813 -23.02 13.35 -14.44
C ASN A 813 -24.52 13.02 -14.61
N PRO A 814 -24.92 11.73 -14.57
CA PRO A 814 -26.29 11.42 -14.99
C PRO A 814 -27.38 11.58 -13.91
N ASP A 815 -27.01 12.07 -12.71
CA ASP A 815 -27.95 12.51 -11.66
C ASP A 815 -29.05 13.40 -12.19
N ILE A 816 -30.18 13.45 -11.50
CA ILE A 816 -31.33 14.27 -11.93
C ILE A 816 -31.01 15.76 -11.70
N MET A 817 -30.29 16.05 -10.62
CA MET A 817 -29.81 17.38 -10.27
C MET A 817 -28.30 17.60 -10.56
N SEP A 818 -27.81 17.04 -11.68
CA SEP A 818 -26.41 17.21 -12.10
CB SEP A 818 -26.23 16.89 -13.58
OG SEP A 818 -27.33 16.09 -14.03
C SEP A 818 -26.04 18.63 -11.88
O SEP A 818 -25.10 18.95 -11.15
P SEP A 818 -27.97 16.02 -15.54
O1P SEP A 818 -27.84 14.58 -15.97
O2P SEP A 818 -29.41 16.43 -15.32
O3P SEP A 818 -27.14 16.99 -16.37
N GLU A 819 -26.86 19.48 -12.47
CA GLU A 819 -26.67 20.92 -12.53
C GLU A 819 -26.37 21.53 -11.17
N LEU A 820 -27.13 21.13 -10.16
CA LEU A 820 -26.91 21.62 -8.80
C LEU A 820 -25.58 21.23 -8.13
N LEU A 821 -24.79 20.34 -8.74
CA LEU A 821 -23.48 19.93 -8.20
C LEU A 821 -22.36 20.04 -9.22
N PHE A 822 -22.45 19.29 -10.31
CA PHE A 822 -21.55 19.48 -11.46
C PHE A 822 -22.07 18.70 -12.64
N GLN A 823 -22.23 19.34 -13.78
CA GLN A 823 -22.74 18.64 -14.97
C GLN A 823 -21.72 17.65 -15.54
N ASN A 824 -20.45 17.99 -15.40
CA ASN A 824 -19.40 17.11 -15.87
C ASN A 824 -18.51 16.68 -14.75
N ASN A 825 -17.96 15.47 -14.91
CA ASN A 825 -17.07 14.86 -13.94
C ASN A 825 -15.88 14.33 -14.68
N GLU A 826 -14.71 14.86 -14.35
CA GLU A 826 -13.52 14.56 -15.11
C GLU A 826 -12.37 14.14 -14.20
N ILE A 827 -11.70 13.05 -14.61
CA ILE A 827 -10.59 12.47 -13.85
C ILE A 827 -9.49 12.07 -14.83
N ILE A 828 -8.28 11.95 -14.28
CA ILE A 828 -7.11 11.60 -15.07
C ILE A 828 -6.73 10.15 -14.81
N PHE A 829 -6.63 9.36 -15.88
CA PHE A 829 -6.11 8.01 -15.81
C PHE A 829 -4.67 8.04 -16.26
N LYS A 830 -3.75 7.57 -15.41
CA LYS A 830 -2.31 7.58 -15.71
C LYS A 830 -1.62 6.21 -15.57
N ASN A 831 -1.44 5.57 -16.71
CA ASN A 831 -0.60 4.39 -16.81
C ASN A 831 0.85 4.80 -16.90
N GLY A 832 1.66 4.42 -15.94
CA GLY A 832 3.09 4.74 -15.97
C GLY A 832 3.76 5.00 -14.64
N ASP A 833 3.27 5.96 -13.88
CA ASP A 833 3.88 6.35 -12.61
C ASP A 833 3.27 5.52 -11.52
N ASP A 834 4.06 5.27 -10.50
CA ASP A 834 3.60 4.62 -9.30
C ASP A 834 2.92 5.67 -8.44
N LEU A 835 1.60 5.56 -8.33
CA LEU A 835 0.79 6.52 -7.62
C LEU A 835 0.84 6.43 -6.10
N ARG A 836 1.30 5.33 -5.52
CA ARG A 836 1.08 5.14 -4.07
C ARG A 836 1.89 6.01 -3.14
N GLN A 837 2.98 6.57 -3.64
CA GLN A 837 3.71 7.56 -2.84
C GLN A 837 2.84 8.79 -2.67
N ASP A 838 2.30 9.27 -3.79
CA ASP A 838 1.41 10.44 -3.78
C ASP A 838 0.19 10.21 -2.93
N MET A 839 -0.38 9.04 -3.08
CA MET A 839 -1.54 8.61 -2.31
C MET A 839 -1.29 8.74 -0.82
N LEU A 840 -0.11 8.28 -0.41
CA LEU A 840 0.27 8.37 0.96
C LEU A 840 0.45 9.82 1.39
N THR A 841 1.08 10.63 0.54
CA THR A 841 1.34 12.06 0.84
C THR A 841 0.02 12.80 1.07
N LEU A 842 -0.88 12.63 0.10
CA LEU A 842 -2.22 13.20 0.14
C LEU A 842 -2.97 12.75 1.39
N GLN A 843 -2.98 11.45 1.68
CA GLN A 843 -3.56 10.95 2.94
C GLN A 843 -2.98 11.65 4.19
N ILE A 844 -1.66 11.86 4.18
CA ILE A 844 -0.97 12.52 5.31
C ILE A 844 -1.48 13.97 5.42
N ILE A 845 -1.58 14.64 4.27
CA ILE A 845 -2.09 16.02 4.18
C ILE A 845 -3.53 16.13 4.69
N ARG A 846 -4.39 15.23 4.20
CA ARG A 846 -5.78 15.09 4.67
C ARG A 846 -5.85 15.05 6.19
N ILE A 847 -4.91 14.31 6.80
CA ILE A 847 -4.89 14.09 8.25
C ILE A 847 -4.37 15.31 8.99
N MET A 848 -3.34 15.94 8.43
CA MET A 848 -2.81 17.19 8.98
C MET A 848 -3.90 18.26 9.10
N GLU A 849 -4.63 18.46 8.00
CA GLU A 849 -5.74 19.38 7.97
C GLU A 849 -6.71 19.08 9.10
N ASN A 850 -7.17 17.83 9.17
CA ASN A 850 -8.14 17.42 10.20
C ASN A 850 -7.65 17.69 11.60
N ILE A 851 -6.39 17.40 11.87
CA ILE A 851 -5.79 17.71 13.17
C ILE A 851 -5.88 19.20 13.43
N TRP A 852 -5.43 19.99 12.46
CA TRP A 852 -5.40 21.44 12.56
C TRP A 852 -6.79 22.02 12.81
N GLN A 853 -7.69 21.76 11.87
CA GLN A 853 -9.05 22.28 11.87
C GLN A 853 -9.77 21.91 13.17
N ASN A 854 -9.82 20.62 13.49
CA ASN A 854 -10.53 20.15 14.69
C ASN A 854 -9.92 20.58 16.03
N GLN A 855 -8.73 21.18 15.98
CA GLN A 855 -8.14 21.91 17.11
C GLN A 855 -8.38 23.43 16.99
N GLY A 856 -9.34 23.81 16.16
CA GLY A 856 -9.66 25.20 15.85
C GLY A 856 -8.51 26.06 15.31
N LEU A 857 -8.03 25.77 14.10
CA LEU A 857 -7.14 26.70 13.38
C LEU A 857 -7.10 26.35 11.88
N ASP A 858 -7.49 27.32 11.05
CA ASP A 858 -8.03 27.09 9.72
C ASP A 858 -6.95 27.24 8.66
N LEU A 859 -6.31 26.14 8.32
CA LEU A 859 -5.31 26.11 7.27
C LEU A 859 -5.86 25.22 6.18
N ARG A 860 -6.05 25.74 4.98
CA ARG A 860 -6.84 25.00 4.02
C ARG A 860 -5.98 24.28 2.98
N MET A 861 -5.90 22.97 3.20
CA MET A 861 -5.22 22.04 2.33
C MET A 861 -6.25 21.52 1.33
N LEU A 862 -5.75 21.00 0.21
CA LEU A 862 -6.60 20.39 -0.83
C LEU A 862 -6.01 19.03 -1.20
N PRO A 863 -6.32 18.02 -0.39
CA PRO A 863 -5.86 16.69 -0.69
C PRO A 863 -6.70 16.08 -1.82
N TYR A 864 -6.33 16.41 -3.04
CA TYR A 864 -7.07 15.90 -4.19
C TYR A 864 -7.05 14.37 -4.20
N GLY A 865 -8.04 13.77 -4.81
CA GLY A 865 -8.14 12.31 -4.84
C GLY A 865 -7.11 11.59 -5.71
N CYS A 866 -6.39 10.66 -5.12
CA CYS A 866 -5.42 9.81 -5.84
C CYS A 866 -5.68 8.36 -5.48
N LEU A 867 -5.66 7.47 -6.46
CA LEU A 867 -5.90 6.05 -6.18
C LEU A 867 -5.13 5.10 -7.14
N SER A 868 -4.17 4.36 -6.60
CA SER A 868 -3.51 3.32 -7.39
C SER A 868 -4.43 2.13 -7.47
N ILE A 869 -4.53 1.56 -8.65
CA ILE A 869 -5.43 0.45 -8.96
C ILE A 869 -4.71 -0.71 -9.66
N GLY A 870 -3.39 -0.75 -9.53
CA GLY A 870 -2.57 -1.57 -10.39
C GLY A 870 -1.09 -1.34 -10.17
N ASP A 871 -0.27 -1.99 -10.98
CA ASP A 871 1.16 -1.77 -10.95
C ASP A 871 1.38 -0.53 -11.79
N CYS A 872 1.62 0.59 -11.12
CA CYS A 872 1.84 1.87 -11.81
C CYS A 872 0.71 2.29 -12.74
N VAL A 873 -0.52 2.21 -12.22
CA VAL A 873 -1.74 2.62 -12.93
C VAL A 873 -2.66 3.28 -11.93
N GLY A 874 -3.32 4.37 -12.31
CA GLY A 874 -4.13 5.13 -11.35
C GLY A 874 -5.11 6.19 -11.80
N LEU A 875 -5.89 6.67 -10.85
CA LEU A 875 -6.81 7.73 -11.07
C LEU A 875 -6.40 8.89 -10.21
N ILE A 876 -6.29 10.07 -10.84
CA ILE A 876 -6.17 11.34 -10.13
C ILE A 876 -7.39 12.23 -10.39
N GLU A 877 -7.96 12.73 -9.28
CA GLU A 877 -9.07 13.69 -9.30
C GLU A 877 -8.57 15.00 -9.87
N VAL A 878 -9.32 15.52 -10.85
CA VAL A 878 -9.11 16.86 -11.39
C VAL A 878 -9.75 17.94 -10.54
N VAL A 879 -8.97 18.95 -10.18
CA VAL A 879 -9.51 20.15 -9.59
C VAL A 879 -9.70 21.15 -10.73
N ARG A 880 -10.96 21.56 -10.97
CA ARG A 880 -11.29 22.57 -12.01
C ARG A 880 -10.86 23.96 -11.53
N ASN A 881 -10.67 24.87 -12.47
CA ASN A 881 -10.31 26.26 -12.15
C ASN A 881 -9.08 26.33 -11.29
N SER A 882 -8.05 25.62 -11.70
CA SER A 882 -6.75 25.77 -11.05
C SER A 882 -5.66 25.69 -12.10
N HIS A 883 -4.59 26.44 -11.85
CA HIS A 883 -3.51 26.56 -12.80
C HIS A 883 -2.20 26.54 -12.05
N THR A 884 -1.19 25.98 -12.70
CA THR A 884 0.18 26.05 -12.22
C THR A 884 0.63 27.49 -12.30
N ILE A 885 1.51 27.85 -11.38
CA ILE A 885 2.07 29.20 -11.33
C ILE A 885 2.61 29.53 -12.72
N MET A 886 3.36 28.61 -13.31
CA MET A 886 3.93 28.81 -14.65
C MET A 886 2.92 29.32 -15.66
N GLN A 887 1.74 28.71 -15.70
CA GLN A 887 0.69 29.14 -16.63
C GLN A 887 0.25 30.56 -16.35
N ILE A 888 0.11 30.87 -15.06
CA ILE A 888 -0.21 32.21 -14.63
C ILE A 888 0.86 33.21 -15.08
N GLN A 889 2.12 32.78 -15.15
CA GLN A 889 3.23 33.65 -15.55
C GLN A 889 3.32 33.89 -17.05
N CYS A 890 3.16 32.83 -17.85
CA CYS A 890 2.71 32.97 -19.25
C CYS A 890 1.29 33.53 -19.14
N LYS A 891 0.61 33.81 -20.24
CA LYS A 891 -0.75 34.45 -20.16
C LYS A 891 -0.77 35.86 -19.53
N GLY A 892 0.21 36.21 -18.70
CA GLY A 892 0.43 37.58 -18.20
C GLY A 892 1.85 38.10 -18.43
N GLY A 893 2.56 37.48 -19.38
CA GLY A 893 3.94 37.84 -19.69
C GLY A 893 3.94 38.68 -20.95
N LEU A 894 4.67 39.80 -20.91
CA LEU A 894 4.68 40.73 -22.02
C LEU A 894 5.34 40.12 -23.26
N LYS A 895 5.09 40.75 -24.40
CA LYS A 895 5.58 40.34 -25.73
C LYS A 895 7.08 40.05 -25.72
N GLY A 896 7.85 40.97 -25.15
CA GLY A 896 9.29 40.86 -25.09
C GLY A 896 9.70 40.11 -23.85
N ALA A 897 10.34 38.97 -24.05
CA ALA A 897 10.69 38.09 -22.96
C ALA A 897 11.95 38.54 -22.24
N LEU A 898 11.87 39.68 -21.56
CA LEU A 898 13.05 40.19 -20.86
C LEU A 898 13.09 39.76 -19.41
N GLN A 899 12.11 38.98 -18.93
CA GLN A 899 12.03 38.54 -17.52
C GLN A 899 10.58 38.52 -17.05
N PHE A 900 10.18 37.44 -16.36
CA PHE A 900 8.82 37.33 -15.82
C PHE A 900 8.62 38.18 -14.57
N ASN A 901 7.48 38.86 -14.53
CA ASN A 901 7.18 39.83 -13.50
C ASN A 901 6.71 39.11 -12.22
N SER A 902 7.30 39.48 -11.08
CA SER A 902 6.90 38.93 -9.78
C SER A 902 5.43 39.22 -9.45
N HIS A 903 4.95 40.37 -9.91
CA HIS A 903 3.59 40.80 -9.60
C HIS A 903 2.49 40.08 -10.38
N THR A 904 2.80 39.42 -11.50
CA THR A 904 1.76 38.83 -12.35
C THR A 904 0.85 37.81 -11.64
N LEU A 905 1.37 37.06 -10.67
CA LEU A 905 0.52 36.16 -9.86
C LEU A 905 -0.56 36.98 -9.13
N HIS A 906 -0.08 37.96 -8.36
CA HIS A 906 -0.93 38.95 -7.69
C HIS A 906 -1.88 39.69 -8.64
N GLN A 907 -1.39 40.09 -9.82
CA GLN A 907 -2.24 40.74 -10.83
C GLN A 907 -3.32 39.79 -11.29
N TRP A 908 -2.91 38.57 -11.67
CA TRP A 908 -3.85 37.49 -12.05
C TRP A 908 -4.91 37.19 -10.98
N LEU A 909 -4.52 37.24 -9.71
CA LEU A 909 -5.42 36.96 -8.61
C LEU A 909 -6.47 38.09 -8.42
N LYS A 910 -6.01 39.34 -8.47
CA LYS A 910 -6.89 40.55 -8.45
C LYS A 910 -7.95 40.55 -9.55
N ASP A 911 -7.51 40.25 -10.78
CA ASP A 911 -8.40 40.06 -11.95
C ASP A 911 -9.55 39.05 -11.69
N LYS A 912 -9.29 38.04 -10.85
CA LYS A 912 -10.28 37.02 -10.47
C LYS A 912 -11.12 37.41 -9.26
N ASN A 913 -10.54 38.17 -8.35
CA ASN A 913 -11.22 38.56 -7.10
C ASN A 913 -11.18 40.07 -6.91
N LYS A 914 -12.29 40.73 -7.27
CA LYS A 914 -12.43 42.17 -7.13
C LYS A 914 -13.36 42.51 -5.95
N GLY A 915 -13.06 43.61 -5.27
CA GLY A 915 -13.95 44.12 -4.22
C GLY A 915 -13.59 43.61 -2.85
N GLU A 916 -14.61 43.33 -2.03
CA GLU A 916 -14.39 42.74 -0.69
C GLU A 916 -14.02 41.25 -0.81
N ILE A 917 -14.40 40.66 -1.95
CA ILE A 917 -14.05 39.29 -2.32
C ILE A 917 -12.52 39.12 -2.23
N TYR A 918 -11.78 40.04 -2.86
CA TYR A 918 -10.31 40.14 -2.76
C TYR A 918 -9.74 39.83 -1.37
N ASP A 919 -10.15 40.59 -0.37
CA ASP A 919 -9.58 40.45 0.99
C ASP A 919 -9.57 39.00 1.54
N ALA A 920 -10.62 38.24 1.24
CA ALA A 920 -10.77 36.83 1.66
C ALA A 920 -10.05 35.86 0.72
N ALA A 921 -9.93 36.21 -0.56
CA ALA A 921 -9.07 35.46 -1.50
C ALA A 921 -7.58 35.48 -1.09
N ILE A 922 -7.13 36.58 -0.51
CA ILE A 922 -5.76 36.68 0.04
C ILE A 922 -5.68 35.90 1.34
N ASP A 923 -6.75 35.93 2.13
CA ASP A 923 -6.83 35.16 3.38
C ASP A 923 -6.72 33.67 3.10
N LEU A 924 -7.41 33.23 2.05
CA LEU A 924 -7.38 31.85 1.61
C LEU A 924 -5.98 31.45 1.18
N PHE A 925 -5.43 32.22 0.25
CA PHE A 925 -4.03 32.04 -0.21
C PHE A 925 -3.05 32.04 0.98
N THR A 926 -3.25 32.93 1.95
CA THR A 926 -2.31 33.01 3.08
C THR A 926 -2.45 31.78 3.98
N ARG A 927 -3.68 31.38 4.24
CA ARG A 927 -3.95 30.19 5.05
C ARG A 927 -3.53 28.89 4.35
N SER A 928 -3.84 28.75 3.06
CA SER A 928 -3.44 27.56 2.30
C SER A 928 -1.93 27.47 2.09
N CYS A 929 -1.30 28.60 1.85
CA CYS A 929 0.15 28.67 1.67
C CYS A 929 0.91 28.32 2.94
N ALA A 930 0.35 28.64 4.10
CA ALA A 930 1.00 28.34 5.37
C ALA A 930 0.92 26.84 5.69
N GLY A 931 -0.26 26.26 5.48
CA GLY A 931 -0.45 24.83 5.72
C GLY A 931 0.50 24.01 4.87
N TYR A 932 0.46 24.23 3.58
CA TYR A 932 1.33 23.53 2.63
C TYR A 932 2.81 23.80 2.83
N CYS A 933 3.17 24.88 3.51
CA CYS A 933 4.57 25.14 3.85
C CYS A 933 5.02 24.20 4.96
N VAL A 934 4.22 24.11 6.02
CA VAL A 934 4.52 23.26 7.18
C VAL A 934 4.49 21.77 6.83
N ALA A 935 3.45 21.34 6.12
CA ALA A 935 3.29 19.94 5.71
C ALA A 935 4.49 19.51 4.88
N THR A 936 4.67 20.20 3.76
CA THR A 936 5.84 20.06 2.90
C THR A 936 7.21 19.95 3.62
N PHE A 937 7.49 20.86 4.54
CA PHE A 937 8.76 20.85 5.27
C PHE A 937 8.88 19.60 6.16
N ILE A 938 7.84 19.32 6.92
CA ILE A 938 7.78 18.13 7.74
C ILE A 938 7.91 16.87 6.89
N LEU A 939 7.19 16.81 5.78
CA LEU A 939 7.19 15.62 4.95
C LEU A 939 8.43 15.45 4.14
N GLY A 940 9.05 16.53 3.69
CA GLY A 940 10.36 16.44 3.01
C GLY A 940 10.20 16.01 1.57
N ILE A 941 9.23 16.63 0.93
CA ILE A 941 8.76 16.29 -0.40
C ILE A 941 9.73 16.84 -1.47
N GLY A 942 9.59 16.36 -2.70
CA GLY A 942 10.25 16.95 -3.87
C GLY A 942 10.20 18.48 -3.84
N ASP A 943 11.27 19.11 -4.33
CA ASP A 943 11.37 20.56 -4.32
C ASP A 943 10.22 21.13 -5.10
N ARG A 944 9.58 22.14 -4.53
CA ARG A 944 8.50 22.87 -5.20
C ARG A 944 9.09 23.83 -6.22
N HIS A 945 8.35 24.10 -7.27
CA HIS A 945 8.72 25.12 -8.25
C HIS A 945 7.47 25.44 -9.07
N ASN A 946 7.61 26.28 -10.10
CA ASN A 946 6.43 26.88 -10.76
C ASN A 946 5.43 25.93 -11.44
N SER A 947 5.85 24.71 -11.78
CA SER A 947 5.00 23.74 -12.48
C SER A 947 4.46 22.59 -11.60
N ASN A 948 4.81 22.58 -10.32
CA ASN A 948 4.14 21.71 -9.35
C ASN A 948 3.44 22.44 -8.19
N ILE A 949 3.27 23.75 -8.35
CA ILE A 949 2.50 24.57 -7.42
C ILE A 949 1.36 25.12 -8.23
N MET A 950 0.18 25.13 -7.63
CA MET A 950 -1.05 25.51 -8.31
C MET A 950 -1.90 26.44 -7.48
N VAL A 951 -2.59 27.33 -8.17
CA VAL A 951 -3.49 28.29 -7.53
C VAL A 951 -4.84 28.26 -8.19
N LYS A 952 -5.87 28.36 -7.37
CA LYS A 952 -7.26 28.41 -7.83
C LYS A 952 -7.74 29.84 -7.97
N ASP A 953 -8.70 30.04 -8.87
CA ASP A 953 -9.37 31.34 -9.06
C ASP A 953 -9.75 32.01 -7.75
N ASP A 954 -10.32 31.26 -6.82
CA ASP A 954 -10.72 31.80 -5.51
C ASP A 954 -9.55 32.12 -4.58
N GLY A 955 -8.33 31.79 -5.00
CA GLY A 955 -7.10 32.16 -4.29
C GLY A 955 -6.43 31.05 -3.49
N GLN A 956 -6.98 29.84 -3.54
CA GLN A 956 -6.43 28.71 -2.81
C GLN A 956 -5.23 28.16 -3.54
N LEU A 957 -4.16 27.94 -2.78
CA LEU A 957 -2.93 27.35 -3.28
C LEU A 957 -2.91 25.89 -2.88
N PHE A 958 -2.36 25.06 -3.77
CA PHE A 958 -2.10 23.65 -3.47
C PHE A 958 -0.99 23.04 -4.34
N HIS A 959 -0.28 22.06 -3.77
CA HIS A 959 0.81 21.34 -4.46
C HIS A 959 0.32 20.08 -5.14
N ILE A 960 1.06 19.69 -6.17
CA ILE A 960 0.83 18.44 -6.89
C ILE A 960 2.18 17.75 -7.16
N ASP A 961 2.13 16.52 -7.68
CA ASP A 961 3.33 15.75 -8.11
C ASP A 961 4.45 15.89 -7.08
N PHE A 962 4.30 15.20 -5.96
CA PHE A 962 5.18 15.39 -4.82
C PHE A 962 6.54 14.70 -4.98
N GLY A 963 6.61 13.70 -5.88
CA GLY A 963 7.81 12.88 -6.04
C GLY A 963 8.11 12.04 -4.80
N HIS A 964 9.31 12.18 -4.29
CA HIS A 964 9.80 11.29 -3.25
C HIS A 964 9.69 11.97 -1.90
N PHE A 965 9.12 11.27 -0.93
CA PHE A 965 8.52 11.95 0.22
C PHE A 965 9.27 12.08 1.54
N LEU A 966 10.38 11.39 1.79
CA LEU A 966 11.06 11.63 3.10
C LEU A 966 12.50 12.06 2.89
N ASP A 967 12.69 12.82 1.83
CA ASP A 967 14.00 13.16 1.28
C ASP A 967 14.69 11.87 0.84
N HIS A 968 14.08 11.18 -0.13
CA HIS A 968 14.65 9.96 -0.70
C HIS A 968 15.83 10.22 -1.66
N LYS A 969 15.89 11.40 -2.28
CA LYS A 969 17.08 11.79 -3.06
C LYS A 969 18.27 12.31 -2.21
N LYS A 970 18.10 12.31 -0.89
CA LYS A 970 19.20 12.43 0.08
C LYS A 970 20.02 11.13 0.22
N LYS A 971 19.43 9.98 -0.13
CA LYS A 971 20.13 8.68 -0.21
C LYS A 971 21.46 8.77 -0.98
N LYS A 972 21.50 9.65 -1.97
CA LYS A 972 22.71 9.96 -2.74
C LYS A 972 23.76 10.64 -1.85
N PHE A 973 23.35 11.68 -1.15
CA PHE A 973 24.25 12.38 -0.19
C PHE A 973 23.59 12.75 1.13
N GLY A 974 22.50 13.52 1.07
CA GLY A 974 21.69 13.92 2.24
C GLY A 974 22.43 14.43 3.45
N TYR A 975 22.97 13.48 4.22
CA TYR A 975 23.94 13.75 5.29
C TYR A 975 23.41 14.65 6.44
N LYS A 976 22.07 14.72 6.57
CA LYS A 976 21.37 15.74 7.39
C LYS A 976 21.25 17.02 6.59
N ARG A 977 20.40 16.96 5.57
CA ARG A 977 20.06 18.13 4.78
C ARG A 977 19.03 18.97 5.53
N GLU A 978 17.90 18.35 5.88
CA GLU A 978 16.75 19.02 6.51
C GLU A 978 16.41 20.25 5.66
N ARG A 979 15.83 19.95 4.51
CA ARG A 979 15.59 20.87 3.42
C ARG A 979 14.25 21.59 3.55
N VAL A 980 14.17 22.81 2.99
CA VAL A 980 12.90 23.49 2.81
C VAL A 980 12.51 23.31 1.35
N PRO A 981 11.47 22.48 1.06
CA PRO A 981 11.03 22.28 -0.31
C PRO A 981 10.12 23.36 -0.88
N PHE A 982 9.36 24.04 -0.01
CA PHE A 982 8.53 25.18 -0.43
C PHE A 982 9.15 26.47 0.08
N VAL A 983 10.00 27.05 -0.76
CA VAL A 983 10.67 28.33 -0.51
C VAL A 983 9.86 29.41 -1.21
N LEU A 984 9.11 30.16 -0.41
CA LEU A 984 8.30 31.29 -0.88
C LEU A 984 9.14 32.36 -1.57
N THR A 985 9.18 32.31 -2.90
CA THR A 985 9.75 33.39 -3.69
C THR A 985 8.96 34.69 -3.48
N GLN A 986 9.40 35.76 -4.15
CA GLN A 986 8.73 37.06 -4.05
C GLN A 986 7.27 36.93 -4.39
N ASP A 987 6.99 36.41 -5.58
CA ASP A 987 5.61 36.15 -6.06
C ASP A 987 4.62 35.87 -4.93
N PHE A 988 4.99 34.92 -4.08
CA PHE A 988 4.15 34.45 -2.98
C PHE A 988 4.05 35.47 -1.87
N LEU A 989 5.18 36.07 -1.52
CA LEU A 989 5.21 37.11 -0.50
C LEU A 989 4.43 38.36 -0.88
N ILE A 990 4.56 38.78 -2.15
CA ILE A 990 3.82 39.93 -2.66
C ILE A 990 2.32 39.73 -2.44
N VAL A 991 1.80 38.58 -2.85
CA VAL A 991 0.38 38.28 -2.70
C VAL A 991 -0.01 38.31 -1.20
N ILE A 992 0.86 37.78 -0.36
CA ILE A 992 0.57 37.66 1.08
C ILE A 992 0.38 39.03 1.72
N SER A 993 1.28 39.95 1.38
CA SER A 993 1.24 41.36 1.83
C SER A 993 0.79 42.23 0.67
N LYS A 994 -0.46 42.66 0.70
CA LYS A 994 -1.23 42.97 -0.53
C LYS A 994 -0.57 44.03 -1.42
N GLY A 995 0.40 43.59 -2.20
CA GLY A 995 1.15 44.47 -3.12
C GLY A 995 2.28 45.29 -2.56
N ALA A 996 2.43 45.35 -1.23
CA ALA A 996 3.48 46.16 -0.58
C ALA A 996 4.89 45.79 -1.07
N GLN A 997 5.77 46.78 -1.12
CA GLN A 997 7.20 46.52 -1.31
C GLN A 997 7.81 46.22 0.05
N GLU A 998 8.78 45.31 0.04
CA GLU A 998 9.44 44.79 1.24
C GLU A 998 8.44 44.06 2.17
N CYS A 999 7.77 43.09 1.55
CA CYS A 999 6.70 42.26 2.13
C CYS A 999 7.08 41.59 3.43
N THR A 1000 8.36 41.24 3.57
CA THR A 1000 8.96 40.73 4.80
C THR A 1000 8.54 41.44 6.11
N LYS A 1001 8.14 42.72 6.01
CA LYS A 1001 7.96 43.58 7.17
C LYS A 1001 6.55 44.19 7.17
N THR A 1002 5.52 43.33 7.25
CA THR A 1002 4.11 43.75 7.33
C THR A 1002 3.42 42.97 8.43
N ARG A 1003 2.22 43.41 8.83
CA ARG A 1003 1.39 42.62 9.76
C ARG A 1003 0.75 41.43 9.03
N GLU A 1004 0.48 41.59 7.74
CA GLU A 1004 -0.02 40.49 6.88
C GLU A 1004 0.89 39.25 7.04
N PHE A 1005 2.20 39.49 7.00
CA PHE A 1005 3.26 38.47 7.06
C PHE A 1005 3.67 38.06 8.47
N GLU A 1006 3.47 38.92 9.45
CA GLU A 1006 3.57 38.48 10.85
C GLU A 1006 2.47 37.48 11.17
N ARG A 1007 1.23 37.78 10.73
CA ARG A 1007 0.08 36.87 10.90
C ARG A 1007 0.39 35.50 10.30
N PHE A 1008 0.88 35.52 9.07
CA PHE A 1008 1.28 34.31 8.33
C PHE A 1008 2.25 33.45 9.15
N GLN A 1009 3.39 34.04 9.53
CA GLN A 1009 4.39 33.35 10.35
C GLN A 1009 3.78 32.67 11.57
N GLU A 1010 2.87 33.36 12.25
CA GLU A 1010 2.23 32.81 13.46
C GLU A 1010 1.29 31.64 13.15
N MET A 1011 0.78 31.57 11.92
CA MET A 1011 0.06 30.38 11.47
C MET A 1011 1.05 29.22 11.39
N CYS A 1012 2.12 29.41 10.60
CA CYS A 1012 3.16 28.42 10.40
C CYS A 1012 3.74 27.87 11.70
N TYR A 1013 4.03 28.75 12.66
CA TYR A 1013 4.50 28.33 13.99
C TYR A 1013 3.45 27.53 14.78
N LYS A 1014 2.19 27.96 14.71
CA LYS A 1014 1.08 27.26 15.39
C LYS A 1014 0.75 25.90 14.76
N ALA A 1015 0.89 25.80 13.44
CA ALA A 1015 0.68 24.56 12.70
C ALA A 1015 1.79 23.55 12.98
N TYR A 1016 3.03 23.96 12.74
CA TYR A 1016 4.21 23.13 13.03
C TYR A 1016 4.13 22.46 14.39
N LEU A 1017 3.79 23.23 15.42
CA LEU A 1017 3.63 22.70 16.78
C LEU A 1017 2.47 21.74 16.95
N ALA A 1018 1.37 22.00 16.26
CA ALA A 1018 0.21 21.12 16.31
C ALA A 1018 0.50 19.71 15.76
N ILE A 1019 1.19 19.65 14.60
CA ILE A 1019 1.62 18.37 14.01
C ILE A 1019 2.68 17.67 14.87
N ARG A 1020 3.53 18.47 15.52
CA ARG A 1020 4.52 17.97 16.47
C ARG A 1020 3.91 17.30 17.71
N GLN A 1021 2.74 17.75 18.12
CA GLN A 1021 2.06 17.10 19.25
C GLN A 1021 1.33 15.82 18.86
N HIS A 1022 1.07 15.64 17.57
CA HIS A 1022 0.54 14.38 17.06
C HIS A 1022 1.59 13.56 16.33
N ALA A 1023 2.85 13.77 16.68
CA ALA A 1023 3.96 13.15 15.97
C ALA A 1023 4.05 11.64 16.15
N ASN A 1024 3.46 11.10 17.21
CA ASN A 1024 3.33 9.65 17.34
C ASN A 1024 2.57 9.06 16.18
N LEU A 1025 1.40 9.63 15.91
CA LEU A 1025 0.53 9.17 14.84
C LEU A 1025 1.25 9.05 13.52
N PHE A 1026 1.98 10.09 13.14
CA PHE A 1026 2.59 10.13 11.83
C PHE A 1026 3.73 9.14 11.68
N ILE A 1027 4.48 8.94 12.76
CA ILE A 1027 5.51 7.89 12.83
C ILE A 1027 4.82 6.53 12.54
N ASN A 1028 3.78 6.22 13.33
CA ASN A 1028 3.02 4.96 13.19
C ASN A 1028 2.40 4.73 11.81
N LEU A 1029 1.91 5.80 11.19
CA LEU A 1029 1.36 5.71 9.83
C LEU A 1029 2.45 5.31 8.84
N PHE A 1030 3.62 5.93 8.96
CA PHE A 1030 4.76 5.56 8.12
C PHE A 1030 5.30 4.17 8.46
N SER A 1031 5.30 3.80 9.75
CA SER A 1031 5.75 2.47 10.18
C SER A 1031 4.88 1.38 9.55
N MET A 1032 3.58 1.60 9.59
CA MET A 1032 2.62 0.66 8.99
C MET A 1032 2.76 0.50 7.47
N MET A 1033 3.43 1.45 6.80
CA MET A 1033 3.68 1.39 5.35
C MET A 1033 5.04 0.79 4.97
N LEU A 1034 5.79 0.27 5.93
CA LEU A 1034 7.01 -0.47 5.58
C LEU A 1034 6.71 -1.74 4.79
N GLY A 1035 5.54 -2.35 5.00
CA GLY A 1035 5.18 -3.57 4.28
C GLY A 1035 5.20 -3.44 2.77
N SER A 1036 4.54 -2.39 2.28
CA SER A 1036 4.49 -2.08 0.85
C SER A 1036 5.88 -1.97 0.31
N GLY A 1037 6.03 -2.31 -0.95
CA GLY A 1037 7.34 -2.23 -1.58
C GLY A 1037 7.65 -0.85 -2.11
N MET A 1038 7.69 0.13 -1.21
CA MET A 1038 7.93 1.50 -1.63
C MET A 1038 9.39 1.74 -1.30
N PRO A 1039 10.22 2.06 -2.31
CA PRO A 1039 11.61 2.30 -1.96
C PRO A 1039 11.83 3.42 -0.96
N GLU A 1040 10.94 4.39 -0.94
CA GLU A 1040 11.04 5.48 0.01
C GLU A 1040 10.88 4.99 1.47
N LEU A 1041 10.25 3.83 1.66
CA LEU A 1041 10.03 3.20 2.99
C LEU A 1041 10.48 1.73 3.09
N GLN A 1042 11.76 1.56 3.41
CA GLN A 1042 12.39 0.24 3.50
C GLN A 1042 12.72 -0.15 4.93
N SER A 1043 13.17 0.80 5.75
CA SER A 1043 13.42 0.55 7.17
C SER A 1043 13.14 1.77 8.02
N PHE A 1044 13.01 1.57 9.32
CA PHE A 1044 12.61 2.61 10.26
C PHE A 1044 13.46 3.88 10.27
N ASP A 1045 14.66 3.82 9.72
CA ASP A 1045 15.47 5.02 9.58
C ASP A 1045 15.11 5.85 8.36
N ASP A 1046 14.43 5.26 7.36
CA ASP A 1046 13.76 6.09 6.33
C ASP A 1046 12.80 7.06 7.04
N ILE A 1047 12.04 6.53 8.01
CA ILE A 1047 11.05 7.26 8.77
C ILE A 1047 11.69 8.21 9.74
N ALA A 1048 12.94 7.95 10.11
CA ALA A 1048 13.69 8.82 11.03
C ALA A 1048 13.78 10.29 10.61
N TYR A 1049 13.72 10.57 9.30
CA TYR A 1049 13.67 11.97 8.84
C TYR A 1049 12.61 12.78 9.59
N ILE A 1050 11.41 12.23 9.68
CA ILE A 1050 10.34 12.95 10.32
C ILE A 1050 10.66 13.33 11.79
N ARG A 1051 11.60 12.63 12.43
CA ARG A 1051 12.05 13.00 13.79
C ARG A 1051 12.89 14.25 13.81
N LYS A 1052 13.80 14.38 12.84
CA LYS A 1052 14.64 15.57 12.72
C LYS A 1052 13.76 16.79 12.48
N THR A 1053 12.99 16.72 11.41
CA THR A 1053 12.13 17.79 10.93
C THR A 1053 11.06 18.26 11.97
N LEU A 1054 10.57 17.35 12.81
CA LEU A 1054 9.69 17.72 13.93
C LEU A 1054 10.46 17.99 15.22
N ALA A 1055 11.78 17.84 15.19
CA ALA A 1055 12.65 18.09 16.35
C ALA A 1055 12.08 17.44 17.61
N LEU A 1056 12.10 16.11 17.64
CA LEU A 1056 11.44 15.36 18.69
C LEU A 1056 12.33 15.17 19.91
N ASP A 1057 13.64 15.01 19.67
CA ASP A 1057 14.64 14.94 20.76
C ASP A 1057 14.71 16.23 21.59
N LYS A 1058 14.51 17.37 20.92
CA LYS A 1058 14.51 18.70 21.55
C LYS A 1058 13.23 18.99 22.37
N THR A 1059 13.25 20.12 23.07
CA THR A 1059 12.04 20.66 23.75
C THR A 1059 11.24 21.44 22.74
N GLU A 1060 9.97 21.68 23.04
CA GLU A 1060 9.11 22.37 22.08
C GLU A 1060 9.60 23.81 21.78
N GLN A 1061 10.09 24.50 22.81
CA GLN A 1061 10.66 25.83 22.62
C GLN A 1061 11.82 25.82 21.63
N GLU A 1062 12.72 24.85 21.76
CA GLU A 1062 13.85 24.70 20.83
C GLU A 1062 13.37 24.34 19.43
N ALA A 1063 12.31 23.54 19.36
CA ALA A 1063 11.73 23.12 18.08
C ALA A 1063 11.11 24.29 17.32
N LEU A 1064 10.46 25.20 18.05
CA LEU A 1064 10.00 26.48 17.49
C LEU A 1064 11.14 27.29 16.90
N GLU A 1065 12.24 27.33 17.63
CA GLU A 1065 13.46 28.04 17.22
C GLU A 1065 14.19 27.31 16.10
N TYR A 1066 14.20 25.99 16.18
CA TYR A 1066 14.72 25.14 15.10
C TYR A 1066 13.98 25.43 13.80
N PHE A 1067 12.65 25.35 13.86
CA PHE A 1067 11.80 25.58 12.69
C PHE A 1067 12.02 26.95 12.09
N MET A 1068 12.08 27.97 12.95
CA MET A 1068 12.44 29.32 12.53
C MET A 1068 13.78 29.35 11.80
N LYS A 1069 14.84 28.89 12.47
CA LYS A 1069 16.19 28.81 11.85
C LYS A 1069 16.12 28.21 10.45
N GLN A 1070 15.48 27.04 10.36
CA GLN A 1070 15.28 26.35 9.09
C GLN A 1070 14.63 27.26 8.08
N MET A 1071 13.52 27.87 8.50
CA MET A 1071 12.77 28.78 7.63
C MET A 1071 13.52 30.09 7.33
N ASN A 1072 14.31 30.59 8.28
CA ASN A 1072 15.11 31.79 8.02
C ASN A 1072 16.16 31.52 6.93
N ASP A 1073 17.06 30.57 7.17
CA ASP A 1073 18.16 30.25 6.23
C ASP A 1073 17.74 29.93 4.80
N ALA A 1074 16.56 29.35 4.63
CA ALA A 1074 16.03 29.01 3.31
C ALA A 1074 15.56 30.24 2.52
N HIS A 1075 15.04 31.25 3.26
CA HIS A 1075 14.55 32.53 2.71
C HIS A 1075 15.55 33.70 2.80
N HIS A 1076 16.60 33.52 3.60
CA HIS A 1076 17.62 34.56 3.86
C HIS A 1076 17.02 35.84 4.45
N GLY A 1077 16.66 35.75 5.73
CA GLY A 1077 16.03 36.84 6.49
C GLY A 1077 14.53 36.64 6.66
N GLY A 1078 13.96 37.37 7.62
CA GLY A 1078 12.52 37.38 7.85
C GLY A 1078 12.07 36.81 9.18
N TRP A 1079 12.76 35.77 9.66
CA TRP A 1079 12.22 34.91 10.74
C TRP A 1079 13.07 34.94 12.03
N THR A 1080 12.58 35.66 13.05
CA THR A 1080 13.20 35.69 14.41
C THR A 1080 12.08 35.72 15.47
N SER B 6 41.57 14.36 25.54
CA SER B 6 41.33 12.89 25.33
C SER B 6 39.90 12.44 25.67
N LEU B 7 39.31 13.04 26.69
CA LEU B 7 37.86 12.90 26.97
C LEU B 7 36.96 13.19 25.75
N GLN B 8 37.30 14.25 25.02
CA GLN B 8 36.61 14.64 23.76
C GLN B 8 37.35 14.08 22.54
N ASP B 9 38.69 13.97 22.63
CA ASP B 9 39.52 13.34 21.58
C ASP B 9 39.70 11.82 21.78
N ALA B 10 38.79 11.18 22.52
CA ALA B 10 38.64 9.71 22.47
C ALA B 10 38.11 9.37 21.08
N GLU B 11 38.72 8.38 20.42
CA GLU B 11 38.35 7.99 19.05
C GLU B 11 36.84 7.74 18.95
N TRP B 12 36.32 6.97 19.90
CA TRP B 12 34.93 6.52 19.90
C TRP B 12 33.92 7.51 20.47
N TYR B 13 34.39 8.58 21.12
CA TYR B 13 33.48 9.60 21.64
C TYR B 13 33.20 10.60 20.51
N TRP B 14 31.94 10.65 20.08
CA TRP B 14 31.48 11.58 19.05
C TRP B 14 30.78 12.82 19.61
N GLY B 15 30.08 12.67 20.74
CA GLY B 15 29.51 13.81 21.46
C GLY B 15 28.19 14.27 20.89
N ILE B 17 26.43 14.09 18.29
CA ILE B 17 25.60 13.44 17.28
C ILE B 17 24.26 12.98 17.84
N SER B 18 23.26 12.91 16.95
CA SER B 18 21.90 12.50 17.29
C SER B 18 21.73 10.98 17.13
N ARG B 19 20.64 10.47 17.71
CA ARG B 19 20.26 9.05 17.60
C ARG B 19 20.39 8.51 16.19
N GLU B 20 20.02 9.33 15.20
CA GLU B 20 19.93 8.88 13.81
C GLU B 20 21.31 8.57 13.24
N GLU B 21 22.21 9.55 13.27
CA GLU B 21 23.56 9.37 12.69
C GLU B 21 24.50 8.44 13.47
N VAL B 22 24.12 8.05 14.69
CA VAL B 22 24.74 6.91 15.38
C VAL B 22 24.43 5.64 14.61
N ASN B 23 23.13 5.39 14.42
CA ASN B 23 22.64 4.17 13.76
C ASN B 23 23.17 4.00 12.34
N GLU B 24 23.29 5.11 11.61
CA GLU B 24 23.85 5.09 10.25
C GLU B 24 25.35 4.80 10.25
N LYS B 25 26.03 5.14 11.34
CA LYS B 25 27.42 4.74 11.58
C LYS B 25 27.54 3.30 12.13
N LEU B 26 26.58 2.89 12.95
CA LEU B 26 26.48 1.49 13.39
C LEU B 26 25.92 0.51 12.34
N ARG B 27 25.26 1.02 11.30
CA ARG B 27 24.64 0.18 10.26
C ARG B 27 25.69 -0.65 9.52
N ASP B 28 25.38 -1.94 9.35
CA ASP B 28 26.21 -2.93 8.63
C ASP B 28 27.62 -3.22 9.21
N THR B 29 27.80 -3.00 10.51
CA THR B 29 29.01 -3.46 11.24
C THR B 29 28.64 -4.75 11.98
N ALA B 30 29.67 -5.43 12.50
CA ALA B 30 29.52 -6.74 13.16
C ALA B 30 29.16 -6.64 14.64
N ASP B 31 28.83 -7.78 15.22
CA ASP B 31 28.57 -7.93 16.65
C ASP B 31 29.78 -7.42 17.48
N GLY B 32 29.51 -6.70 18.57
CA GLY B 32 30.58 -6.11 19.41
C GLY B 32 30.98 -4.67 19.12
N THR B 33 30.72 -4.17 17.91
CA THR B 33 31.01 -2.78 17.52
C THR B 33 30.32 -1.74 18.44
N PHE B 34 31.01 -0.61 18.69
CA PHE B 34 30.44 0.45 19.53
C PHE B 34 30.81 1.89 19.20
N LEU B 35 30.18 2.78 19.96
CA LEU B 35 30.58 4.18 20.13
C LEU B 35 29.83 4.76 21.36
N VAL B 36 30.13 6.01 21.72
CA VAL B 36 29.44 6.70 22.81
C VAL B 36 28.83 8.05 22.36
N ARG B 37 27.68 8.39 22.95
CA ARG B 37 26.87 9.58 22.60
C ARG B 37 26.86 10.62 23.73
N LYS B 42 19.37 13.25 26.18
CA LYS B 42 19.83 14.57 26.62
C LYS B 42 19.65 14.77 28.14
N MET B 43 18.45 15.16 28.55
CA MET B 43 18.15 15.48 29.96
C MET B 43 17.91 14.21 30.81
N HIS B 44 17.50 13.11 30.14
CA HIS B 44 17.21 11.81 30.78
C HIS B 44 18.33 11.26 31.68
N GLY B 45 19.56 11.34 31.16
CA GLY B 45 20.78 11.00 31.90
C GLY B 45 21.90 11.87 31.38
N ASP B 46 23.07 11.28 31.12
CA ASP B 46 24.21 11.99 30.50
C ASP B 46 24.60 11.41 29.12
N TYR B 47 25.55 10.47 29.11
CA TYR B 47 26.08 9.87 27.87
C TYR B 47 25.42 8.52 27.62
N THR B 48 25.51 8.02 26.37
CA THR B 48 24.91 6.71 26.01
C THR B 48 25.85 5.82 25.18
N LEU B 49 26.21 4.67 25.74
CA LEU B 49 26.95 3.64 25.02
C LEU B 49 25.98 2.92 24.09
N THR B 50 26.07 3.22 22.79
CA THR B 50 25.30 2.50 21.77
C THR B 50 26.14 1.34 21.20
N LEU B 51 25.79 0.13 21.60
CA LEU B 51 26.47 -1.11 21.23
C LEU B 51 25.69 -1.78 20.10
N ARG B 52 26.36 -2.46 19.19
CA ARG B 52 25.68 -3.30 18.17
C ARG B 52 25.80 -4.81 18.44
N LYS B 53 24.67 -5.52 18.39
CA LYS B 53 24.63 -6.98 18.62
C LYS B 53 23.74 -7.71 17.61
N GLY B 54 24.37 -8.41 16.66
CA GLY B 54 23.67 -9.26 15.69
C GLY B 54 22.65 -8.51 14.86
N GLY B 55 23.08 -7.41 14.27
CA GLY B 55 22.20 -6.57 13.45
C GLY B 55 21.16 -5.77 14.23
N ASN B 56 21.43 -5.49 15.51
CA ASN B 56 20.56 -4.67 16.36
C ASN B 56 21.34 -3.85 17.38
N ASN B 57 20.93 -2.60 17.55
CA ASN B 57 21.61 -1.64 18.43
C ASN B 57 21.07 -1.63 19.87
N LYS B 58 21.92 -2.01 20.83
CA LYS B 58 21.63 -1.89 22.27
C LYS B 58 22.13 -0.55 22.84
N LEU B 59 21.22 0.20 23.46
CA LEU B 59 21.54 1.49 24.07
C LEU B 59 21.70 1.33 25.58
N ILE B 60 22.86 1.71 26.10
CA ILE B 60 23.17 1.58 27.53
C ILE B 60 23.50 2.98 28.08
N LYS B 61 22.71 3.41 29.06
CA LYS B 61 22.87 4.71 29.71
C LYS B 61 24.08 4.81 30.64
N ILE B 62 24.76 5.96 30.57
CA ILE B 62 25.87 6.32 31.48
C ILE B 62 25.37 7.48 32.37
N PHE B 63 25.35 7.24 33.68
CA PHE B 63 24.91 8.23 34.68
C PHE B 63 26.10 8.81 35.44
N HIS B 64 26.13 10.14 35.57
CA HIS B 64 27.19 10.89 36.26
C HIS B 64 26.57 11.71 37.40
N ARG B 65 27.02 11.47 38.64
CA ARG B 65 26.49 12.21 39.81
C ARG B 65 27.62 12.82 40.66
N ASP B 66 27.97 12.23 41.82
CA ASP B 66 29.08 12.73 42.66
C ASP B 66 30.41 12.21 42.11
N GLY B 67 30.90 12.89 41.07
CA GLY B 67 32.18 12.55 40.43
C GLY B 67 32.15 11.33 39.53
N LYS B 68 31.68 10.21 40.08
CA LYS B 68 31.65 8.91 39.40
C LYS B 68 30.81 8.86 38.12
N TYR B 69 31.12 7.85 37.31
CA TYR B 69 30.38 7.52 36.08
C TYR B 69 30.04 6.02 36.10
N GLY B 70 28.90 5.64 35.54
CA GLY B 70 28.50 4.22 35.50
C GLY B 70 27.12 3.92 34.93
N PHE B 71 26.81 2.62 34.84
CA PHE B 71 25.51 2.14 34.35
C PHE B 71 24.37 2.16 35.39
N SER B 72 24.67 1.79 36.63
CA SER B 72 23.68 1.79 37.72
C SER B 72 24.28 1.92 39.15
N ASP B 73 24.42 0.80 39.89
CA ASP B 73 25.00 0.81 41.25
C ASP B 73 26.53 0.76 41.36
N PRO B 74 27.21 -0.17 40.63
CA PRO B 74 28.69 -0.21 40.70
C PRO B 74 29.34 0.98 39.99
N LEU B 75 29.27 2.13 40.66
CA LEU B 75 29.65 3.43 40.09
C LEU B 75 31.16 3.71 40.17
N THR B 76 31.94 2.85 40.83
CA THR B 76 33.39 3.10 41.05
C THR B 76 34.23 3.07 39.75
N PHE B 77 34.00 4.08 38.91
CA PHE B 77 34.79 4.36 37.71
C PHE B 77 34.83 5.89 37.66
N SER B 78 36.02 6.46 37.80
CA SER B 78 36.15 7.93 37.94
C SER B 78 35.98 8.75 36.65
N SER B 79 35.75 8.09 35.51
CA SER B 79 35.61 8.78 34.22
C SER B 79 34.78 8.04 33.16
N VAL B 80 34.40 8.80 32.13
CA VAL B 80 33.75 8.23 30.94
C VAL B 80 34.76 7.34 30.19
N VAL B 81 35.99 7.84 30.03
CA VAL B 81 37.08 7.13 29.33
C VAL B 81 37.57 5.92 30.16
N GLU B 82 37.44 6.02 31.49
CA GLU B 82 37.69 4.92 32.42
C GLU B 82 36.76 3.73 32.12
N LEU B 83 35.45 3.99 32.21
CA LEU B 83 34.40 2.95 32.10
C LEU B 83 34.45 2.08 30.83
N ILE B 84 34.92 2.63 29.73
CA ILE B 84 34.96 1.92 28.43
C ILE B 84 36.18 0.98 28.29
N ASN B 85 37.35 1.41 28.80
CA ASN B 85 38.57 0.58 28.79
C ASN B 85 38.45 -0.75 29.52
N HIS B 86 37.70 -0.76 30.62
CA HIS B 86 37.39 -1.98 31.35
C HIS B 86 36.56 -2.92 30.49
N TYR B 87 35.51 -2.39 29.86
CA TYR B 87 34.56 -3.22 29.11
C TYR B 87 34.99 -3.59 27.69
N ARG B 88 36.02 -2.94 27.16
CA ARG B 88 36.67 -3.39 25.93
C ARG B 88 37.39 -4.74 26.15
N ASN B 89 37.94 -4.92 27.36
CA ASN B 89 38.53 -6.21 27.77
C ASN B 89 37.46 -7.26 28.10
N GLU B 90 36.38 -6.83 28.76
CA GLU B 90 35.46 -7.73 29.46
C GLU B 90 33.99 -7.65 29.00
N SER B 91 33.24 -8.71 29.28
CA SER B 91 31.85 -8.86 28.86
C SER B 91 30.90 -8.05 29.74
N LEU B 92 29.71 -7.77 29.22
CA LEU B 92 28.67 -7.01 29.94
C LEU B 92 27.63 -7.89 30.64
N ALA B 93 27.82 -9.21 30.62
CA ALA B 93 26.86 -10.15 31.21
C ALA B 93 26.73 -10.02 32.73
N GLN B 94 27.84 -9.75 33.41
CA GLN B 94 27.85 -9.57 34.89
C GLN B 94 27.11 -8.31 35.40
N TYR B 95 26.91 -7.32 34.53
CA TYR B 95 26.12 -6.12 34.85
C TYR B 95 24.62 -6.44 34.73
N ASN B 96 24.24 -6.97 33.57
CA ASN B 96 22.85 -7.35 33.28
C ASN B 96 22.89 -8.72 32.59
N PRO B 97 22.30 -9.77 33.22
CA PRO B 97 22.48 -11.16 32.76
C PRO B 97 22.69 -11.36 31.26
N LYS B 98 21.67 -11.09 30.44
CA LYS B 98 21.71 -11.42 29.01
C LYS B 98 22.37 -10.31 28.18
N LEU B 99 23.67 -10.11 28.41
CA LEU B 99 24.52 -9.27 27.57
C LEU B 99 25.89 -9.96 27.48
N ASP B 100 25.88 -11.21 27.00
CA ASP B 100 27.11 -12.03 26.84
C ASP B 100 27.87 -11.66 25.55
N VAL B 101 28.30 -10.40 25.49
CA VAL B 101 29.00 -9.83 24.34
C VAL B 101 29.91 -8.71 24.85
N LYS B 102 31.18 -8.76 24.45
CA LYS B 102 32.15 -7.74 24.82
C LYS B 102 32.03 -6.52 23.93
N LEU B 103 32.74 -5.48 24.32
CA LEU B 103 32.84 -4.24 23.55
C LEU B 103 34.07 -4.31 22.62
N LEU B 104 34.04 -5.25 21.67
CA LEU B 104 35.26 -5.71 20.96
C LEU B 104 35.81 -4.76 19.86
N TYR B 105 34.91 -4.11 19.12
CA TYR B 105 35.27 -3.24 18.00
C TYR B 105 35.02 -1.77 18.32
N PRO B 106 35.93 -1.12 19.07
CA PRO B 106 35.69 0.27 19.45
C PRO B 106 35.97 1.28 18.33
N VAL B 107 35.30 1.12 17.20
CA VAL B 107 35.78 1.71 15.93
C VAL B 107 35.24 3.13 15.73
N SER B 108 36.17 4.01 15.34
CA SER B 108 35.89 5.41 14.98
C SER B 108 37.18 6.09 14.46
N VAL B 115 43.02 7.10 4.76
CA VAL B 115 42.49 7.16 3.40
C VAL B 115 43.17 8.25 2.56
N VAL B 116 44.48 8.06 2.38
CA VAL B 116 45.35 8.90 1.54
C VAL B 116 46.02 10.05 2.30
N LYS B 117 45.44 10.47 3.42
CA LYS B 117 46.02 11.55 4.23
C LYS B 117 46.13 12.84 3.44
N GLU B 118 45.31 12.96 2.38
CA GLU B 118 45.38 14.09 1.47
C GLU B 118 45.10 15.32 2.27
N ASP B 119 46.05 15.67 3.15
CA ASP B 119 45.87 16.81 4.06
C ASP B 119 45.52 18.10 3.27
N ASN B 120 45.26 17.96 1.96
CA ASN B 120 44.97 19.08 1.06
C ASN B 120 43.61 19.71 1.27
N ILE B 121 42.68 19.00 1.90
CA ILE B 121 41.32 19.50 2.21
C ILE B 121 40.45 19.65 0.94
N GLU B 122 40.92 20.42 -0.03
CA GLU B 122 40.24 20.58 -1.33
C GLU B 122 40.35 19.32 -2.20
N ALA B 123 41.48 18.62 -2.13
CA ALA B 123 41.72 17.40 -2.92
C ALA B 123 41.01 16.16 -2.37
N VAL B 124 40.81 16.11 -1.05
CA VAL B 124 39.88 15.16 -0.43
C VAL B 124 38.47 15.45 -0.95
N GLY B 125 38.09 16.72 -0.96
CA GLY B 125 36.79 17.18 -1.47
C GLY B 125 36.49 16.85 -2.93
N LYS B 126 37.52 16.86 -3.76
CA LYS B 126 37.38 16.48 -5.16
C LYS B 126 37.17 14.95 -5.28
N LYS B 127 37.92 14.17 -4.48
CA LYS B 127 37.77 12.71 -4.45
C LYS B 127 36.38 12.26 -4.01
N LEU B 128 35.79 13.00 -3.09
CA LEU B 128 34.41 12.79 -2.65
C LEU B 128 33.44 12.86 -3.84
N HIS B 129 33.67 13.80 -4.76
CA HIS B 129 32.88 13.92 -5.99
C HIS B 129 33.10 12.75 -6.96
N GLU B 130 34.35 12.34 -7.13
CA GLU B 130 34.70 11.23 -8.02
C GLU B 130 34.02 9.95 -7.55
N TYR B 131 34.14 9.65 -6.25
CA TYR B 131 33.50 8.47 -5.68
C TYR B 131 31.99 8.57 -5.70
N ASN B 132 31.46 9.74 -5.35
CA ASN B 132 30.01 9.95 -5.36
C ASN B 132 29.41 9.90 -6.79
N THR B 133 30.14 10.39 -7.79
CA THR B 133 29.74 10.18 -9.20
C THR B 133 29.73 8.67 -9.56
N GLN B 134 30.79 7.95 -9.18
CA GLN B 134 30.90 6.50 -9.44
C GLN B 134 29.77 5.76 -8.76
N PHE B 135 29.59 6.06 -7.48
CA PHE B 135 28.48 5.50 -6.71
C PHE B 135 27.14 5.72 -7.41
N GLN B 136 26.87 6.97 -7.81
CA GLN B 136 25.60 7.34 -8.47
C GLN B 136 25.40 6.70 -9.83
N GLU B 137 26.48 6.62 -10.61
CA GLU B 137 26.52 5.83 -11.84
C GLU B 137 26.21 4.35 -11.53
N LYS B 138 26.79 3.84 -10.44
CA LYS B 138 26.61 2.45 -10.00
C LYS B 138 25.17 2.15 -9.56
N SER B 139 24.60 3.04 -8.74
CA SER B 139 23.19 2.93 -8.26
C SER B 139 22.13 2.89 -9.37
N ARG B 140 22.40 3.55 -10.50
CA ARG B 140 21.51 3.49 -11.69
C ARG B 140 21.63 2.15 -12.42
N GLU B 141 22.87 1.68 -12.61
CA GLU B 141 23.13 0.37 -13.20
C GLU B 141 22.43 -0.73 -12.41
N TYR B 142 22.53 -0.67 -11.08
CA TYR B 142 21.79 -1.57 -10.19
C TYR B 142 20.27 -1.43 -10.35
N ASP B 143 19.77 -0.20 -10.33
CA ASP B 143 18.33 0.08 -10.49
C ASP B 143 17.78 -0.39 -11.86
N ARG B 144 18.55 -0.13 -12.93
CA ARG B 144 18.24 -0.65 -14.28
C ARG B 144 18.03 -2.16 -14.28
N LEU B 145 19.02 -2.86 -13.74
CA LEU B 145 19.02 -4.30 -13.70
C LEU B 145 17.91 -4.88 -12.83
N TYR B 146 17.64 -4.24 -11.69
CA TYR B 146 16.55 -4.69 -10.81
C TYR B 146 15.20 -4.65 -11.53
N GLU B 147 15.01 -3.65 -12.39
CA GLU B 147 13.79 -3.54 -13.21
C GLU B 147 13.77 -4.55 -14.35
N GLU B 148 14.92 -4.78 -14.98
CA GLU B 148 15.07 -5.87 -15.98
C GLU B 148 14.79 -7.25 -15.36
N TYR B 149 15.29 -7.47 -14.15
CA TYR B 149 15.01 -8.66 -13.35
C TYR B 149 13.49 -8.85 -13.20
N THR B 150 12.83 -7.84 -12.65
CA THR B 150 11.39 -7.91 -12.32
C THR B 150 10.47 -7.97 -13.55
N ARG B 151 10.87 -7.30 -14.63
CA ARG B 151 10.20 -7.49 -15.91
C ARG B 151 10.36 -8.94 -16.34
N THR B 152 11.61 -9.41 -16.32
CA THR B 152 11.94 -10.76 -16.80
C THR B 152 11.23 -11.86 -16.00
N SER B 153 11.06 -11.66 -14.69
CA SER B 153 10.21 -12.55 -13.89
C SER B 153 8.76 -12.57 -14.40
N GLN B 154 8.24 -11.39 -14.73
CA GLN B 154 6.88 -11.26 -15.25
C GLN B 154 6.75 -11.87 -16.64
N GLU B 155 7.70 -11.56 -17.52
CA GLU B 155 7.68 -12.07 -18.90
C GLU B 155 7.82 -13.59 -18.95
N ILE B 156 8.57 -14.16 -18.01
CA ILE B 156 8.71 -15.63 -17.89
C ILE B 156 7.39 -16.28 -17.47
N GLN B 157 6.78 -15.80 -16.40
CA GLN B 157 5.57 -16.43 -15.88
C GLN B 157 4.35 -16.23 -16.79
N MET B 158 4.37 -15.20 -17.64
CA MET B 158 3.40 -15.07 -18.74
C MET B 158 3.70 -16.10 -19.82
N LYS B 159 5.00 -16.28 -20.12
CA LYS B 159 5.44 -17.36 -21.02
C LYS B 159 5.01 -18.75 -20.53
N ARG B 160 5.08 -18.97 -19.23
CA ARG B 160 4.65 -20.24 -18.65
C ARG B 160 3.14 -20.46 -18.83
N THR B 161 2.33 -19.48 -18.44
CA THR B 161 0.86 -19.62 -18.58
C THR B 161 0.45 -19.74 -20.05
N ALA B 162 1.15 -19.03 -20.93
CA ALA B 162 0.96 -19.18 -22.38
C ALA B 162 1.14 -20.64 -22.84
N ILE B 163 2.20 -21.27 -22.33
CA ILE B 163 2.48 -22.68 -22.61
C ILE B 163 1.33 -23.55 -22.12
N GLU B 164 0.89 -23.32 -20.87
CA GLU B 164 -0.27 -24.02 -20.33
C GLU B 164 -1.48 -23.86 -21.24
N ALA B 165 -1.74 -22.61 -21.62
CA ALA B 165 -2.89 -22.26 -22.46
C ALA B 165 -2.78 -22.89 -23.82
N PHE B 166 -1.58 -22.83 -24.40
CA PHE B 166 -1.27 -23.60 -25.60
C PHE B 166 -1.63 -25.08 -25.42
N ASN B 167 -1.10 -25.68 -24.36
CA ASN B 167 -1.30 -27.11 -24.08
C ASN B 167 -2.78 -27.46 -23.91
N GLU B 168 -3.53 -26.59 -23.24
CA GLU B 168 -4.95 -26.77 -23.05
C GLU B 168 -5.70 -26.56 -24.38
N THR B 169 -5.20 -25.63 -25.21
CA THR B 169 -5.77 -25.42 -26.55
C THR B 169 -5.62 -26.71 -27.35
N ILE B 170 -4.41 -27.26 -27.31
CA ILE B 170 -4.08 -28.46 -28.07
C ILE B 170 -4.97 -29.63 -27.65
N LYS B 171 -5.09 -29.86 -26.36
CA LYS B 171 -6.00 -30.88 -25.83
C LYS B 171 -7.40 -30.77 -26.43
N ILE B 172 -7.93 -29.55 -26.55
CA ILE B 172 -9.27 -29.32 -27.12
C ILE B 172 -9.30 -29.71 -28.60
N PHE B 173 -8.24 -29.39 -29.33
CA PHE B 173 -8.12 -29.74 -30.75
C PHE B 173 -7.85 -31.24 -30.99
N GLU B 174 -6.99 -31.85 -30.17
CA GLU B 174 -6.71 -33.31 -30.23
C GLU B 174 -8.01 -34.06 -30.00
N GLU B 175 -8.72 -33.63 -28.96
CA GLU B 175 -10.08 -34.07 -28.68
C GLU B 175 -11.03 -33.88 -29.87
N GLN B 176 -10.84 -32.83 -30.65
CA GLN B 176 -11.69 -32.56 -31.81
C GLN B 176 -11.52 -33.59 -32.93
N CYS B 177 -10.28 -33.89 -33.31
CA CYS B 177 -10.03 -34.92 -34.34
C CYS B 177 -10.38 -36.32 -33.84
N GLN B 178 -10.41 -36.50 -32.52
CA GLN B 178 -11.01 -37.68 -31.91
C GLN B 178 -12.54 -37.61 -32.02
N THR B 179 -13.13 -36.51 -31.57
CA THR B 179 -14.59 -36.32 -31.60
C THR B 179 -15.21 -36.58 -32.97
N GLN B 180 -14.50 -36.20 -34.04
CA GLN B 180 -15.01 -36.41 -35.40
C GLN B 180 -14.87 -37.87 -35.82
N GLU B 181 -13.74 -38.50 -35.50
CA GLU B 181 -13.53 -39.94 -35.80
C GLU B 181 -14.65 -40.85 -35.29
N ARG B 182 -15.30 -40.48 -34.20
CA ARG B 182 -16.50 -41.18 -33.73
C ARG B 182 -17.64 -41.05 -34.73
N TYR B 183 -17.99 -39.81 -35.08
CA TYR B 183 -19.16 -39.53 -35.93
C TYR B 183 -18.92 -39.59 -37.45
N SER B 184 -17.71 -39.22 -37.88
CA SER B 184 -17.32 -39.26 -39.30
C SER B 184 -17.21 -40.69 -39.84
N LYS B 185 -16.66 -41.59 -39.04
CA LYS B 185 -16.58 -43.03 -39.37
C LYS B 185 -17.82 -43.85 -38.96
N GLU B 186 -18.72 -43.25 -38.19
CA GLU B 186 -20.10 -43.73 -38.10
C GLU B 186 -20.84 -43.47 -39.43
N TYR B 187 -20.55 -42.35 -40.09
CA TYR B 187 -21.17 -42.04 -41.39
C TYR B 187 -20.64 -42.87 -42.58
N ILE B 188 -19.38 -43.34 -42.56
CA ILE B 188 -18.84 -44.14 -43.70
C ILE B 188 -19.63 -45.45 -43.83
N GLU B 189 -19.67 -46.22 -42.74
CA GLU B 189 -20.33 -47.55 -42.71
C GLU B 189 -21.87 -47.52 -42.69
N LYS B 190 -22.46 -46.47 -42.11
CA LYS B 190 -23.93 -46.33 -42.05
C LYS B 190 -24.55 -46.04 -43.44
N PHE B 191 -23.72 -45.65 -44.41
CA PHE B 191 -24.12 -45.51 -45.82
C PHE B 191 -23.11 -46.13 -46.79
N LYS B 192 -21.92 -45.53 -46.86
CA LYS B 192 -20.86 -45.84 -47.87
C LYS B 192 -21.20 -45.43 -49.31
N ARG B 193 -22.18 -46.10 -49.94
CA ARG B 193 -22.54 -45.84 -51.35
C ARG B 193 -22.98 -44.41 -51.69
N GLU B 194 -23.91 -43.88 -50.89
CA GLU B 194 -24.51 -42.55 -51.13
C GLU B 194 -23.58 -41.42 -50.71
N GLY B 195 -23.09 -40.68 -51.71
CA GLY B 195 -22.04 -39.69 -51.50
C GLY B 195 -20.79 -40.38 -50.98
N ASN B 196 -20.30 -41.34 -51.75
CA ASN B 196 -19.13 -42.14 -51.36
C ASN B 196 -17.88 -41.27 -51.33
N GLU B 197 -17.40 -40.88 -52.51
CA GLU B 197 -16.24 -39.99 -52.62
C GLU B 197 -16.62 -38.51 -52.47
N LYS B 198 -17.92 -38.24 -52.45
CA LYS B 198 -18.44 -36.87 -52.50
C LYS B 198 -18.55 -36.30 -51.09
N GLU B 199 -19.26 -37.02 -50.22
CA GLU B 199 -19.39 -36.61 -48.82
C GLU B 199 -18.12 -36.90 -48.02
N ILE B 200 -17.45 -38.01 -48.29
CA ILE B 200 -16.22 -38.40 -47.55
C ILE B 200 -15.01 -37.52 -47.90
N GLN B 201 -14.90 -37.07 -49.15
CA GLN B 201 -13.83 -36.12 -49.52
C GLN B 201 -13.96 -34.84 -48.70
N ARG B 202 -15.17 -34.32 -48.61
CA ARG B 202 -15.45 -33.08 -47.87
C ARG B 202 -15.51 -33.27 -46.33
N ILE B 203 -15.55 -34.52 -45.85
CA ILE B 203 -15.25 -34.85 -44.45
C ILE B 203 -13.75 -35.10 -44.25
N MET B 204 -13.09 -35.67 -45.24
CA MET B 204 -11.62 -35.81 -45.26
C MET B 204 -10.93 -34.42 -45.28
N HIS B 205 -11.53 -33.46 -45.97
CA HIS B 205 -10.98 -32.09 -46.08
C HIS B 205 -10.91 -31.38 -44.74
N ASN B 206 -12.02 -31.45 -44.00
CA ASN B 206 -12.08 -30.95 -42.64
C ASN B 206 -11.01 -31.59 -41.74
N TYR B 207 -10.89 -32.93 -41.81
CA TYR B 207 -9.95 -33.67 -40.97
C TYR B 207 -8.51 -33.28 -41.22
N ASP B 208 -8.15 -33.13 -42.49
CA ASP B 208 -6.78 -32.73 -42.85
C ASP B 208 -6.50 -31.25 -42.52
N LYS B 209 -7.53 -30.41 -42.49
CA LYS B 209 -7.40 -29.04 -41.93
C LYS B 209 -7.13 -29.10 -40.44
N LEU B 210 -7.98 -29.85 -39.75
CA LEU B 210 -7.94 -29.99 -38.29
C LEU B 210 -6.57 -30.48 -37.78
N LYS B 211 -5.99 -31.49 -38.42
CA LYS B 211 -4.69 -32.04 -37.97
C LYS B 211 -3.50 -31.16 -38.30
N SER B 212 -3.51 -30.48 -39.44
CA SER B 212 -2.43 -29.55 -39.80
C SER B 212 -2.45 -28.32 -38.89
N ARG B 213 -3.66 -27.96 -38.43
CA ARG B 213 -3.87 -26.88 -37.45
C ARG B 213 -3.24 -27.26 -36.10
N ILE B 214 -3.53 -28.47 -35.61
CA ILE B 214 -2.83 -29.02 -34.43
C ILE B 214 -1.31 -28.95 -34.63
N SER B 215 -0.86 -29.26 -35.84
CA SER B 215 0.56 -29.23 -36.19
C SER B 215 1.12 -27.81 -36.10
N GLU B 216 0.36 -26.83 -36.56
CA GLU B 216 0.76 -25.42 -36.41
C GLU B 216 0.80 -24.97 -34.96
N ILE B 217 -0.16 -25.44 -34.14
CA ILE B 217 -0.27 -25.05 -32.72
C ILE B 217 0.90 -25.61 -31.91
N ILE B 218 1.16 -26.91 -32.08
CA ILE B 218 2.29 -27.56 -31.43
C ILE B 218 3.59 -26.87 -31.79
N ASP B 219 3.76 -26.52 -33.06
CA ASP B 219 4.96 -25.78 -33.49
C ASP B 219 5.04 -24.38 -32.87
N SER B 220 3.89 -23.77 -32.60
CA SER B 220 3.85 -22.48 -31.91
C SER B 220 4.26 -22.59 -30.44
N ARG B 221 3.81 -23.64 -29.75
CA ARG B 221 4.17 -23.84 -28.35
C ARG B 221 5.68 -24.06 -28.19
N ARG B 222 6.20 -25.00 -28.98
CA ARG B 222 7.63 -25.28 -29.12
C ARG B 222 8.44 -23.98 -29.22
N ARG B 223 8.06 -23.15 -30.19
CA ARG B 223 8.78 -21.92 -30.51
C ARG B 223 8.84 -20.92 -29.36
N LEU B 224 7.84 -21.00 -28.47
CA LEU B 224 7.79 -20.21 -27.23
C LEU B 224 8.73 -20.79 -26.18
N GLU B 225 8.75 -22.12 -26.07
CA GLU B 225 9.62 -22.84 -25.11
C GLU B 225 11.12 -22.57 -25.32
N GLU B 226 11.55 -22.54 -26.58
CA GLU B 226 12.92 -22.13 -26.92
C GLU B 226 13.19 -20.66 -26.55
N ASP B 227 12.20 -19.78 -26.71
CA ASP B 227 12.30 -18.39 -26.23
C ASP B 227 12.30 -18.26 -24.70
N LEU B 228 11.65 -19.20 -24.02
CA LEU B 228 11.56 -19.24 -22.56
C LEU B 228 12.89 -19.60 -21.89
N LYS B 229 13.61 -20.55 -22.48
CA LYS B 229 14.97 -20.89 -22.03
C LYS B 229 15.96 -19.72 -22.24
N LYS B 230 15.89 -19.08 -23.41
CA LYS B 230 16.69 -17.88 -23.71
C LYS B 230 16.35 -16.70 -22.80
N GLN B 231 15.09 -16.64 -22.38
CA GLN B 231 14.65 -15.69 -21.36
C GLN B 231 15.22 -16.04 -20.00
N ALA B 232 14.96 -17.28 -19.58
CA ALA B 232 15.49 -17.82 -18.34
C ALA B 232 17.02 -17.75 -18.27
N ALA B 233 17.66 -17.89 -19.43
CA ALA B 233 19.11 -17.66 -19.59
C ALA B 233 19.52 -16.23 -19.23
N GLU B 234 18.92 -15.26 -19.93
CA GLU B 234 19.16 -13.82 -19.66
C GLU B 234 18.88 -13.43 -18.21
N TYR B 235 17.81 -14.02 -17.66
CA TYR B 235 17.40 -13.82 -16.26
C TYR B 235 18.51 -14.15 -15.26
N ARG B 236 19.20 -15.29 -15.50
CA ARG B 236 20.37 -15.71 -14.71
C ARG B 236 21.49 -14.68 -14.81
N GLU B 237 21.79 -14.28 -16.04
CA GLU B 237 22.84 -13.32 -16.32
C GLU B 237 22.60 -11.96 -15.64
N ILE B 238 21.34 -11.55 -15.59
CA ILE B 238 20.96 -10.30 -14.90
C ILE B 238 21.26 -10.45 -13.40
N ASP B 239 20.81 -11.57 -12.81
CA ASP B 239 20.99 -11.85 -11.39
C ASP B 239 22.46 -11.93 -11.03
N LYS B 240 23.20 -12.70 -11.83
CA LYS B 240 24.66 -12.80 -11.77
C LYS B 240 25.33 -11.42 -11.65
N ARG B 241 24.98 -10.53 -12.57
CA ARG B 241 25.55 -9.18 -12.64
C ARG B 241 25.07 -8.23 -11.54
N MET B 242 23.83 -8.43 -11.07
CA MET B 242 23.34 -7.71 -9.90
C MET B 242 24.24 -8.04 -8.72
N ASN B 243 24.45 -9.35 -8.51
CA ASN B 243 25.26 -9.87 -7.41
C ASN B 243 26.73 -9.44 -7.43
N SER B 244 27.24 -9.12 -8.62
CA SER B 244 28.60 -8.59 -8.76
C SER B 244 28.67 -7.08 -8.61
N ILE B 245 27.60 -6.38 -8.96
CA ILE B 245 27.51 -4.93 -8.71
C ILE B 245 27.31 -4.61 -7.22
N LYS B 246 26.52 -5.43 -6.53
CA LYS B 246 26.18 -5.22 -5.09
C LYS B 246 27.36 -4.94 -4.11
N PRO B 247 28.43 -5.79 -4.11
CA PRO B 247 29.54 -5.60 -3.15
C PRO B 247 30.40 -4.38 -3.44
N ASP B 248 30.56 -4.07 -4.72
CA ASP B 248 31.21 -2.83 -5.17
C ASP B 248 30.44 -1.62 -4.70
N LEU B 249 29.13 -1.66 -4.93
CA LEU B 249 28.20 -0.61 -4.48
C LEU B 249 28.26 -0.34 -2.96
N ILE B 250 28.57 -1.36 -2.16
CA ILE B 250 28.78 -1.18 -0.71
C ILE B 250 30.10 -0.46 -0.44
N GLN B 251 31.21 -1.05 -0.87
CA GLN B 251 32.53 -0.51 -0.59
C GLN B 251 32.72 0.90 -1.16
N LEU B 252 32.14 1.17 -2.32
CA LEU B 252 32.09 2.54 -2.88
C LEU B 252 31.30 3.48 -1.98
N ARG B 253 30.16 3.01 -1.48
CA ARG B 253 29.37 3.77 -0.53
C ARG B 253 30.12 3.97 0.78
N LYS B 254 30.81 2.93 1.22
CA LYS B 254 31.52 2.96 2.50
C LYS B 254 32.75 3.86 2.47
N THR B 255 33.47 3.90 1.34
CA THR B 255 34.59 4.84 1.18
C THR B 255 34.09 6.29 1.17
N ARG B 256 32.97 6.53 0.49
CA ARG B 256 32.32 7.85 0.44
C ARG B 256 31.89 8.37 1.82
N ASP B 257 31.49 7.46 2.71
CA ASP B 257 31.16 7.85 4.09
C ASP B 257 32.41 8.28 4.85
N GLN B 258 33.50 7.56 4.66
CA GLN B 258 34.75 7.82 5.37
C GLN B 258 35.47 9.09 4.91
N TYR B 259 35.46 9.35 3.60
CA TYR B 259 35.95 10.64 3.05
C TYR B 259 35.13 11.83 3.57
N LEU B 260 33.82 11.65 3.65
CA LEU B 260 32.91 12.70 4.11
C LEU B 260 32.97 12.95 5.62
N MET B 261 33.39 11.92 6.38
CA MET B 261 33.68 12.08 7.82
C MET B 261 34.97 12.87 8.02
N TRP B 262 36.04 12.39 7.37
CA TRP B 262 37.38 13.00 7.46
C TRP B 262 37.40 14.49 7.10
N LEU B 263 36.53 14.91 6.18
CA LEU B 263 36.32 16.33 5.91
C LEU B 263 35.75 17.04 7.15
N THR B 264 34.54 16.64 7.55
CA THR B 264 33.84 17.32 8.63
C THR B 264 34.53 17.07 9.98
N LYS B 271 27.30 21.88 3.77
CA LYS B 271 27.08 23.19 3.19
C LYS B 271 27.84 23.43 1.89
N LYS B 272 29.15 23.66 2.00
CA LYS B 272 30.00 23.90 0.82
C LYS B 272 29.99 22.68 -0.10
N LEU B 273 30.06 21.53 0.57
CA LEU B 273 30.01 20.19 0.01
C LEU B 273 28.99 20.02 -1.09
N ASN B 274 27.72 20.36 -0.83
CA ASN B 274 26.64 20.16 -1.83
C ASN B 274 27.05 20.36 -3.30
N GLU B 275 28.12 21.14 -3.54
CA GLU B 275 28.77 21.24 -4.86
C GLU B 275 29.45 19.92 -5.29
N TRP B 276 30.21 19.32 -4.37
CA TRP B 276 30.87 18.01 -4.59
C TRP B 276 29.95 16.80 -4.60
N LEU B 277 28.67 16.96 -4.26
CA LEU B 277 27.72 15.87 -4.18
C LEU B 277 26.57 16.10 -5.14
NAF AX7 C . -10.90 8.90 -0.21
CAI AX7 C . -9.92 8.24 -0.87
CAD AX7 C . -9.49 8.25 -2.19
CAB AX7 C . -8.42 7.45 -2.55
CAC AX7 C . -7.76 6.63 -1.63
CAE AX7 C . -8.14 6.59 -0.28
CAJ AX7 C . -9.21 7.37 0.13
NAG AX7 C . -9.82 7.57 1.32
CAH AX7 C . -10.79 8.46 1.06
NAA AX7 C . -11.64 8.91 2.03
C1 CAQ D . 13.18 -1.65 17.58
C2 CAQ D . 14.01 -2.78 17.65
C3 CAQ D . 15.25 -2.77 16.99
O3 CAQ D . 16.07 -3.86 17.05
C4 CAQ D . 15.66 -1.65 16.27
O4 CAQ D . 16.97 -1.55 15.91
C5 CAQ D . 14.83 -0.53 16.22
C6 CAQ D . 13.60 -0.53 16.87
#